data_2CHV
#
_entry.id   2CHV
#
_cell.length_a   123.907
_cell.length_b   134.225
_cell.length_c   146.414
_cell.angle_alpha   90.00
_cell.angle_beta   90.00
_cell.angle_gamma   90.00
#
_symmetry.space_group_name_H-M   'P 21 21 21'
#
_entity_poly.entity_id   1
_entity_poly.type   'polypeptide(L)'
_entity_poly.pdbx_seq_one_letter_code
;MENFEIWVEKYRPRTLDEVVGQDEVIQRLKGYVERKNIPHLLFSGPPGTGKTATAIALARDLFGENWRDNFIEMNASDER
GIDVVRHKIKEFARTAPIGGAPFKIIFLDEADALTADAQAALRRTMEMYSKSCRFILSCNYVSRIIEPIQSRCAVFRFKP
VPKEAMKKRLLEICEKEGVKITEDGLEALIYISGGDFRKAINALQGAAAIGEVVDADTIYQITATARPEEMTELIQTALK
GNFMEARELLDRLMVEYGMSGEDIVAQLFREIISMPIKDSLKVQLIDKLGEVDFRLTEGANERIQLDAYLAYLSTLAKK
;
_entity_poly.pdbx_strand_id   A,B,C,D,E,F
#
# COMPACT_ATOMS: atom_id res chain seq x y z
N ILE A 6 47.89 0.32 -6.60
CA ILE A 6 46.59 0.46 -5.83
C ILE A 6 46.75 0.90 -4.34
N TRP A 7 47.17 2.15 -4.17
CA TRP A 7 47.60 2.73 -2.91
C TRP A 7 46.84 2.32 -1.63
N VAL A 8 45.53 2.15 -1.72
CA VAL A 8 44.71 1.89 -0.53
C VAL A 8 45.01 0.52 0.09
N GLU A 9 45.80 -0.31 -0.58
CA GLU A 9 46.23 -1.59 0.01
C GLU A 9 47.73 -1.57 0.35
N LYS A 10 48.53 -1.08 -0.60
CA LYS A 10 49.96 -0.85 -0.42
C LYS A 10 50.28 -0.03 0.86
N TYR A 11 49.25 0.57 1.47
CA TYR A 11 49.43 1.38 2.69
C TYR A 11 48.44 0.96 3.79
N ARG A 12 47.87 -0.22 3.59
CA ARG A 12 47.09 -0.91 4.62
C ARG A 12 47.96 -0.97 5.87
N PRO A 13 47.49 -0.33 6.97
CA PRO A 13 48.31 -0.34 8.18
C PRO A 13 48.73 -1.77 8.57
N ARG A 14 49.93 -1.88 9.14
CA ARG A 14 50.54 -3.20 9.43
C ARG A 14 50.53 -3.52 10.93
N THR A 15 50.57 -2.49 11.77
CA THR A 15 50.48 -2.63 13.23
C THR A 15 49.41 -1.65 13.72
N LEU A 16 48.74 -1.98 14.84
CA LEU A 16 47.77 -1.06 15.44
C LEU A 16 48.28 0.40 15.54
N ASP A 17 49.56 0.57 15.88
CA ASP A 17 50.28 1.87 15.90
C ASP A 17 50.13 2.68 14.60
N GLU A 18 49.94 1.99 13.48
CA GLU A 18 49.87 2.62 12.15
C GLU A 18 48.46 3.02 11.68
N VAL A 19 47.44 2.64 12.44
CA VAL A 19 46.08 3.09 12.16
C VAL A 19 45.87 4.43 12.85
N VAL A 20 45.67 5.48 12.06
CA VAL A 20 45.68 6.84 12.58
C VAL A 20 44.26 7.34 12.85
N GLY A 21 44.14 8.43 13.64
CA GLY A 21 42.87 9.09 13.90
C GLY A 21 41.96 8.42 14.92
N GLN A 22 42.29 7.20 15.29
CA GLN A 22 41.42 6.40 16.13
C GLN A 22 42.06 6.03 17.46
N ASP A 23 42.88 6.93 18.01
CA ASP A 23 43.51 6.73 19.31
C ASP A 23 42.52 6.12 20.30
N GLU A 24 41.40 6.81 20.46
CA GLU A 24 40.26 6.37 21.26
C GLU A 24 40.07 4.84 21.29
N VAL A 25 40.03 4.23 20.11
CA VAL A 25 39.85 2.79 19.98
C VAL A 25 41.17 2.02 20.18
N ILE A 26 42.20 2.42 19.45
CA ILE A 26 43.47 1.68 19.43
C ILE A 26 44.23 1.70 20.76
N GLN A 27 44.29 2.85 21.42
CA GLN A 27 44.93 2.96 22.75
C GLN A 27 44.50 1.84 23.68
N ARG A 28 43.22 1.51 23.66
CA ARG A 28 42.71 0.42 24.49
C ARG A 28 42.64 -0.93 23.76
N LEU A 29 42.71 -0.91 22.43
CA LEU A 29 42.76 -2.12 21.63
C LEU A 29 44.16 -2.72 21.69
N LYS A 30 45.14 -1.88 22.04
CA LYS A 30 46.51 -2.32 22.31
C LYS A 30 46.56 -3.15 23.58
N GLY A 31 45.77 -2.75 24.58
CA GLY A 31 45.69 -3.46 25.86
C GLY A 31 45.07 -4.85 25.75
N TYR A 32 44.90 -5.30 24.50
CA TYR A 32 44.43 -6.64 24.22
C TYR A 32 45.52 -7.48 23.55
N VAL A 33 46.67 -6.86 23.26
CA VAL A 33 47.81 -7.58 22.66
C VAL A 33 48.88 -7.95 23.68
N GLU A 34 48.96 -7.18 24.77
CA GLU A 34 49.87 -7.47 25.88
C GLU A 34 49.39 -8.69 26.65
N ARG A 35 48.08 -8.81 26.81
CA ARG A 35 47.46 -9.90 27.56
C ARG A 35 47.09 -11.07 26.66
N LYS A 36 47.01 -10.82 25.36
CA LYS A 36 46.53 -11.79 24.37
C LYS A 36 45.10 -12.28 24.66
N ASN A 37 44.21 -11.30 24.86
CA ASN A 37 42.77 -11.53 24.98
C ASN A 37 42.05 -10.81 23.85
N ILE A 38 41.04 -11.46 23.29
CA ILE A 38 40.10 -10.82 22.37
C ILE A 38 38.73 -11.39 22.64
N PRO A 39 37.86 -10.61 23.30
CA PRO A 39 36.48 -11.04 23.30
C PRO A 39 35.90 -10.55 21.99
N HIS A 40 34.96 -11.30 21.41
CA HIS A 40 34.38 -10.90 20.14
C HIS A 40 34.27 -9.37 20.01
N LEU A 41 34.97 -8.82 19.03
CA LEU A 41 35.02 -7.39 18.81
C LEU A 41 33.85 -6.90 17.97
N LEU A 42 33.31 -5.76 18.34
CA LEU A 42 32.32 -5.09 17.51
C LEU A 42 32.87 -3.74 17.08
N PHE A 43 33.03 -3.59 15.77
CA PHE A 43 33.58 -2.38 15.21
C PHE A 43 32.44 -1.62 14.59
N SER A 44 32.17 -0.43 15.13
CA SER A 44 31.16 0.41 14.55
C SER A 44 31.79 1.68 14.00
N GLY A 45 31.25 2.17 12.89
CA GLY A 45 31.68 3.46 12.35
C GLY A 45 31.37 3.63 10.88
N PRO A 46 31.51 4.87 10.38
CA PRO A 46 31.35 5.21 8.99
C PRO A 46 32.27 4.36 8.13
N PRO A 47 32.04 4.30 6.80
CA PRO A 47 32.91 3.47 6.01
C PRO A 47 34.20 4.24 5.68
N GLY A 48 35.30 3.50 5.57
CA GLY A 48 36.57 4.08 5.17
C GLY A 48 37.25 4.80 6.30
N THR A 49 37.13 4.24 7.50
CA THR A 49 37.71 4.85 8.69
C THR A 49 38.66 3.94 9.42
N GLY A 50 38.59 2.64 9.11
CA GLY A 50 39.64 1.73 9.54
C GLY A 50 39.20 0.49 10.26
N LYS A 51 37.91 0.18 10.18
CA LYS A 51 37.41 -1.03 10.80
C LYS A 51 38.16 -2.26 10.28
N THR A 52 38.17 -2.47 8.97
CA THR A 52 38.88 -3.60 8.39
C THR A 52 40.39 -3.50 8.65
N ALA A 53 40.92 -2.28 8.57
CA ALA A 53 42.36 -2.06 8.72
C ALA A 53 42.84 -2.52 10.07
N THR A 54 42.20 -2.05 11.13
CA THR A 54 42.66 -2.38 12.48
C THR A 54 42.37 -3.85 12.79
N ALA A 55 41.31 -4.38 12.20
CA ALA A 55 40.98 -5.78 12.38
C ALA A 55 41.97 -6.68 11.63
N ILE A 56 42.68 -6.09 10.68
CA ILE A 56 43.85 -6.76 10.10
C ILE A 56 45.04 -6.55 11.03
N ALA A 57 45.36 -5.29 11.29
CA ALA A 57 46.50 -4.92 12.12
C ALA A 57 46.39 -5.42 13.56
N LEU A 58 45.20 -5.87 13.93
CA LEU A 58 44.97 -6.50 15.23
C LEU A 58 45.33 -7.97 15.14
N ALA A 59 44.96 -8.60 14.03
CA ALA A 59 45.33 -9.99 13.78
C ALA A 59 46.80 -10.09 13.42
N ARG A 60 47.36 -9.00 12.92
CA ARG A 60 48.76 -8.97 12.50
C ARG A 60 49.70 -8.80 13.68
N ASP A 61 49.25 -8.09 14.71
CA ASP A 61 50.07 -7.84 15.90
C ASP A 61 50.04 -8.98 16.90
N LEU A 62 49.18 -9.97 16.65
CA LEU A 62 49.01 -11.09 17.58
C LEU A 62 49.55 -12.42 17.04
N PHE A 63 49.70 -12.51 15.72
CA PHE A 63 50.22 -13.73 15.09
C PHE A 63 51.62 -13.54 14.51
N GLY A 64 52.03 -12.29 14.36
CA GLY A 64 53.37 -11.97 13.87
C GLY A 64 53.50 -12.09 12.36
N GLU A 65 53.81 -13.29 11.89
CA GLU A 65 54.06 -13.55 10.48
C GLU A 65 52.98 -14.46 9.87
N ASN A 66 52.25 -15.16 10.72
CA ASN A 66 51.33 -16.20 10.26
C ASN A 66 49.84 -15.85 10.42
N TRP A 67 49.48 -14.61 10.11
CA TRP A 67 48.07 -14.20 10.19
C TRP A 67 47.25 -14.69 9.00
N ARG A 68 47.76 -14.46 7.78
CA ARG A 68 47.04 -14.80 6.55
C ARG A 68 46.42 -16.21 6.57
N ASP A 69 47.14 -17.16 7.15
CA ASP A 69 46.70 -18.56 7.23
C ASP A 69 45.41 -18.72 8.05
N ASN A 70 45.30 -17.92 9.11
CA ASN A 70 44.20 -18.07 10.06
C ASN A 70 43.04 -17.12 9.78
N PHE A 71 43.28 -15.83 9.98
CA PHE A 71 42.30 -14.77 9.77
C PHE A 71 41.70 -14.81 8.37
N ILE A 72 40.39 -14.68 8.29
CA ILE A 72 39.70 -14.55 7.00
C ILE A 72 38.57 -13.54 7.07
N GLU A 73 38.51 -12.68 6.06
CA GLU A 73 37.48 -11.65 5.93
C GLU A 73 36.41 -12.12 4.95
N MET A 74 35.14 -11.95 5.34
CA MET A 74 34.03 -12.26 4.46
C MET A 74 32.83 -11.35 4.72
N ASN A 75 32.15 -10.98 3.64
CA ASN A 75 30.99 -10.12 3.69
C ASN A 75 29.79 -10.88 4.23
N ALA A 76 29.18 -10.32 5.27
CA ALA A 76 28.11 -11.00 6.00
C ALA A 76 26.71 -10.79 5.43
N SER A 77 26.59 -9.98 4.37
CA SER A 77 25.27 -9.68 3.81
C SER A 77 24.84 -10.63 2.68
N ASP A 78 25.79 -11.40 2.13
CA ASP A 78 25.49 -12.43 1.14
C ASP A 78 24.79 -13.61 1.81
N GLU A 79 23.45 -13.53 1.89
CA GLU A 79 22.60 -14.30 2.83
C GLU A 79 22.67 -15.85 2.90
N ARG A 80 23.21 -16.50 1.86
CA ARG A 80 23.24 -17.96 1.80
C ARG A 80 24.61 -18.57 2.15
N GLY A 81 25.54 -17.73 2.60
CA GLY A 81 26.92 -18.13 2.83
C GLY A 81 27.41 -18.17 4.27
N ILE A 82 26.56 -17.72 5.20
CA ILE A 82 26.85 -17.88 6.64
C ILE A 82 26.96 -19.37 6.95
N ASP A 83 26.07 -20.15 6.33
CA ASP A 83 25.95 -21.57 6.57
C ASP A 83 26.89 -22.40 5.68
N VAL A 84 27.32 -21.82 4.56
CA VAL A 84 28.28 -22.49 3.68
C VAL A 84 29.73 -22.26 4.13
N VAL A 85 29.95 -21.17 4.88
CA VAL A 85 31.25 -20.92 5.51
C VAL A 85 31.14 -21.20 7.02
N ARG A 86 30.80 -22.45 7.30
CA ARG A 86 30.82 -23.01 8.65
C ARG A 86 31.84 -24.14 8.73
N HIS A 87 32.19 -24.72 7.59
CA HIS A 87 33.25 -25.73 7.51
C HIS A 87 34.63 -25.08 7.61
N LYS A 88 34.67 -23.77 7.34
CA LYS A 88 35.85 -22.95 7.63
C LYS A 88 35.89 -22.64 9.13
N ILE A 89 34.76 -22.83 9.82
CA ILE A 89 34.68 -22.61 11.26
C ILE A 89 35.20 -23.81 12.05
N LYS A 90 35.09 -25.01 11.47
CA LYS A 90 35.48 -26.26 12.16
C LYS A 90 36.93 -26.71 11.95
N GLU A 91 37.47 -26.45 10.76
CA GLU A 91 38.90 -26.66 10.47
C GLU A 91 39.74 -25.60 11.20
N PHE A 92 39.15 -24.42 11.33
CA PHE A 92 39.79 -23.24 11.92
C PHE A 92 39.78 -23.26 13.46
N ALA A 93 38.82 -23.98 14.04
CA ALA A 93 38.70 -24.11 15.50
C ALA A 93 39.43 -25.33 16.05
N ARG A 94 39.68 -26.32 15.21
CA ARG A 94 40.42 -27.52 15.59
C ARG A 94 41.93 -27.30 15.48
N THR A 95 42.34 -26.38 14.60
CA THR A 95 43.76 -26.01 14.48
C THR A 95 44.14 -24.96 15.52
N ALA A 96 45.07 -25.34 16.40
CA ALA A 96 45.60 -24.44 17.41
C ALA A 96 46.62 -23.48 16.77
N PRO A 97 46.56 -22.19 17.15
CA PRO A 97 47.46 -21.20 16.57
C PRO A 97 48.91 -21.67 16.60
N ILE A 98 49.45 -21.94 15.42
CA ILE A 98 50.78 -22.51 15.27
C ILE A 98 51.84 -21.49 15.70
N GLY A 99 52.47 -21.76 16.85
CA GLY A 99 53.49 -20.88 17.42
C GLY A 99 53.53 -20.86 18.94
N GLY A 100 52.59 -20.11 19.53
CA GLY A 100 52.48 -20.00 20.99
C GLY A 100 51.32 -19.12 21.45
N ALA A 101 50.25 -19.10 20.66
CA ALA A 101 49.05 -18.32 20.97
C ALA A 101 47.82 -19.24 21.14
N PRO A 102 46.85 -18.84 21.98
CA PRO A 102 45.65 -19.65 22.23
C PRO A 102 44.50 -19.55 21.19
N PHE A 103 44.28 -18.36 20.64
CA PHE A 103 43.00 -18.06 19.95
C PHE A 103 43.12 -17.65 18.47
N LYS A 104 41.98 -17.61 17.78
CA LYS A 104 41.94 -17.35 16.33
C LYS A 104 40.75 -16.46 15.90
N ILE A 105 40.90 -15.74 14.79
CA ILE A 105 39.99 -14.64 14.41
C ILE A 105 39.25 -14.77 13.06
N ILE A 106 38.00 -14.32 13.04
CA ILE A 106 37.18 -14.20 11.83
C ILE A 106 36.52 -12.82 11.74
N PHE A 107 36.73 -12.11 10.65
CA PHE A 107 36.18 -10.76 10.45
C PHE A 107 34.91 -10.83 9.60
N LEU A 108 33.92 -10.04 10.00
CA LEU A 108 32.62 -10.10 9.37
C LEU A 108 32.12 -8.70 9.00
N ASP A 109 32.43 -8.28 7.78
CA ASP A 109 32.03 -6.96 7.27
C ASP A 109 30.53 -6.92 7.04
N GLU A 110 29.94 -5.73 7.16
CA GLU A 110 28.52 -5.49 6.82
C GLU A 110 27.54 -6.31 7.67
N ALA A 111 27.92 -6.59 8.91
CA ALA A 111 27.05 -7.35 9.83
C ALA A 111 25.67 -6.74 9.97
N ASP A 112 25.61 -5.41 10.02
CA ASP A 112 24.35 -4.69 10.20
C ASP A 112 23.46 -4.67 8.94
N ALA A 113 23.42 -5.78 8.22
CA ALA A 113 22.54 -5.91 7.06
C ALA A 113 21.58 -7.07 7.23
N LEU A 114 21.83 -7.90 8.25
CA LEU A 114 21.06 -9.11 8.48
C LEU A 114 19.86 -8.90 9.41
N THR A 115 18.76 -9.59 9.12
CA THR A 115 17.60 -9.58 10.00
C THR A 115 17.85 -10.53 11.18
N ALA A 116 17.10 -10.34 12.27
CA ALA A 116 17.31 -11.03 13.55
C ALA A 116 17.90 -12.45 13.50
N ASP A 117 17.43 -13.24 12.54
CA ASP A 117 17.69 -14.68 12.48
C ASP A 117 19.16 -15.09 12.39
N ALA A 118 19.79 -14.77 11.26
CA ALA A 118 21.17 -15.21 10.97
C ALA A 118 22.15 -14.82 12.08
N GLN A 119 21.82 -13.74 12.77
CA GLN A 119 22.64 -13.20 13.85
C GLN A 119 22.85 -14.20 14.99
N ALA A 120 21.80 -14.96 15.31
CA ALA A 120 21.88 -15.98 16.35
C ALA A 120 22.97 -17.02 16.11
N ALA A 121 23.06 -17.52 14.87
CA ALA A 121 23.97 -18.62 14.51
C ALA A 121 25.42 -18.41 14.92
N LEU A 122 25.76 -17.15 15.23
CA LEU A 122 27.06 -16.77 15.76
C LEU A 122 27.30 -17.42 17.12
N ARG A 123 26.26 -17.42 17.94
CA ARG A 123 26.33 -17.75 19.37
C ARG A 123 26.77 -19.18 19.69
N ARG A 124 26.42 -20.14 18.83
CA ARG A 124 26.75 -21.56 19.05
C ARG A 124 28.16 -21.90 18.57
N THR A 125 28.97 -20.86 18.45
CA THR A 125 30.37 -20.94 18.08
C THR A 125 31.12 -19.92 18.94
N MET A 126 30.38 -19.18 19.77
CA MET A 126 30.96 -18.24 20.73
C MET A 126 31.27 -18.94 22.06
N GLU A 127 30.25 -19.56 22.67
CA GLU A 127 30.43 -20.32 23.91
C GLU A 127 31.14 -21.67 23.69
N MET A 128 31.08 -22.17 22.45
CA MET A 128 31.81 -23.38 22.10
C MET A 128 33.21 -23.05 21.57
N TYR A 129 33.36 -21.87 20.96
CA TYR A 129 34.67 -21.38 20.56
C TYR A 129 34.96 -19.97 21.08
N SER A 130 35.34 -19.88 22.35
CA SER A 130 35.98 -18.69 22.92
C SER A 130 37.33 -19.12 23.49
N LYS A 131 37.59 -20.42 23.43
CA LYS A 131 38.88 -21.01 23.74
C LYS A 131 39.57 -21.44 22.44
N SER A 132 39.05 -20.96 21.30
CA SER A 132 39.63 -21.22 19.98
C SER A 132 39.29 -20.15 18.92
N CYS A 133 37.99 -19.84 18.78
CA CYS A 133 37.51 -18.85 17.79
C CYS A 133 37.19 -17.48 18.38
N ARG A 134 37.19 -16.47 17.52
CA ARG A 134 36.82 -15.11 17.87
C ARG A 134 36.33 -14.33 16.66
N PHE A 135 35.29 -13.51 16.85
CA PHE A 135 34.70 -12.74 15.77
C PHE A 135 34.95 -11.25 15.91
N ILE A 136 35.21 -10.58 14.79
CA ILE A 136 35.19 -9.13 14.76
C ILE A 136 34.10 -8.69 13.80
N LEU A 137 33.15 -7.94 14.33
CA LEU A 137 31.96 -7.52 13.57
C LEU A 137 31.99 -6.04 13.19
N SER A 138 32.08 -5.78 11.90
CA SER A 138 32.04 -4.42 11.40
C SER A 138 30.60 -4.09 11.09
N CYS A 139 30.18 -2.88 11.48
CA CYS A 139 28.84 -2.39 11.20
C CYS A 139 28.88 -0.87 11.15
N ASN A 140 27.94 -0.31 10.39
CA ASN A 140 27.83 1.12 10.24
C ASN A 140 27.40 1.77 11.56
N TYR A 141 26.40 1.19 12.20
CA TYR A 141 25.92 1.65 13.51
C TYR A 141 25.67 0.51 14.47
N VAL A 142 26.07 0.70 15.73
CA VAL A 142 25.86 -0.31 16.77
C VAL A 142 24.37 -0.58 16.99
N SER A 143 23.57 0.48 16.98
CA SER A 143 22.12 0.37 17.14
C SER A 143 21.48 -0.71 16.28
N ARG A 144 22.12 -1.05 15.15
CA ARG A 144 21.53 -1.94 14.16
C ARG A 144 21.90 -3.41 14.35
N ILE A 145 22.58 -3.73 15.45
CA ILE A 145 22.90 -5.12 15.78
C ILE A 145 22.14 -5.53 17.03
N ILE A 146 21.21 -6.49 16.87
CA ILE A 146 20.36 -6.94 17.96
C ILE A 146 21.17 -7.22 19.21
N GLU A 147 20.56 -6.93 20.36
CA GLU A 147 21.27 -6.93 21.63
C GLU A 147 22.02 -8.23 21.98
N PRO A 148 21.35 -9.40 21.83
CA PRO A 148 22.03 -10.67 22.16
C PRO A 148 23.45 -10.85 21.60
N ILE A 149 23.91 -9.95 20.73
CA ILE A 149 25.29 -10.00 20.22
C ILE A 149 26.18 -8.94 20.86
N GLN A 150 25.70 -7.69 20.90
CA GLN A 150 26.38 -6.63 21.65
C GLN A 150 26.71 -7.16 23.04
N SER A 151 25.81 -8.00 23.53
CA SER A 151 25.92 -8.69 24.80
C SER A 151 27.28 -9.36 24.95
N ARG A 152 27.69 -10.08 23.91
CA ARG A 152 28.93 -10.83 23.94
C ARG A 152 30.10 -10.14 23.23
N CYS A 153 29.99 -8.81 23.08
CA CYS A 153 31.00 -8.07 22.33
C CYS A 153 31.59 -6.91 23.08
N ALA A 154 32.91 -6.77 22.97
CA ALA A 154 33.56 -5.51 23.34
C ALA A 154 33.42 -4.57 22.14
N VAL A 155 32.82 -3.41 22.37
CA VAL A 155 32.43 -2.50 21.29
C VAL A 155 33.42 -1.37 21.05
N PHE A 156 33.59 -1.00 19.78
CA PHE A 156 34.49 0.09 19.38
C PHE A 156 33.88 1.00 18.32
N ARG A 157 33.66 2.26 18.67
CA ARG A 157 33.05 3.20 17.74
C ARG A 157 34.13 4.00 17.02
N PHE A 158 34.36 3.66 15.76
CA PHE A 158 35.25 4.40 14.88
C PHE A 158 34.61 5.73 14.49
N LYS A 159 35.37 6.80 14.72
CA LYS A 159 34.92 8.13 14.37
C LYS A 159 35.50 8.44 12.99
N PRO A 160 34.87 9.34 12.24
CA PRO A 160 35.46 9.71 10.96
C PRO A 160 36.87 10.34 11.13
N VAL A 161 37.97 9.68 10.70
CA VAL A 161 39.39 10.19 10.79
C VAL A 161 39.54 11.73 10.73
N PRO A 162 40.52 12.03 10.47
CA PRO A 162 40.45 13.50 10.47
C PRO A 162 41.27 14.09 9.33
N LYS A 163 41.37 15.41 9.28
CA LYS A 163 42.03 16.08 8.18
C LYS A 163 43.53 15.77 8.14
N GLU A 164 44.28 16.24 9.15
CA GLU A 164 45.75 16.26 9.10
C GLU A 164 46.36 14.88 9.08
N ALA A 165 45.72 13.94 9.77
CA ALA A 165 46.21 12.57 9.82
C ALA A 165 46.16 11.88 8.47
N MET A 166 45.09 12.13 7.72
CA MET A 166 44.94 11.61 6.36
C MET A 166 45.83 12.37 5.39
N LYS A 167 45.72 13.70 5.42
CA LYS A 167 46.55 14.57 4.59
C LYS A 167 48.01 14.15 4.68
N LYS A 168 48.49 13.85 5.89
CA LYS A 168 49.86 13.34 6.04
C LYS A 168 50.04 12.04 5.26
N ARG A 169 49.22 11.03 5.58
CA ARG A 169 49.34 9.72 4.93
C ARG A 169 49.23 9.84 3.41
N LEU A 170 48.38 10.74 2.95
CA LEU A 170 48.24 10.95 1.50
C LEU A 170 49.55 11.41 0.91
N LEU A 171 50.20 12.36 1.56
CA LEU A 171 51.49 12.85 1.10
C LEU A 171 52.54 11.74 1.03
N GLU A 172 52.60 10.90 2.06
CA GLU A 172 53.54 9.79 2.10
C GLU A 172 53.28 8.82 0.93
N ILE A 173 52.01 8.55 0.63
CA ILE A 173 51.68 7.72 -0.54
C ILE A 173 52.22 8.38 -1.79
N CYS A 174 52.34 9.70 -1.78
CA CYS A 174 52.75 10.45 -2.96
C CYS A 174 54.26 10.54 -3.11
N GLU A 175 54.93 11.13 -2.12
CA GLU A 175 56.38 11.25 -2.20
C GLU A 175 57.01 9.89 -2.55
N LYS A 176 56.42 8.81 -2.05
CA LYS A 176 56.88 7.44 -2.30
C LYS A 176 56.37 6.84 -3.62
N GLU A 177 55.76 7.67 -4.46
CA GLU A 177 55.21 7.23 -5.74
C GLU A 177 55.36 8.29 -6.81
N GLY A 178 56.16 9.31 -6.52
CA GLY A 178 56.53 10.33 -7.50
C GLY A 178 55.34 11.03 -8.12
N VAL A 179 54.43 11.47 -7.26
CA VAL A 179 53.25 12.20 -7.69
C VAL A 179 53.33 13.61 -7.13
N LYS A 180 52.96 14.59 -7.95
CA LYS A 180 53.05 15.98 -7.54
C LYS A 180 51.69 16.57 -7.28
N ILE A 181 51.20 16.47 -6.04
CA ILE A 181 49.95 17.13 -5.71
C ILE A 181 50.32 18.54 -5.29
N THR A 182 49.42 19.49 -5.55
CA THR A 182 49.54 20.80 -4.95
C THR A 182 48.85 20.79 -3.57
N GLU A 183 48.88 21.92 -2.87
CA GLU A 183 48.09 22.05 -1.66
C GLU A 183 46.61 22.04 -1.99
N ASP A 184 46.24 22.73 -3.06
CA ASP A 184 44.88 22.76 -3.62
C ASP A 184 44.27 21.37 -3.84
N GLY A 185 45.04 20.52 -4.52
CA GLY A 185 44.62 19.16 -4.86
C GLY A 185 44.62 18.22 -3.68
N LEU A 186 45.34 18.60 -2.63
CA LEU A 186 45.30 17.81 -1.42
C LEU A 186 43.99 18.13 -0.65
N GLU A 187 43.82 19.41 -0.33
CA GLU A 187 42.61 19.92 0.32
C GLU A 187 41.37 19.45 -0.41
N ALA A 188 41.43 19.47 -1.74
CA ALA A 188 40.31 19.02 -2.56
C ALA A 188 40.15 17.51 -2.47
N LEU A 189 41.27 16.79 -2.41
CA LEU A 189 41.24 15.33 -2.29
C LEU A 189 40.59 14.87 -0.99
N ILE A 190 40.15 15.84 -0.20
CA ILE A 190 39.68 15.55 1.13
C ILE A 190 38.23 15.96 1.30
N TYR A 191 37.86 17.07 0.67
CA TYR A 191 36.48 17.45 0.41
C TYR A 191 35.76 16.21 -0.15
N ILE A 192 36.34 15.67 -1.23
CA ILE A 192 35.99 14.38 -1.82
C ILE A 192 35.84 13.23 -0.84
N SER A 193 36.90 12.97 -0.09
CA SER A 193 37.04 11.77 0.73
C SER A 193 35.94 11.54 1.77
N GLY A 194 35.33 12.62 2.27
CA GLY A 194 34.33 12.50 3.33
C GLY A 194 34.95 11.92 4.60
N GLY A 195 36.28 11.88 4.60
CA GLY A 195 37.03 11.25 5.69
C GLY A 195 37.05 9.75 5.50
N ASP A 196 37.15 9.33 4.24
CA ASP A 196 37.09 7.94 3.92
C ASP A 196 38.27 7.67 3.02
N PHE A 197 39.22 6.89 3.54
CA PHE A 197 40.50 6.66 2.89
C PHE A 197 40.36 5.99 1.55
N ARG A 198 39.67 4.85 1.54
CA ARG A 198 39.44 4.11 0.31
C ARG A 198 39.11 5.10 -0.80
N LYS A 199 38.11 5.95 -0.51
CA LYS A 199 37.68 6.98 -1.44
C LYS A 199 38.82 7.91 -1.83
N ALA A 200 39.50 8.45 -0.83
CA ALA A 200 40.64 9.34 -1.01
C ALA A 200 41.77 8.69 -1.81
N ILE A 201 42.30 7.58 -1.30
CA ILE A 201 43.42 6.86 -1.96
C ILE A 201 43.08 6.55 -3.41
N ASN A 202 41.99 5.82 -3.60
CA ASN A 202 41.50 5.51 -4.93
C ASN A 202 41.46 6.70 -5.87
N ALA A 203 41.00 7.85 -5.37
CA ALA A 203 40.95 9.06 -6.17
C ALA A 203 42.35 9.41 -6.56
N LEU A 204 43.20 9.71 -5.56
CA LEU A 204 44.61 10.07 -5.78
C LEU A 204 45.25 9.17 -6.83
N GLN A 205 45.18 7.87 -6.59
CA GLN A 205 45.63 6.84 -7.55
C GLN A 205 45.18 7.14 -8.96
N GLY A 206 43.89 7.41 -9.15
CA GLY A 206 43.34 7.73 -10.45
C GLY A 206 43.85 9.03 -11.07
N ALA A 207 44.18 9.99 -10.22
CA ALA A 207 44.72 11.25 -10.71
C ALA A 207 46.22 11.12 -10.98
N ALA A 208 46.85 10.17 -10.32
CA ALA A 208 48.27 9.90 -10.51
C ALA A 208 48.55 9.22 -11.84
N ALA A 209 47.61 8.36 -12.26
CA ALA A 209 47.71 7.63 -13.52
C ALA A 209 47.84 8.55 -14.72
N ILE A 210 47.23 9.74 -14.62
CA ILE A 210 47.23 10.71 -15.71
C ILE A 210 48.58 11.46 -15.81
N GLY A 211 48.57 12.58 -16.50
CA GLY A 211 49.77 13.35 -16.77
C GLY A 211 50.20 14.29 -15.67
N GLU A 212 51.06 13.79 -14.80
CA GLU A 212 51.81 14.63 -13.86
C GLU A 212 50.94 15.38 -12.84
N VAL A 213 51.19 16.68 -12.70
CA VAL A 213 50.69 17.53 -11.60
C VAL A 213 49.24 17.27 -11.24
N VAL A 214 48.98 17.10 -9.94
CA VAL A 214 47.64 16.86 -9.44
C VAL A 214 47.06 18.14 -8.85
N ASP A 215 46.29 18.82 -9.70
CA ASP A 215 45.66 20.08 -9.39
C ASP A 215 44.42 19.82 -8.54
N ALA A 216 43.85 20.89 -7.98
CA ALA A 216 42.56 20.83 -7.28
C ALA A 216 41.51 20.28 -8.21
N ASP A 217 41.51 20.79 -9.45
CA ASP A 217 40.59 20.39 -10.49
C ASP A 217 40.71 18.93 -10.80
N THR A 218 41.89 18.49 -11.22
CA THR A 218 42.05 17.11 -11.70
C THR A 218 41.41 16.13 -10.71
N ILE A 219 41.42 16.48 -9.42
CA ILE A 219 40.76 15.67 -8.40
C ILE A 219 39.22 15.77 -8.50
N TYR A 220 38.71 16.99 -8.71
CA TYR A 220 37.27 17.23 -8.83
C TYR A 220 36.70 16.54 -10.04
N GLN A 221 37.54 16.42 -11.06
CA GLN A 221 37.13 15.83 -12.32
C GLN A 221 37.05 14.32 -12.20
N ILE A 222 38.05 13.71 -11.58
CA ILE A 222 38.18 12.25 -11.48
C ILE A 222 37.06 11.64 -10.67
N THR A 223 36.57 12.39 -9.69
CA THR A 223 35.53 11.88 -8.79
C THR A 223 34.13 12.30 -9.23
N ALA A 224 34.10 13.14 -10.26
CA ALA A 224 32.88 13.73 -10.80
C ALA A 224 32.17 14.53 -9.71
N THR A 225 33.06 15.25 -8.85
CA THR A 225 32.51 16.11 -7.82
C THR A 225 33.00 17.53 -8.00
N ALA A 226 32.06 18.45 -8.19
CA ALA A 226 32.33 19.83 -8.58
C ALA A 226 33.34 20.50 -7.69
N ARG A 227 34.17 21.35 -8.30
CA ARG A 227 34.96 22.31 -7.53
C ARG A 227 33.98 23.01 -6.60
N PRO A 228 34.30 23.04 -5.29
CA PRO A 228 33.48 23.73 -4.33
C PRO A 228 33.34 25.20 -4.63
N GLU A 229 34.26 25.76 -5.40
CA GLU A 229 34.13 27.14 -5.84
C GLU A 229 32.96 27.32 -6.81
N GLU A 230 32.72 26.29 -7.63
CA GLU A 230 31.69 26.32 -8.66
C GLU A 230 30.30 26.21 -8.07
N MET A 231 30.15 25.36 -7.05
CA MET A 231 28.88 25.21 -6.33
C MET A 231 28.45 26.53 -5.72
N THR A 232 29.33 27.11 -4.91
CA THR A 232 28.99 28.35 -4.20
C THR A 232 28.93 29.51 -5.16
N GLU A 233 29.23 29.22 -6.43
CA GLU A 233 29.00 30.17 -7.52
C GLU A 233 27.56 29.98 -7.99
N LEU A 234 27.26 28.75 -8.39
CA LEU A 234 25.92 28.33 -8.81
C LEU A 234 24.84 28.69 -7.78
N ILE A 235 25.05 28.34 -6.52
CA ILE A 235 24.09 28.71 -5.47
C ILE A 235 23.99 30.22 -5.37
N GLN A 236 25.11 30.92 -5.52
CA GLN A 236 25.11 32.36 -5.37
C GLN A 236 24.40 33.04 -6.53
N THR A 237 24.79 32.71 -7.77
CA THR A 237 24.15 33.30 -8.94
C THR A 237 22.67 32.96 -8.99
N ALA A 238 22.28 31.93 -8.25
CA ALA A 238 20.87 31.59 -8.11
C ALA A 238 20.21 32.57 -7.14
N LEU A 239 20.80 32.72 -5.97
CA LEU A 239 20.26 33.58 -4.91
C LEU A 239 20.14 35.04 -5.34
N LYS A 240 21.04 35.46 -6.23
CA LYS A 240 21.01 36.83 -6.74
C LYS A 240 19.75 37.10 -7.58
N GLY A 241 19.29 36.07 -8.29
CA GLY A 241 18.10 36.21 -9.11
C GLY A 241 18.27 35.75 -10.55
N ASN A 242 19.50 35.42 -10.91
CA ASN A 242 19.83 34.96 -12.27
C ASN A 242 19.55 33.49 -12.46
N PHE A 243 18.28 33.14 -12.57
CA PHE A 243 17.88 31.75 -12.72
C PHE A 243 18.51 31.09 -13.95
N MET A 244 18.26 31.64 -15.13
CA MET A 244 18.76 31.03 -16.37
C MET A 244 20.26 30.80 -16.33
N GLU A 245 21.00 31.72 -15.70
CA GLU A 245 22.43 31.55 -15.52
C GLU A 245 22.71 30.33 -14.64
N ALA A 246 22.02 30.23 -13.51
CA ALA A 246 22.23 29.14 -12.56
C ALA A 246 21.98 27.79 -13.22
N ARG A 247 20.90 27.74 -14.00
CA ARG A 247 20.51 26.53 -14.71
C ARG A 247 21.61 26.13 -15.69
N GLU A 248 22.12 27.10 -16.43
CA GLU A 248 23.26 26.88 -17.30
C GLU A 248 24.39 26.21 -16.54
N LEU A 249 24.80 26.80 -15.41
CA LEU A 249 25.92 26.29 -14.63
C LEU A 249 25.68 24.85 -14.21
N LEU A 250 24.58 24.61 -13.52
CA LEU A 250 24.25 23.28 -13.05
C LEU A 250 24.30 22.28 -14.19
N ASP A 251 23.83 22.68 -15.38
CA ASP A 251 23.91 21.80 -16.54
C ASP A 251 25.35 21.49 -16.88
N ARG A 252 26.06 22.49 -17.40
CA ARG A 252 27.51 22.39 -17.68
C ARG A 252 28.19 21.55 -16.62
N LEU A 253 27.85 21.87 -15.38
CA LEU A 253 28.45 21.29 -14.20
C LEU A 253 28.15 19.79 -14.15
N MET A 254 26.91 19.44 -14.49
CA MET A 254 26.45 18.06 -14.35
C MET A 254 26.94 17.21 -15.48
N VAL A 255 27.41 17.83 -16.54
CA VAL A 255 27.93 17.07 -17.65
C VAL A 255 29.44 16.94 -17.53
N GLU A 256 30.10 18.01 -17.07
CA GLU A 256 31.55 18.04 -16.88
C GLU A 256 32.07 16.85 -16.06
N TYR A 257 31.39 16.54 -14.94
CA TYR A 257 31.80 15.46 -14.05
C TYR A 257 30.87 14.26 -14.11
N GLY A 258 29.61 14.50 -14.42
CA GLY A 258 28.65 13.43 -14.68
C GLY A 258 28.05 12.89 -13.42
N MET A 259 27.58 13.80 -12.57
CA MET A 259 27.02 13.47 -11.27
C MET A 259 25.58 13.04 -11.36
N SER A 260 25.17 12.25 -10.39
CA SER A 260 23.76 11.91 -10.24
C SER A 260 22.95 13.07 -9.64
N GLY A 261 21.66 12.87 -9.47
CA GLY A 261 20.84 13.87 -8.80
C GLY A 261 21.13 13.86 -7.31
N GLU A 262 21.27 12.66 -6.77
CA GLU A 262 21.68 12.48 -5.39
C GLU A 262 23.04 13.16 -5.18
N ASP A 263 23.99 12.88 -6.06
CA ASP A 263 25.31 13.49 -6.00
C ASP A 263 25.25 14.99 -6.03
N ILE A 264 24.47 15.57 -6.91
CA ILE A 264 24.39 17.03 -6.94
C ILE A 264 23.77 17.55 -5.66
N VAL A 265 22.72 16.88 -5.21
CA VAL A 265 22.00 17.36 -4.05
C VAL A 265 22.91 17.24 -2.84
N ALA A 266 23.80 16.25 -2.87
CA ALA A 266 24.76 16.07 -1.80
C ALA A 266 25.64 17.32 -1.72
N GLN A 267 26.33 17.64 -2.81
CA GLN A 267 27.22 18.79 -2.82
C GLN A 267 26.41 20.07 -2.57
N LEU A 268 25.22 20.16 -3.14
CA LEU A 268 24.43 21.33 -2.89
C LEU A 268 24.41 21.55 -1.38
N PHE A 269 24.06 20.49 -0.66
CA PHE A 269 24.02 20.48 0.81
C PHE A 269 25.32 20.95 1.45
N ARG A 270 26.40 20.20 1.22
CA ARG A 270 27.73 20.55 1.76
C ARG A 270 28.02 22.03 1.64
N GLU A 271 27.85 22.57 0.44
CA GLU A 271 28.17 23.97 0.19
C GLU A 271 27.09 24.94 0.65
N ILE A 272 25.91 24.43 1.00
CA ILE A 272 24.87 25.28 1.58
C ILE A 272 25.19 25.44 3.04
N ILE A 273 25.79 24.42 3.63
CA ILE A 273 26.19 24.44 5.04
C ILE A 273 27.37 25.36 5.22
N SER A 274 28.39 25.14 4.38
CA SER A 274 29.67 25.84 4.48
C SER A 274 29.65 27.24 3.90
N MET A 275 28.48 27.69 3.46
CA MET A 275 28.21 29.09 3.18
C MET A 275 28.42 29.91 4.45
N PRO A 276 28.91 31.15 4.32
CA PRO A 276 28.97 32.03 5.45
C PRO A 276 27.74 32.95 5.54
N ILE A 277 26.54 32.38 5.38
CA ILE A 277 25.30 33.16 5.42
C ILE A 277 24.53 32.90 6.72
N LYS A 278 23.56 33.77 7.03
CA LYS A 278 22.78 33.73 8.26
C LYS A 278 22.18 32.36 8.55
N ASP A 279 22.15 31.99 9.83
CA ASP A 279 21.46 30.77 10.29
C ASP A 279 19.96 30.83 9.99
N SER A 280 19.44 32.05 9.83
CA SER A 280 18.05 32.30 9.54
C SER A 280 17.66 31.84 8.13
N LEU A 281 18.53 32.13 7.17
CA LEU A 281 18.28 31.81 5.77
C LEU A 281 18.73 30.40 5.43
N LYS A 282 19.88 30.00 5.95
CA LYS A 282 20.45 28.67 5.71
C LYS A 282 19.39 27.59 5.91
N VAL A 283 18.51 27.81 6.88
CA VAL A 283 17.40 26.90 7.18
C VAL A 283 16.49 26.78 5.98
N GLN A 284 15.93 27.91 5.54
CA GLN A 284 15.06 27.94 4.38
C GLN A 284 15.61 27.08 3.24
N LEU A 285 16.91 27.25 2.97
CA LEU A 285 17.57 26.50 1.92
C LEU A 285 17.59 25.01 2.22
N ILE A 286 18.13 24.65 3.37
CA ILE A 286 18.24 23.23 3.72
C ILE A 286 16.87 22.49 3.80
N ASP A 287 15.88 23.15 4.41
CA ASP A 287 14.52 22.65 4.44
C ASP A 287 14.08 22.21 3.04
N LYS A 288 14.08 23.17 2.10
CA LYS A 288 13.70 22.87 0.71
C LYS A 288 14.57 21.77 0.11
N LEU A 289 15.88 21.85 0.37
CA LEU A 289 16.83 20.86 -0.11
C LEU A 289 16.47 19.49 0.40
N GLY A 290 15.98 19.47 1.63
CA GLY A 290 15.44 18.25 2.23
C GLY A 290 14.27 17.79 1.41
N GLU A 291 13.39 18.75 1.08
CA GLU A 291 12.21 18.48 0.25
C GLU A 291 12.64 17.86 -1.08
N VAL A 292 13.48 18.60 -1.81
CA VAL A 292 13.96 18.20 -3.12
C VAL A 292 14.57 16.81 -3.11
N ASP A 293 15.44 16.56 -2.13
CA ASP A 293 16.09 15.27 -2.06
C ASP A 293 15.08 14.15 -1.94
N PHE A 294 13.98 14.42 -1.23
CA PHE A 294 12.93 13.43 -1.11
C PHE A 294 12.31 13.20 -2.47
N ARG A 295 11.80 14.27 -3.07
CA ARG A 295 11.17 14.22 -4.40
C ARG A 295 11.96 13.29 -5.29
N LEU A 296 13.26 13.49 -5.38
CA LEU A 296 14.11 12.62 -6.19
C LEU A 296 14.04 11.14 -5.82
N THR A 297 14.22 10.82 -4.54
CA THR A 297 14.24 9.42 -4.13
C THR A 297 12.91 8.70 -4.43
N GLU A 298 11.81 9.43 -4.43
CA GLU A 298 10.51 8.86 -4.81
C GLU A 298 10.45 8.54 -6.31
N GLY A 299 11.33 9.16 -7.09
CA GLY A 299 11.43 8.88 -8.51
C GLY A 299 11.04 10.04 -9.41
N ALA A 300 10.75 11.20 -8.82
CA ALA A 300 10.43 12.41 -9.60
C ALA A 300 11.56 12.76 -10.55
N ASN A 301 11.32 13.70 -11.45
CA ASN A 301 12.29 14.01 -12.50
C ASN A 301 13.47 14.87 -12.06
N GLU A 302 14.64 14.24 -12.05
CA GLU A 302 15.93 14.86 -11.76
C GLU A 302 16.00 16.31 -12.23
N ARG A 303 15.96 16.51 -13.55
CA ARG A 303 16.14 17.83 -14.12
C ARG A 303 15.14 18.84 -13.61
N ILE A 304 13.88 18.44 -13.49
CA ILE A 304 12.82 19.38 -13.16
C ILE A 304 12.80 19.79 -11.70
N GLN A 305 13.06 18.83 -10.82
CA GLN A 305 13.12 19.12 -9.40
C GLN A 305 14.34 19.96 -9.02
N LEU A 306 15.46 19.68 -9.69
CA LEU A 306 16.69 20.41 -9.50
C LEU A 306 16.58 21.86 -9.97
N ASP A 307 16.18 22.04 -11.22
CA ASP A 307 15.95 23.39 -11.73
C ASP A 307 14.88 24.09 -10.89
N ALA A 308 13.86 23.31 -10.52
CA ALA A 308 12.82 23.79 -9.63
C ALA A 308 13.34 24.21 -8.25
N TYR A 309 14.54 23.75 -7.88
CA TYR A 309 15.19 24.16 -6.62
C TYR A 309 16.02 25.41 -6.82
N LEU A 310 16.52 25.59 -8.04
CA LEU A 310 17.24 26.81 -8.37
C LEU A 310 16.23 27.92 -8.52
N ALA A 311 15.02 27.55 -8.94
CA ALA A 311 13.91 28.45 -8.88
C ALA A 311 13.67 28.89 -7.45
N TYR A 312 13.48 27.94 -6.54
CA TYR A 312 13.27 28.24 -5.11
C TYR A 312 14.19 29.34 -4.60
N LEU A 313 15.47 29.25 -4.93
CA LEU A 313 16.46 30.18 -4.41
C LEU A 313 16.30 31.58 -5.01
N SER A 314 15.88 31.65 -6.26
CA SER A 314 15.79 32.92 -6.97
C SER A 314 14.50 33.67 -6.70
N THR A 315 13.68 33.15 -5.79
CA THR A 315 12.53 33.90 -5.29
C THR A 315 12.97 34.71 -4.08
N LEU A 316 13.96 34.18 -3.35
CA LEU A 316 14.45 34.80 -2.12
C LEU A 316 15.39 35.98 -2.39
N ALA A 317 15.22 36.61 -3.56
CA ALA A 317 15.98 37.80 -3.96
C ALA A 317 15.57 39.03 -3.13
N LYS A 318 14.25 39.27 -3.06
CA LYS A 318 13.69 40.37 -2.26
C LYS A 318 12.76 39.85 -1.15
N LYS A 319 12.97 38.78 -0.58
N ILE B 6 17.95 -0.07 -40.95
CA ILE B 6 18.07 0.33 -39.50
C ILE B 6 19.38 1.12 -39.15
N TRP B 7 19.43 2.34 -39.66
CA TRP B 7 20.61 3.21 -39.68
C TRP B 7 21.54 3.18 -38.44
N VAL B 8 20.95 3.06 -37.25
CA VAL B 8 21.74 3.15 -36.02
C VAL B 8 22.72 1.97 -35.84
N GLU B 9 22.60 0.95 -36.69
CA GLU B 9 23.57 -0.15 -36.65
C GLU B 9 24.47 -0.13 -37.90
N LYS B 10 23.84 0.05 -39.07
CA LYS B 10 24.53 0.24 -40.35
C LYS B 10 25.62 1.33 -40.27
N TYR B 11 25.63 2.14 -39.20
CA TYR B 11 26.61 3.21 -39.04
C TYR B 11 27.29 3.15 -37.65
N ARG B 12 27.12 1.99 -37.02
CA ARG B 12 27.87 1.62 -35.82
C ARG B 12 29.36 1.84 -36.13
N PRO B 13 30.02 2.76 -35.39
CA PRO B 13 31.44 3.01 -35.68
C PRO B 13 32.25 1.71 -35.70
N ARG B 14 33.25 1.66 -36.56
CA ARG B 14 34.04 0.45 -36.82
C ARG B 14 35.45 0.51 -36.19
N THR B 15 35.98 1.72 -36.08
CA THR B 15 37.27 1.96 -35.42
C THR B 15 37.08 3.09 -34.41
N LEU B 16 37.87 3.09 -33.33
CA LEU B 16 37.83 4.19 -32.35
C LEU B 16 37.82 5.59 -33.01
N ASP B 17 38.61 5.77 -34.07
CA ASP B 17 38.63 6.99 -34.91
C ASP B 17 37.25 7.45 -35.40
N GLU B 18 36.31 6.51 -35.54
CA GLU B 18 34.97 6.79 -36.07
C GLU B 18 33.90 7.13 -35.02
N VAL B 19 34.24 7.02 -33.74
CA VAL B 19 33.35 7.46 -32.68
C VAL B 19 33.60 8.94 -32.43
N VAL B 20 32.59 9.77 -32.69
CA VAL B 20 32.78 11.21 -32.71
C VAL B 20 32.34 11.85 -31.40
N GLY B 21 32.76 13.09 -31.16
CA GLY B 21 32.35 13.88 -30.00
C GLY B 21 33.03 13.54 -28.68
N GLN B 22 33.76 12.44 -28.66
CA GLN B 22 34.33 11.93 -27.42
C GLN B 22 35.84 11.88 -27.46
N ASP B 23 36.47 12.84 -28.14
CA ASP B 23 37.93 12.93 -28.20
C ASP B 23 38.54 12.65 -26.83
N GLU B 24 38.10 13.43 -25.84
CA GLU B 24 38.45 13.27 -24.44
C GLU B 24 38.72 11.81 -24.02
N VAL B 25 37.78 10.92 -24.33
CA VAL B 25 37.89 9.50 -23.99
C VAL B 25 38.76 8.74 -25.00
N ILE B 26 38.45 8.88 -26.29
CA ILE B 26 39.08 8.10 -27.34
C ILE B 26 40.57 8.40 -27.54
N GLN B 27 40.95 9.68 -27.53
CA GLN B 27 42.35 10.08 -27.63
C GLN B 27 43.26 9.27 -26.72
N ARG B 28 42.79 9.01 -25.50
CA ARG B 28 43.55 8.20 -24.55
C ARG B 28 43.16 6.72 -24.57
N LEU B 29 41.99 6.40 -25.13
CA LEU B 29 41.56 5.02 -25.29
C LEU B 29 42.30 4.37 -26.46
N LYS B 30 42.83 5.22 -27.34
CA LYS B 30 43.72 4.79 -28.43
C LYS B 30 45.05 4.31 -27.87
N GLY B 31 45.53 4.99 -26.84
CA GLY B 31 46.79 4.63 -26.17
C GLY B 31 46.73 3.30 -25.44
N TYR B 32 45.66 2.56 -25.68
CA TYR B 32 45.49 1.21 -25.15
C TYR B 32 45.51 0.17 -26.28
N VAL B 33 45.58 0.63 -27.53
CA VAL B 33 45.65 -0.28 -28.68
C VAL B 33 47.08 -0.44 -29.23
N GLU B 34 47.91 0.58 -29.00
CA GLU B 34 49.32 0.53 -29.38
C GLU B 34 50.09 -0.43 -28.47
N ARG B 35 49.72 -0.42 -27.19
CA ARG B 35 50.37 -1.25 -26.17
C ARG B 35 49.67 -2.60 -25.99
N LYS B 36 48.42 -2.68 -26.45
CA LYS B 36 47.55 -3.84 -26.23
C LYS B 36 47.34 -4.15 -24.74
N ASN B 37 46.96 -3.12 -24.00
CA ASN B 37 46.54 -3.21 -22.61
C ASN B 37 45.08 -2.77 -22.48
N ILE B 38 44.31 -3.48 -21.67
CA ILE B 38 42.99 -3.04 -21.26
C ILE B 38 42.80 -3.44 -19.81
N PRO B 39 42.87 -2.48 -18.89
CA PRO B 39 42.41 -2.81 -17.56
C PRO B 39 40.92 -2.64 -17.59
N HIS B 40 40.17 -3.45 -16.85
CA HIS B 40 38.72 -3.36 -16.84
C HIS B 40 38.25 -1.91 -17.02
N LEU B 41 37.53 -1.67 -18.12
CA LEU B 41 37.05 -0.35 -18.46
C LEU B 41 35.73 -0.03 -17.79
N LEU B 42 35.60 1.21 -17.32
CA LEU B 42 34.33 1.69 -16.84
C LEU B 42 33.87 2.87 -17.71
N PHE B 43 32.75 2.67 -18.37
CA PHE B 43 32.21 3.65 -19.27
C PHE B 43 31.04 4.31 -18.57
N SER B 44 31.15 5.59 -18.30
CA SER B 44 30.06 6.33 -17.72
C SER B 44 29.55 7.37 -18.70
N GLY B 45 28.24 7.60 -18.70
CA GLY B 45 27.67 8.69 -19.49
C GLY B 45 26.20 8.50 -19.80
N PRO B 46 25.55 9.56 -20.29
CA PRO B 46 24.16 9.54 -20.72
C PRO B 46 23.95 8.45 -21.76
N PRO B 47 22.68 8.07 -22.03
CA PRO B 47 22.50 7.02 -23.00
C PRO B 47 22.57 7.59 -24.41
N GLY B 48 23.07 6.79 -25.35
CA GLY B 48 23.10 7.18 -26.75
C GLY B 48 24.23 8.12 -27.07
N THR B 49 25.37 7.90 -26.41
CA THR B 49 26.53 8.76 -26.60
C THR B 49 27.76 7.99 -27.05
N GLY B 50 27.73 6.68 -26.91
CA GLY B 50 28.72 5.85 -27.56
C GLY B 50 29.44 4.85 -26.70
N LYS B 51 28.92 4.61 -25.50
CA LYS B 51 29.53 3.62 -24.63
C LYS B 51 29.63 2.27 -25.32
N THR B 52 28.51 1.73 -25.79
CA THR B 52 28.51 0.45 -26.49
C THR B 52 29.32 0.54 -27.79
N ALA B 53 29.21 1.66 -28.49
CA ALA B 53 29.87 1.82 -29.77
C ALA B 53 31.37 1.70 -29.64
N THR B 54 31.97 2.45 -28.73
CA THR B 54 33.42 2.45 -28.59
C THR B 54 33.89 1.14 -27.99
N ALA B 55 33.05 0.53 -27.15
CA ALA B 55 33.37 -0.77 -26.57
C ALA B 55 33.29 -1.86 -27.62
N ILE B 56 32.60 -1.59 -28.73
CA ILE B 56 32.69 -2.45 -29.91
C ILE B 56 33.96 -2.08 -30.67
N ALA B 57 34.05 -0.81 -31.06
CA ALA B 57 35.18 -0.31 -31.86
C ALA B 57 36.51 -0.42 -31.14
N LEU B 58 36.47 -0.70 -29.83
CA LEU B 58 37.66 -0.96 -29.05
C LEU B 58 38.04 -2.42 -29.19
N ALA B 59 37.04 -3.30 -29.16
CA ALA B 59 37.25 -4.72 -29.39
C ALA B 59 37.54 -4.99 -30.85
N ARG B 60 37.09 -4.09 -31.72
CA ARG B 60 37.27 -4.25 -33.16
C ARG B 60 38.67 -3.84 -33.61
N ASP B 61 39.26 -2.87 -32.91
CA ASP B 61 40.58 -2.37 -33.25
C ASP B 61 41.71 -3.21 -32.68
N LEU B 62 41.35 -4.18 -31.83
CA LEU B 62 42.35 -5.03 -31.16
C LEU B 62 42.37 -6.47 -31.64
N PHE B 63 41.27 -6.90 -32.27
CA PHE B 63 41.17 -8.27 -32.79
C PHE B 63 41.18 -8.32 -34.31
N GLY B 64 40.93 -7.17 -34.94
CA GLY B 64 40.97 -7.06 -36.40
C GLY B 64 39.71 -7.57 -37.07
N GLU B 65 39.66 -8.87 -37.34
CA GLU B 65 38.56 -9.49 -38.06
C GLU B 65 37.78 -10.46 -37.17
N ASN B 66 38.39 -10.88 -36.07
CA ASN B 66 37.83 -11.95 -35.24
C ASN B 66 37.29 -11.50 -33.88
N TRP B 67 36.62 -10.34 -33.85
CA TRP B 67 36.04 -9.84 -32.60
C TRP B 67 34.75 -10.56 -32.22
N ARG B 68 33.83 -10.69 -33.18
CA ARG B 68 32.51 -11.30 -32.93
C ARG B 68 32.57 -12.61 -32.14
N ASP B 69 33.58 -13.43 -32.44
CA ASP B 69 33.77 -14.73 -31.78
C ASP B 69 34.02 -14.60 -30.28
N ASN B 70 34.75 -13.57 -29.90
CA ASN B 70 35.19 -13.39 -28.51
C ASN B 70 34.27 -12.48 -27.70
N PHE B 71 34.28 -11.20 -28.05
CA PHE B 71 33.47 -10.18 -27.39
C PHE B 71 32.00 -10.55 -27.38
N ILE B 72 31.35 -10.36 -26.22
CA ILE B 72 29.91 -10.52 -26.10
C ILE B 72 29.30 -9.46 -25.18
N GLU B 73 28.21 -8.88 -25.65
CA GLU B 73 27.46 -7.87 -24.91
C GLU B 73 26.25 -8.51 -24.22
N MET B 74 26.05 -8.16 -22.95
CA MET B 74 24.88 -8.63 -22.21
C MET B 74 24.44 -7.62 -21.15
N ASN B 75 23.13 -7.50 -21.00
CA ASN B 75 22.53 -6.58 -20.04
C ASN B 75 22.68 -7.12 -18.63
N ALA B 76 23.25 -6.29 -17.77
CA ALA B 76 23.62 -6.69 -16.42
C ALA B 76 22.51 -6.55 -15.37
N SER B 77 21.35 -6.03 -15.79
CA SER B 77 20.24 -5.80 -14.84
C SER B 77 19.28 -6.98 -14.72
N ASP B 78 19.34 -7.92 -15.68
CA ASP B 78 18.53 -9.15 -15.63
C ASP B 78 19.11 -10.09 -14.55
N GLU B 79 18.62 -9.91 -13.31
CA GLU B 79 19.28 -10.37 -12.06
C GLU B 79 19.70 -11.85 -11.85
N ARG B 80 19.13 -12.77 -12.64
CA ARG B 80 19.39 -14.20 -12.48
C ARG B 80 20.38 -14.78 -13.50
N GLY B 81 20.98 -13.89 -14.31
CA GLY B 81 21.81 -14.30 -15.43
C GLY B 81 23.30 -14.00 -15.33
N ILE B 82 23.71 -13.30 -14.28
CA ILE B 82 25.13 -13.09 -13.96
C ILE B 82 25.77 -14.46 -13.72
N ASP B 83 25.02 -15.31 -13.04
CA ASP B 83 25.49 -16.63 -12.62
C ASP B 83 25.25 -17.70 -13.68
N VAL B 84 24.30 -17.46 -14.58
CA VAL B 84 24.04 -18.39 -15.69
C VAL B 84 24.98 -18.13 -16.88
N VAL B 85 25.51 -16.89 -16.96
CA VAL B 85 26.53 -16.57 -17.95
C VAL B 85 27.89 -16.45 -17.25
N ARG B 86 28.28 -17.57 -16.64
CA ARG B 86 29.60 -17.77 -16.06
C ARG B 86 30.33 -18.90 -16.79
N HIS B 87 29.56 -19.76 -17.46
CA HIS B 87 30.13 -20.81 -18.30
C HIS B 87 30.63 -20.24 -19.62
N LYS B 88 30.15 -19.04 -19.96
CA LYS B 88 30.70 -18.25 -21.05
C LYS B 88 31.99 -17.57 -20.57
N ILE B 89 32.18 -17.52 -19.26
CA ILE B 89 33.39 -16.93 -18.68
C ILE B 89 34.55 -17.93 -18.67
N LYS B 90 34.25 -19.23 -18.61
CA LYS B 90 35.28 -20.28 -18.50
C LYS B 90 35.77 -20.86 -19.84
N GLU B 91 34.88 -20.92 -20.82
CA GLU B 91 35.23 -21.28 -22.21
C GLU B 91 36.00 -20.12 -22.87
N PHE B 92 35.64 -18.91 -22.46
CA PHE B 92 36.16 -17.66 -23.00
C PHE B 92 37.53 -17.29 -22.41
N ALA B 93 37.82 -17.78 -21.20
CA ALA B 93 39.10 -17.54 -20.53
C ALA B 93 40.15 -18.62 -20.80
N ARG B 94 39.69 -19.80 -21.19
CA ARG B 94 40.59 -20.90 -21.54
C ARG B 94 41.05 -20.80 -23.00
N THR B 95 40.24 -20.17 -23.85
CA THR B 95 40.62 -19.92 -25.24
C THR B 95 41.48 -18.67 -25.37
N ALA B 96 42.71 -18.86 -25.83
CA ALA B 96 43.64 -17.76 -26.07
C ALA B 96 43.28 -17.06 -27.38
N PRO B 97 43.32 -15.71 -27.39
CA PRO B 97 42.95 -14.95 -28.58
C PRO B 97 43.66 -15.48 -29.82
N ILE B 98 42.88 -16.08 -30.72
CA ILE B 98 43.40 -16.73 -31.91
C ILE B 98 44.00 -15.69 -32.87
N GLY B 99 45.33 -15.70 -32.97
CA GLY B 99 46.06 -14.77 -33.83
C GLY B 99 47.43 -14.37 -33.29
N GLY B 100 47.42 -13.45 -32.32
CA GLY B 100 48.65 -12.96 -31.69
C GLY B 100 48.42 -11.94 -30.59
N ALA B 101 47.27 -12.05 -29.91
CA ALA B 101 46.90 -11.15 -28.81
C ALA B 101 46.76 -11.92 -27.49
N PRO B 102 47.05 -11.26 -26.35
CA PRO B 102 46.94 -11.92 -25.03
C PRO B 102 45.55 -12.01 -24.39
N PHE B 103 44.71 -11.00 -24.56
CA PHE B 103 43.52 -10.80 -23.71
C PHE B 103 42.16 -10.80 -24.44
N LYS B 104 41.08 -10.87 -23.66
CA LYS B 104 39.71 -10.98 -24.21
C LYS B 104 38.67 -10.17 -23.42
N ILE B 105 37.59 -9.77 -24.08
CA ILE B 105 36.64 -8.74 -23.56
C ILE B 105 35.18 -9.16 -23.37
N ILE B 106 34.57 -8.67 -22.30
CA ILE B 106 33.12 -8.81 -22.03
C ILE B 106 32.50 -7.46 -21.67
N PHE B 107 31.45 -7.07 -22.38
CA PHE B 107 30.78 -5.80 -22.15
C PHE B 107 29.53 -5.99 -21.30
N LEU B 108 29.32 -5.09 -20.36
CA LEU B 108 28.24 -5.22 -19.40
C LEU B 108 27.42 -3.94 -19.30
N ASP B 109 26.37 -3.85 -20.11
CA ASP B 109 25.48 -2.69 -20.14
C ASP B 109 24.66 -2.62 -18.85
N GLU B 110 24.28 -1.41 -18.45
CA GLU B 110 23.36 -1.19 -17.32
C GLU B 110 23.89 -1.71 -15.98
N ALA B 111 25.21 -1.68 -15.81
CA ALA B 111 25.84 -2.13 -14.56
C ALA B 111 25.28 -1.44 -13.34
N ASP B 112 25.02 -0.12 -13.46
CA ASP B 112 24.53 0.69 -12.36
C ASP B 112 23.04 0.44 -12.01
N ALA B 113 22.62 -0.83 -12.09
CA ALA B 113 21.26 -1.19 -11.71
C ALA B 113 21.27 -2.21 -10.58
N LEU B 114 22.45 -2.76 -10.29
CA LEU B 114 22.61 -3.83 -9.32
C LEU B 114 22.91 -3.32 -7.92
N THR B 115 22.36 -4.00 -6.91
CA THR B 115 22.68 -3.71 -5.52
C THR B 115 24.02 -4.34 -5.16
N ALA B 116 24.65 -3.83 -4.10
CA ALA B 116 26.03 -4.19 -3.70
C ALA B 116 26.51 -5.60 -4.04
N ASP B 117 25.63 -6.58 -3.85
CA ASP B 117 25.99 -8.01 -3.88
C ASP B 117 26.58 -8.52 -5.21
N ALA B 118 25.76 -8.52 -6.27
CA ALA B 118 26.15 -9.10 -7.56
C ALA B 118 27.45 -8.50 -8.09
N GLN B 119 27.71 -7.26 -7.70
CA GLN B 119 28.88 -6.50 -8.13
C GLN B 119 30.19 -7.21 -7.74
N ALA B 120 30.21 -7.80 -6.55
CA ALA B 120 31.40 -8.51 -6.06
C ALA B 120 31.84 -9.64 -7.00
N ALA B 121 30.87 -10.44 -7.47
CA ALA B 121 31.16 -11.65 -8.27
C ALA B 121 32.06 -11.42 -9.48
N LEU B 122 32.21 -10.16 -9.85
CA LEU B 122 33.11 -9.72 -10.91
C LEU B 122 34.56 -10.02 -10.52
N ARG B 123 34.87 -9.75 -9.25
CA ARG B 123 36.23 -9.71 -8.73
C ARG B 123 37.01 -11.04 -8.80
N ARG B 124 36.30 -12.16 -8.65
CA ARG B 124 36.94 -13.49 -8.66
C ARG B 124 37.14 -14.03 -10.08
N THR B 125 37.14 -13.09 -11.01
CA THR B 125 37.39 -13.34 -12.42
C THR B 125 38.25 -12.19 -12.95
N MET B 126 38.53 -11.24 -12.07
CA MET B 126 39.42 -10.11 -12.37
C MET B 126 40.87 -10.46 -12.06
N GLU B 127 41.14 -10.84 -10.81
CA GLU B 127 42.48 -11.27 -10.39
C GLU B 127 42.85 -12.67 -10.91
N MET B 128 41.84 -13.47 -11.25
CA MET B 128 42.06 -14.77 -11.86
C MET B 128 42.08 -14.67 -13.39
N TYR B 129 41.35 -13.69 -13.93
CA TYR B 129 41.42 -13.38 -15.36
C TYR B 129 41.69 -11.91 -15.65
N SER B 130 42.97 -11.52 -15.52
CA SER B 130 43.47 -10.27 -16.08
C SER B 130 44.62 -10.61 -17.04
N LYS B 131 44.94 -11.90 -17.09
CA LYS B 131 45.86 -12.46 -18.08
C LYS B 131 45.07 -13.25 -19.13
N SER B 132 43.75 -13.04 -19.15
CA SER B 132 42.85 -13.66 -20.13
C SER B 132 41.55 -12.89 -20.38
N CYS B 133 40.84 -12.54 -19.30
CA CYS B 133 39.56 -11.81 -19.38
C CYS B 133 39.67 -10.32 -19.07
N ARG B 134 38.68 -9.57 -19.56
CA ARG B 134 38.56 -8.14 -19.28
C ARG B 134 37.12 -7.66 -19.42
N PHE B 135 36.72 -6.77 -18.52
CA PHE B 135 35.34 -6.26 -18.49
C PHE B 135 35.25 -4.80 -18.91
N ILE B 136 34.21 -4.46 -19.67
CA ILE B 136 33.88 -3.06 -19.89
C ILE B 136 32.49 -2.82 -19.32
N LEU B 137 32.42 -1.90 -18.35
CA LEU B 137 31.18 -1.63 -17.62
C LEU B 137 30.54 -0.30 -18.01
N SER B 138 29.37 -0.37 -18.63
CA SER B 138 28.63 0.81 -18.97
C SER B 138 27.71 1.15 -17.82
N CYS B 139 27.63 2.43 -17.49
CA CYS B 139 26.74 2.90 -16.45
C CYS B 139 26.38 4.35 -16.73
N ASN B 140 25.22 4.76 -16.24
CA ASN B 140 24.74 6.12 -16.42
C ASN B 140 25.60 7.09 -15.63
N TYR B 141 25.90 6.75 -14.37
CA TYR B 141 26.77 7.56 -13.52
C TYR B 141 27.77 6.71 -12.76
N VAL B 142 29.01 7.19 -12.68
CA VAL B 142 30.06 6.49 -11.94
C VAL B 142 29.72 6.37 -10.46
N SER B 143 29.16 7.43 -9.89
CA SER B 143 28.75 7.46 -8.49
C SER B 143 27.95 6.24 -8.06
N ARG B 144 27.28 5.60 -9.02
CA ARG B 144 26.35 4.51 -8.70
C ARG B 144 26.97 3.10 -8.76
N ILE B 145 28.29 3.04 -8.92
CA ILE B 145 29.01 1.76 -8.87
C ILE B 145 29.91 1.73 -7.63
N ILE B 146 29.59 0.82 -6.71
CA ILE B 146 30.32 0.71 -5.46
C ILE B 146 31.82 0.70 -5.68
N GLU B 147 32.53 1.32 -4.74
CA GLU B 147 33.95 1.60 -4.91
C GLU B 147 34.84 0.39 -5.26
N PRO B 148 34.69 -0.74 -4.54
CA PRO B 148 35.52 -1.92 -4.83
C PRO B 148 35.62 -2.32 -6.32
N ILE B 149 34.84 -1.70 -7.21
CA ILE B 149 34.95 -1.95 -8.65
C ILE B 149 35.65 -0.82 -9.37
N GLN B 150 35.24 0.42 -9.12
CA GLN B 150 35.96 1.60 -9.62
C GLN B 150 37.44 1.43 -9.32
N SER B 151 37.69 0.79 -8.18
CA SER B 151 39.01 0.44 -7.70
C SER B 151 39.83 -0.25 -8.79
N ARG B 152 39.22 -1.23 -9.44
CA ARG B 152 39.92 -2.02 -10.45
C ARG B 152 39.59 -1.60 -11.88
N CYS B 153 39.15 -0.35 -12.05
CA CYS B 153 38.72 0.12 -13.37
C CYS B 153 39.38 1.40 -13.80
N ALA B 154 39.79 1.44 -15.07
CA ALA B 154 40.11 2.70 -15.72
C ALA B 154 38.78 3.31 -16.19
N VAL B 155 38.50 4.53 -15.73
CA VAL B 155 37.19 5.15 -15.91
C VAL B 155 37.14 6.13 -17.09
N PHE B 156 35.99 6.15 -17.77
CA PHE B 156 35.77 7.06 -18.91
C PHE B 156 34.39 7.70 -18.88
N ARG B 157 34.35 9.02 -18.75
CA ARG B 157 33.08 9.73 -18.69
C ARG B 157 32.71 10.25 -20.07
N PHE B 158 31.74 9.59 -20.69
CA PHE B 158 31.17 10.04 -21.95
C PHE B 158 30.28 11.25 -21.72
N LYS B 159 30.56 12.30 -22.48
CA LYS B 159 29.78 13.52 -22.42
C LYS B 159 28.72 13.44 -23.51
N PRO B 160 27.61 14.15 -23.34
CA PRO B 160 26.62 14.15 -24.42
C PRO B 160 27.22 14.73 -25.74
N VAL B 161 27.41 13.91 -26.82
CA VAL B 161 27.96 14.35 -28.15
C VAL B 161 27.63 15.81 -28.55
N PRO B 162 27.54 16.77 -29.27
CA PRO B 162 27.12 18.17 -29.50
C PRO B 162 26.36 18.29 -30.81
N LYS B 163 26.02 19.51 -31.18
CA LYS B 163 25.19 19.74 -32.36
C LYS B 163 25.91 19.33 -33.66
N GLU B 164 26.97 20.06 -34.02
CA GLU B 164 27.59 19.95 -35.36
C GLU B 164 28.19 18.60 -35.63
N ALA B 165 28.74 17.98 -34.59
CA ALA B 165 29.36 16.67 -34.71
C ALA B 165 28.36 15.58 -35.07
N MET B 166 27.18 15.65 -34.47
CA MET B 166 26.09 14.72 -34.77
C MET B 166 25.45 15.07 -36.11
N LYS B 167 25.08 16.33 -36.27
CA LYS B 167 24.51 16.83 -37.51
C LYS B 167 25.34 16.37 -38.71
N LYS B 168 26.66 16.43 -38.59
CA LYS B 168 27.54 15.91 -39.65
C LYS B 168 27.28 14.41 -39.85
N ARG B 169 27.47 13.62 -38.80
CA ARG B 169 27.30 12.16 -38.89
C ARG B 169 25.92 11.80 -39.42
N LEU B 170 24.91 12.56 -39.03
CA LEU B 170 23.56 12.29 -39.52
C LEU B 170 23.50 12.45 -41.03
N LEU B 171 24.11 13.51 -41.54
CA LEU B 171 24.16 13.73 -42.98
C LEU B 171 24.85 12.58 -43.72
N GLU B 172 25.98 12.13 -43.19
CA GLU B 172 26.71 11.01 -43.78
C GLU B 172 25.85 9.75 -43.82
N ILE B 173 25.10 9.48 -42.76
CA ILE B 173 24.18 8.36 -42.75
C ILE B 173 23.16 8.52 -43.87
N CYS B 174 22.89 9.76 -44.24
CA CYS B 174 21.86 10.06 -45.24
C CYS B 174 22.37 9.98 -46.66
N GLU B 175 23.36 10.81 -46.99
CA GLU B 175 23.91 10.79 -48.35
C GLU B 175 24.24 9.36 -48.77
N LYS B 176 24.70 8.54 -47.82
CA LYS B 176 25.03 7.13 -48.04
C LYS B 176 23.84 6.17 -48.00
N GLU B 177 22.63 6.74 -47.95
CA GLU B 177 21.41 5.94 -47.89
C GLU B 177 20.28 6.58 -48.66
N GLY B 178 20.62 7.59 -49.47
CA GLY B 178 19.68 8.21 -50.40
C GLY B 178 18.43 8.75 -49.72
N VAL B 179 18.65 9.51 -48.66
CA VAL B 179 17.57 10.15 -47.93
C VAL B 179 17.71 11.65 -48.07
N LYS B 180 16.59 12.34 -48.25
CA LYS B 180 16.63 13.78 -48.47
C LYS B 180 16.09 14.51 -47.26
N ILE B 181 16.95 14.85 -46.31
CA ILE B 181 16.51 15.67 -45.19
C ILE B 181 16.67 17.11 -45.64
N THR B 182 15.80 17.98 -45.15
CA THR B 182 16.03 19.41 -45.28
C THR B 182 16.90 19.89 -44.12
N GLU B 183 17.23 21.19 -44.09
CA GLU B 183 17.88 21.76 -42.93
C GLU B 183 16.95 21.74 -41.73
N ASP B 184 15.68 22.07 -41.98
CA ASP B 184 14.59 22.02 -40.98
C ASP B 184 14.49 20.67 -40.25
N GLY B 185 14.47 19.60 -41.03
CA GLY B 185 14.36 18.24 -40.51
C GLY B 185 15.62 17.75 -39.85
N LEU B 186 16.72 18.38 -40.14
CA LEU B 186 17.95 18.03 -39.47
C LEU B 186 17.95 18.68 -38.07
N GLU B 187 17.81 20.00 -38.03
CA GLU B 187 17.71 20.78 -36.80
C GLU B 187 16.65 20.18 -35.89
N ALA B 188 15.53 19.77 -36.48
CA ALA B 188 14.45 19.16 -35.71
C ALA B 188 14.86 17.78 -35.23
N LEU B 189 15.58 17.03 -36.05
CA LEU B 189 16.06 15.70 -35.69
C LEU B 189 17.00 15.73 -34.48
N ILE B 190 17.23 16.93 -33.97
CA ILE B 190 18.24 17.13 -32.96
C ILE B 190 17.64 17.68 -31.68
N TYR B 191 16.65 18.55 -31.84
CA TYR B 191 15.71 18.92 -30.78
C TYR B 191 15.23 17.61 -30.11
N ILE B 192 14.71 16.72 -30.95
CA ILE B 192 14.37 15.34 -30.61
C ILE B 192 15.46 14.57 -29.85
N SER B 193 16.64 14.50 -30.45
CA SER B 193 17.72 13.62 -29.99
C SER B 193 18.19 13.82 -28.55
N GLY B 194 18.06 15.04 -28.02
CA GLY B 194 18.55 15.34 -26.68
C GLY B 194 20.07 15.16 -26.61
N GLY B 195 20.68 15.03 -27.78
CA GLY B 195 22.10 14.74 -27.90
C GLY B 195 22.34 13.25 -27.69
N ASP B 196 21.42 12.45 -28.19
CA ASP B 196 21.48 11.03 -27.98
C ASP B 196 21.30 10.41 -29.34
N PHE B 197 22.37 9.77 -29.82
CA PHE B 197 22.43 9.25 -31.17
C PHE B 197 21.40 8.20 -31.44
N ARG B 198 21.38 7.16 -30.60
CA ARG B 198 20.41 6.08 -30.74
C ARG B 198 19.06 6.69 -31.08
N LYS B 199 18.65 7.65 -30.26
CA LYS B 199 17.39 8.35 -30.44
C LYS B 199 17.31 9.02 -31.81
N ALA B 200 18.34 9.81 -32.14
CA ALA B 200 18.44 10.51 -33.40
C ALA B 200 18.43 9.55 -34.60
N ILE B 201 19.40 8.63 -34.65
CA ILE B 201 19.52 7.67 -35.76
C ILE B 201 18.21 6.92 -35.97
N ASN B 202 17.75 6.25 -34.93
CA ASN B 202 16.47 5.56 -34.95
C ASN B 202 15.34 6.39 -35.54
N ALA B 203 15.26 7.66 -35.16
CA ALA B 203 14.23 8.54 -35.68
C ALA B 203 14.44 8.65 -37.17
N LEU B 204 15.58 9.19 -37.58
CA LEU B 204 15.93 9.36 -39.00
C LEU B 204 15.54 8.14 -39.81
N GLN B 205 16.06 6.98 -39.40
CA GLN B 205 15.71 5.68 -39.96
C GLN B 205 14.22 5.53 -40.19
N GLY B 206 13.42 5.83 -39.17
CA GLY B 206 11.97 5.73 -39.27
C GLY B 206 11.33 6.72 -40.22
N ALA B 207 11.96 7.89 -40.38
CA ALA B 207 11.44 8.88 -41.31
C ALA B 207 11.90 8.56 -42.74
N ALA B 208 13.00 7.83 -42.85
CA ALA B 208 13.54 7.41 -44.14
C ALA B 208 12.70 6.32 -44.77
N ALA B 209 12.14 5.44 -43.93
CA ALA B 209 11.30 4.34 -44.37
C ALA B 209 10.09 4.81 -45.15
N ILE B 210 9.59 6.00 -44.82
CA ILE B 210 8.40 6.57 -45.45
C ILE B 210 8.72 7.14 -46.84
N GLY B 211 7.83 7.98 -47.34
CA GLY B 211 7.93 8.54 -48.68
C GLY B 211 8.83 9.75 -48.81
N GLU B 212 10.08 9.49 -49.14
CA GLU B 212 11.00 10.54 -49.61
C GLU B 212 11.30 11.63 -48.57
N VAL B 213 11.18 12.89 -49.00
CA VAL B 213 11.68 14.08 -48.30
C VAL B 213 11.42 14.05 -46.80
N VAL B 214 12.46 14.34 -46.03
CA VAL B 214 12.35 14.36 -44.57
C VAL B 214 12.27 15.81 -44.08
N ASP B 215 11.04 16.23 -43.87
CA ASP B 215 10.68 17.56 -43.44
C ASP B 215 10.93 17.68 -41.94
N ALA B 216 10.88 18.91 -41.43
CA ALA B 216 10.93 19.18 -39.98
C ALA B 216 9.80 18.44 -39.29
N ASP B 217 8.61 18.52 -39.91
CA ASP B 217 7.41 17.87 -39.41
C ASP B 217 7.59 16.37 -39.34
N THR B 218 7.87 15.74 -40.47
CA THR B 218 7.88 14.28 -40.52
C THR B 218 8.71 13.70 -39.36
N ILE B 219 9.72 14.45 -38.92
CA ILE B 219 10.52 14.07 -37.77
C ILE B 219 9.73 14.25 -36.45
N TYR B 220 9.00 15.37 -36.32
CA TYR B 220 8.20 15.65 -35.14
C TYR B 220 7.09 14.65 -34.97
N GLN B 221 6.61 14.15 -36.09
CA GLN B 221 5.51 13.21 -36.11
C GLN B 221 5.96 11.82 -35.69
N ILE B 222 7.10 11.39 -36.22
CA ILE B 222 7.61 10.04 -35.98
C ILE B 222 7.98 9.81 -34.53
N THR B 223 8.41 10.86 -33.86
CA THR B 223 8.86 10.75 -32.46
C THR B 223 7.75 11.11 -31.47
N ALA B 224 6.63 11.57 -32.04
CA ALA B 224 5.47 12.04 -31.28
C ALA B 224 5.89 13.19 -30.38
N THR B 225 6.87 14.32 -30.58
CA THR B 225 7.32 15.47 -29.81
C THR B 225 6.95 16.76 -30.53
N ALA B 226 6.15 17.58 -29.85
CA ALA B 226 5.54 18.77 -30.43
C ALA B 226 6.53 19.68 -31.12
N ARG B 227 6.09 20.28 -32.22
CA ARG B 227 6.80 21.41 -32.79
C ARG B 227 7.03 22.39 -31.64
N PRO B 228 8.29 22.80 -31.45
CA PRO B 228 8.62 23.77 -30.43
C PRO B 228 7.89 25.08 -30.62
N GLU B 229 7.42 25.37 -31.83
CA GLU B 229 6.60 26.55 -32.06
C GLU B 229 5.24 26.43 -31.37
N GLU B 230 4.72 25.20 -31.32
CA GLU B 230 3.40 24.92 -30.75
C GLU B 230 3.40 25.02 -29.24
N MET B 231 4.47 24.53 -28.60
CA MET B 231 4.64 24.63 -27.16
C MET B 231 4.63 26.09 -26.72
N THR B 232 5.53 26.87 -27.29
CA THR B 232 5.67 28.28 -26.89
C THR B 232 4.47 29.07 -27.34
N GLU B 233 3.57 28.42 -28.06
CA GLU B 233 2.25 28.99 -28.38
C GLU B 233 1.33 28.68 -27.21
N LEU B 234 1.21 27.38 -26.91
CA LEU B 234 0.42 26.88 -25.78
C LEU B 234 0.80 27.56 -24.46
N ILE B 235 2.08 27.60 -24.13
CA ILE B 235 2.53 28.29 -22.91
C ILE B 235 2.14 29.77 -22.99
N GLN B 236 2.26 30.36 -24.16
CA GLN B 236 1.99 31.78 -24.31
C GLN B 236 0.50 32.08 -24.19
N THR B 237 -0.33 31.38 -24.96
CA THR B 237 -1.79 31.59 -24.88
C THR B 237 -2.30 31.27 -23.49
N ALA B 238 -1.53 30.53 -22.72
CA ALA B 238 -1.87 30.27 -21.33
C ALA B 238 -1.56 31.51 -20.49
N LEU B 239 -0.34 32.02 -20.62
CA LEU B 239 0.13 33.15 -19.84
C LEU B 239 -0.69 34.41 -20.09
N LYS B 240 -1.24 34.53 -21.30
CA LYS B 240 -2.08 35.67 -21.66
C LYS B 240 -3.38 35.68 -20.85
N GLY B 241 -3.90 34.50 -20.54
CA GLY B 241 -5.14 34.39 -19.78
C GLY B 241 -6.18 33.50 -20.41
N ASN B 242 -5.93 33.06 -21.64
CA ASN B 242 -6.86 32.20 -22.38
C ASN B 242 -6.73 30.74 -22.00
N PHE B 243 -7.23 30.40 -20.82
CA PHE B 243 -7.13 29.03 -20.32
C PHE B 243 -7.77 28.01 -21.27
N MET B 244 -9.06 28.17 -21.55
CA MET B 244 -9.78 27.21 -22.38
C MET B 244 -9.08 26.98 -23.73
N GLU B 245 -8.50 28.04 -24.28
CA GLU B 245 -7.72 27.91 -25.51
C GLU B 245 -6.51 27.02 -25.27
N ALA B 246 -5.76 27.28 -24.21
CA ALA B 246 -4.54 26.54 -23.90
C ALA B 246 -4.84 25.05 -23.74
N ARG B 247 -5.93 24.78 -23.02
CA ARG B 247 -6.37 23.42 -22.77
C ARG B 247 -6.68 22.71 -24.08
N GLU B 248 -7.39 23.40 -24.96
CA GLU B 248 -7.65 22.90 -26.30
C GLU B 248 -6.35 22.49 -26.98
N LEU B 249 -5.37 23.39 -27.00
CA LEU B 249 -4.10 23.12 -27.67
C LEU B 249 -3.42 21.90 -27.11
N LEU B 250 -3.19 21.89 -25.79
CA LEU B 250 -2.53 20.79 -25.15
C LEU B 250 -3.24 19.48 -25.47
N ASP B 251 -4.57 19.50 -25.55
CA ASP B 251 -5.31 18.30 -25.93
C ASP B 251 -4.95 17.88 -27.34
N ARG B 252 -5.40 18.66 -28.32
CA ARG B 252 -5.04 18.46 -29.73
C ARG B 252 -3.62 17.97 -29.84
N LEU B 253 -2.75 18.67 -29.12
CA LEU B 253 -1.32 18.46 -29.15
C LEU B 253 -0.98 17.07 -28.67
N MET B 254 -1.67 16.65 -27.60
CA MET B 254 -1.35 15.39 -26.94
C MET B 254 -1.90 14.21 -27.69
N VAL B 255 -2.83 14.47 -28.60
CA VAL B 255 -3.38 13.40 -29.40
C VAL B 255 -2.63 13.29 -30.71
N GLU B 256 -2.27 14.43 -31.29
CA GLU B 256 -1.53 14.50 -32.56
C GLU B 256 -0.28 13.62 -32.57
N TYR B 257 0.51 13.69 -31.49
CA TYR B 257 1.76 12.93 -31.39
C TYR B 257 1.67 11.78 -30.39
N GLY B 258 0.83 11.94 -29.38
CA GLY B 258 0.52 10.84 -28.46
C GLY B 258 1.54 10.74 -27.35
N MET B 259 1.85 11.87 -26.74
CA MET B 259 2.86 11.96 -25.70
C MET B 259 2.33 11.56 -24.35
N SER B 260 3.24 11.11 -23.50
CA SER B 260 2.90 10.85 -22.11
C SER B 260 2.78 12.15 -21.30
N GLY B 261 2.46 12.04 -20.01
CA GLY B 261 2.45 13.20 -19.16
C GLY B 261 3.87 13.65 -18.87
N GLU B 262 4.74 12.67 -18.63
CA GLU B 262 6.16 12.93 -18.47
C GLU B 262 6.70 13.63 -19.73
N ASP B 263 6.37 13.07 -20.89
CA ASP B 263 6.78 13.64 -22.16
C ASP B 263 6.32 15.07 -22.33
N ILE B 264 5.06 15.36 -22.02
CA ILE B 264 4.61 16.73 -22.15
C ILE B 264 5.34 17.63 -21.18
N VAL B 265 5.51 17.15 -19.95
CA VAL B 265 6.09 17.98 -18.93
C VAL B 265 7.55 18.23 -19.29
N ALA B 266 8.15 17.26 -19.99
CA ALA B 266 9.52 17.41 -20.44
C ALA B 266 9.59 18.61 -21.40
N GLN B 267 8.82 18.56 -22.48
CA GLN B 267 8.84 19.63 -23.45
C GLN B 267 8.38 20.95 -22.79
N LEU B 268 7.38 20.87 -21.92
CA LEU B 268 6.97 22.08 -21.27
C LEU B 268 8.22 22.75 -20.71
N PHE B 269 9.01 21.97 -19.97
CA PHE B 269 10.27 22.42 -19.39
C PHE B 269 11.23 23.04 -20.41
N ARG B 270 11.66 22.25 -21.40
CA ARG B 270 12.56 22.72 -22.45
C ARG B 270 12.15 24.09 -22.96
N GLU B 271 10.89 24.24 -23.34
CA GLU B 271 10.41 25.49 -23.91
C GLU B 271 10.11 26.57 -22.89
N ILE B 272 10.08 26.20 -21.60
CA ILE B 272 9.95 27.20 -20.54
C ILE B 272 11.31 27.81 -20.32
N ILE B 273 12.35 27.01 -20.50
CA ILE B 273 13.73 27.47 -20.35
C ILE B 273 14.10 28.37 -21.50
N SER B 274 13.84 27.89 -22.71
CA SER B 274 14.24 28.57 -23.96
C SER B 274 13.33 29.73 -24.33
N MET B 275 12.35 30.02 -23.47
CA MET B 275 11.61 31.28 -23.53
C MET B 275 12.58 32.45 -23.37
N PRO B 276 12.31 33.58 -24.03
CA PRO B 276 13.08 34.77 -23.77
C PRO B 276 12.42 35.68 -22.73
N ILE B 277 11.95 35.11 -21.63
CA ILE B 277 11.29 35.88 -20.58
C ILE B 277 12.20 36.05 -19.34
N LYS B 278 11.83 36.99 -18.46
CA LYS B 278 12.61 37.34 -17.28
C LYS B 278 13.01 36.14 -16.43
N ASP B 279 14.23 36.18 -15.89
CA ASP B 279 14.69 35.18 -14.91
C ASP B 279 13.81 35.16 -13.65
N SER B 280 13.15 36.29 -13.40
CA SER B 280 12.25 36.46 -12.27
C SER B 280 11.00 35.59 -12.37
N LEU B 281 10.42 35.55 -13.57
CA LEU B 281 9.19 34.82 -13.81
C LEU B 281 9.46 33.35 -14.16
N LYS B 282 10.49 33.13 -14.97
CA LYS B 282 10.87 31.78 -15.41
C LYS B 282 10.92 30.82 -14.21
N VAL B 283 11.37 31.35 -13.07
CA VAL B 283 11.44 30.60 -11.82
C VAL B 283 10.06 30.12 -11.41
N GLN B 284 9.15 31.07 -11.21
CA GLN B 284 7.77 30.75 -10.85
C GLN B 284 7.24 29.57 -11.67
N LEU B 285 7.48 29.62 -12.97
CA LEU B 285 7.03 28.59 -13.87
C LEU B 285 7.71 27.26 -13.58
N ILE B 286 9.03 27.27 -13.59
CA ILE B 286 9.78 26.03 -13.37
C ILE B 286 9.51 25.37 -11.99
N ASP B 287 9.46 26.20 -10.95
CA ASP B 287 9.10 25.74 -9.61
C ASP B 287 7.81 24.91 -9.67
N LYS B 288 6.73 25.52 -10.15
CA LYS B 288 5.45 24.82 -10.27
C LYS B 288 5.57 23.57 -11.15
N LEU B 289 6.29 23.71 -12.27
CA LEU B 289 6.52 22.61 -13.19
C LEU B 289 7.20 21.46 -12.48
N GLY B 290 8.10 21.84 -11.57
CA GLY B 290 8.75 20.88 -10.68
C GLY B 290 7.69 20.20 -9.86
N GLU B 291 6.79 21.02 -9.30
CA GLU B 291 5.69 20.51 -8.49
C GLU B 291 4.85 19.51 -9.29
N VAL B 292 4.35 19.98 -10.44
CA VAL B 292 3.49 19.18 -11.31
C VAL B 292 4.14 17.87 -11.68
N ASP B 293 5.41 17.91 -12.07
CA ASP B 293 6.09 16.70 -12.48
C ASP B 293 6.10 15.68 -11.35
N PHE B 294 6.22 16.17 -10.11
CA PHE B 294 6.18 15.29 -8.97
C PHE B 294 4.81 14.66 -8.88
N ARG B 295 3.77 15.50 -8.78
CA ARG B 295 2.40 15.06 -8.68
C ARG B 295 2.18 13.88 -9.61
N LEU B 296 2.56 14.02 -10.87
CA LEU B 296 2.43 12.92 -11.83
C LEU B 296 3.14 11.64 -11.43
N THR B 297 4.42 11.72 -11.08
CA THR B 297 5.16 10.52 -10.74
C THR B 297 4.59 9.76 -9.55
N GLU B 298 3.95 10.47 -8.63
CA GLU B 298 3.26 9.84 -7.50
C GLU B 298 2.01 9.07 -7.95
N GLY B 299 1.51 9.41 -9.14
CA GLY B 299 0.37 8.70 -9.73
C GLY B 299 -0.88 9.52 -9.86
N ALA B 300 -0.81 10.81 -9.55
CA ALA B 300 -1.96 11.72 -9.69
C ALA B 300 -2.44 11.74 -11.12
N ASN B 301 -3.58 12.36 -11.37
CA ASN B 301 -4.20 12.32 -12.69
C ASN B 301 -3.59 13.26 -13.73
N GLU B 302 -2.95 12.65 -14.73
CA GLU B 302 -2.35 13.31 -15.87
C GLU B 302 -3.14 14.54 -16.31
N ARG B 303 -4.37 14.32 -16.80
CA ARG B 303 -5.16 15.39 -17.36
C ARG B 303 -5.39 16.54 -16.38
N ILE B 304 -5.67 16.20 -15.13
CA ILE B 304 -6.08 17.21 -14.16
C ILE B 304 -4.91 18.05 -13.66
N GLN B 305 -3.78 17.41 -13.43
CA GLN B 305 -2.59 18.13 -13.00
C GLN B 305 -2.01 19.02 -14.09
N LEU B 306 -2.07 18.53 -15.33
CA LEU B 306 -1.62 19.27 -16.49
C LEU B 306 -2.48 20.50 -16.76
N ASP B 307 -3.79 20.30 -16.87
CA ASP B 307 -4.69 21.42 -17.05
C ASP B 307 -4.58 22.35 -15.84
N ALA B 308 -4.45 21.77 -14.66
CA ALA B 308 -4.21 22.50 -13.44
C ALA B 308 -2.91 23.32 -13.47
N TYR B 309 -1.99 22.98 -14.37
CA TYR B 309 -0.75 23.75 -14.56
C TYR B 309 -0.94 24.87 -15.56
N LEU B 310 -1.86 24.66 -16.50
CA LEU B 310 -2.20 25.69 -17.44
C LEU B 310 -3.04 26.72 -16.71
N ALA B 311 -3.78 26.26 -15.71
CA ALA B 311 -4.43 27.15 -14.79
C ALA B 311 -3.39 28.02 -14.10
N TYR B 312 -2.40 27.40 -13.46
CA TYR B 312 -1.32 28.13 -12.78
C TYR B 312 -0.82 29.32 -13.58
N LEU B 313 -0.57 29.11 -14.87
CA LEU B 313 0.01 30.14 -15.72
C LEU B 313 -0.96 31.29 -15.98
N SER B 314 -2.25 30.97 -16.06
CA SER B 314 -3.24 31.96 -16.42
C SER B 314 -3.74 32.78 -15.24
N THR B 315 -3.13 32.58 -14.07
CA THR B 315 -3.35 33.46 -12.94
C THR B 315 -2.34 34.60 -13.00
N LEU B 316 -1.16 34.31 -13.55
CA LEU B 316 -0.06 35.27 -13.64
C LEU B 316 -0.26 36.29 -14.75
N ALA B 317 -1.52 36.52 -15.13
CA ALA B 317 -1.90 37.53 -16.14
C ALA B 317 -1.69 38.97 -15.61
N LYS B 318 -2.21 39.23 -14.41
CA LYS B 318 -2.04 40.53 -13.76
C LYS B 318 -1.29 40.40 -12.41
N LYS B 319 -0.41 39.55 -12.25
N ILE C 6 -24.72 -7.33 -33.67
CA ILE C 6 -23.54 -6.65 -33.02
C ILE C 6 -22.66 -5.78 -33.97
N TRP C 7 -23.26 -4.68 -34.40
CA TRP C 7 -22.75 -3.81 -35.47
C TRP C 7 -21.22 -3.57 -35.55
N VAL C 8 -20.56 -3.48 -34.41
CA VAL C 8 -19.13 -3.14 -34.39
C VAL C 8 -18.26 -4.25 -34.99
N GLU C 9 -18.84 -5.41 -35.28
CA GLU C 9 -18.08 -6.46 -35.97
C GLU C 9 -18.60 -6.66 -37.41
N LYS C 10 -19.94 -6.72 -37.54
CA LYS C 10 -20.61 -6.76 -38.83
C LYS C 10 -20.14 -5.65 -39.80
N TYR C 11 -19.39 -4.66 -39.28
CA TYR C 11 -18.89 -3.55 -40.10
C TYR C 11 -17.38 -3.35 -39.89
N ARG C 12 -16.75 -4.36 -39.30
CA ARG C 12 -15.30 -4.48 -39.23
C ARG C 12 -14.77 -4.28 -40.66
N PRO C 13 -13.95 -3.23 -40.87
CA PRO C 13 -13.44 -3.01 -42.24
C PRO C 13 -12.78 -4.27 -42.80
N ARG C 14 -12.92 -4.45 -44.12
CA ARG C 14 -12.48 -5.68 -44.80
C ARG C 14 -11.20 -5.48 -45.63
N THR C 15 -11.01 -4.25 -46.11
CA THR C 15 -9.80 -3.87 -46.84
C THR C 15 -9.26 -2.57 -46.22
N LEU C 16 -7.95 -2.34 -46.28
CA LEU C 16 -7.36 -1.09 -45.81
C LEU C 16 -8.14 0.17 -46.28
N ASP C 17 -8.60 0.16 -47.55
CA ASP C 17 -9.48 1.20 -48.13
C ASP C 17 -10.71 1.53 -47.29
N GLU C 18 -11.19 0.56 -46.50
CA GLU C 18 -12.42 0.71 -45.71
C GLU C 18 -12.22 1.22 -44.27
N VAL C 19 -10.96 1.34 -43.84
CA VAL C 19 -10.67 1.96 -42.55
C VAL C 19 -10.58 3.48 -42.75
N VAL C 20 -11.50 4.21 -42.14
CA VAL C 20 -11.65 5.63 -42.43
C VAL C 20 -10.93 6.50 -41.39
N GLY C 21 -10.72 7.77 -41.73
CA GLY C 21 -10.13 8.75 -40.81
C GLY C 21 -8.62 8.69 -40.61
N GLN C 22 -8.01 7.61 -41.11
CA GLN C 22 -6.61 7.36 -40.86
C GLN C 22 -5.78 7.33 -42.13
N ASP C 23 -6.15 8.16 -43.11
CA ASP C 23 -5.39 8.28 -44.36
C ASP C 23 -3.90 8.28 -44.09
N GLU C 24 -3.47 9.21 -43.24
CA GLU C 24 -2.10 9.32 -42.74
C GLU C 24 -1.38 7.98 -42.61
N VAL C 25 -2.01 7.02 -41.93
CA VAL C 25 -1.42 5.69 -41.72
C VAL C 25 -1.62 4.78 -42.93
N ILE C 26 -2.88 4.67 -43.38
CA ILE C 26 -3.26 3.71 -44.43
C ILE C 26 -2.63 4.01 -45.79
N GLN C 27 -2.63 5.28 -46.22
CA GLN C 27 -1.99 5.69 -47.47
C GLN C 27 -0.62 5.07 -47.64
N ARG C 28 0.17 5.05 -46.57
CA ARG C 28 1.49 4.44 -46.61
C ARG C 28 1.52 2.97 -46.16
N LEU C 29 0.46 2.53 -45.48
CA LEU C 29 0.32 1.13 -45.08
C LEU C 29 -0.11 0.29 -46.29
N LYS C 30 -0.68 0.97 -47.29
CA LYS C 30 -1.00 0.37 -48.58
C LYS C 30 0.28 0.02 -49.35
N GLY C 31 1.28 0.90 -49.24
CA GLY C 31 2.59 0.70 -49.87
C GLY C 31 3.37 -0.47 -49.31
N TYR C 32 2.70 -1.26 -48.49
CA TYR C 32 3.26 -2.50 -47.95
C TYR C 32 2.53 -3.72 -48.48
N VAL C 33 1.48 -3.50 -49.27
CA VAL C 33 0.73 -4.61 -49.90
C VAL C 33 1.10 -4.84 -51.36
N GLU C 34 1.59 -3.78 -52.01
CA GLU C 34 2.08 -3.87 -53.39
C GLU C 34 3.40 -4.62 -53.43
N ARG C 35 4.24 -4.39 -52.43
CA ARG C 35 5.57 -5.00 -52.34
C ARG C 35 5.55 -6.31 -51.54
N LYS C 36 4.49 -6.50 -50.75
CA LYS C 36 4.38 -7.61 -49.81
C LYS C 36 5.53 -7.64 -48.78
N ASN C 37 5.74 -6.49 -48.15
CA ASN C 37 6.65 -6.34 -47.02
C ASN C 37 5.87 -5.92 -45.79
N ILE C 38 6.22 -6.47 -44.64
CA ILE C 38 5.74 -6.00 -43.35
C ILE C 38 6.89 -6.12 -42.36
N PRO C 39 7.51 -5.00 -41.99
CA PRO C 39 8.40 -5.09 -40.85
C PRO C 39 7.50 -4.96 -39.64
N HIS C 40 7.83 -5.64 -38.55
CA HIS C 40 7.00 -5.57 -37.35
C HIS C 40 6.36 -4.19 -37.18
N LEU C 41 5.03 -4.18 -37.22
CA LEU C 41 4.25 -2.96 -37.12
C LEU C 41 4.02 -2.54 -35.68
N LEU C 42 4.12 -1.25 -35.42
CA LEU C 42 3.72 -0.71 -34.14
C LEU C 42 2.56 0.27 -34.35
N PHE C 43 1.42 -0.07 -33.76
CA PHE C 43 0.23 0.71 -33.88
C PHE C 43 0.04 1.46 -32.58
N SER C 44 0.10 2.78 -32.65
CA SER C 44 -0.16 3.59 -31.49
C SER C 44 -1.41 4.42 -31.70
N GLY C 45 -2.18 4.61 -30.63
CA GLY C 45 -3.32 5.52 -30.68
C GLY C 45 -4.36 5.24 -29.61
N PRO C 46 -5.30 6.18 -29.44
CA PRO C 46 -6.42 6.05 -28.52
C PRO C 46 -7.20 4.78 -28.83
N PRO C 47 -8.07 4.33 -27.89
CA PRO C 47 -8.78 3.11 -28.18
C PRO C 47 -9.99 3.41 -29.06
N GLY C 48 -10.34 2.47 -29.93
CA GLY C 48 -11.52 2.58 -30.76
C GLY C 48 -11.31 3.46 -31.95
N THR C 49 -10.11 3.39 -32.52
CA THR C 49 -9.75 4.23 -33.66
C THR C 49 -9.31 3.43 -34.86
N GLY C 50 -8.99 2.16 -34.63
CA GLY C 50 -8.82 1.24 -35.75
C GLY C 50 -7.55 0.45 -35.79
N LYS C 51 -6.83 0.41 -34.67
CA LYS C 51 -5.62 -0.37 -34.62
C LYS C 51 -5.90 -1.83 -34.96
N THR C 52 -6.82 -2.47 -34.24
CA THR C 52 -7.17 -3.87 -34.52
C THR C 52 -7.78 -4.01 -35.92
N ALA C 53 -8.61 -3.04 -36.31
CA ALA C 53 -9.31 -3.10 -37.58
C ALA C 53 -8.34 -3.17 -38.74
N THR C 54 -7.40 -2.24 -38.80
CA THR C 54 -6.48 -2.19 -39.93
C THR C 54 -5.50 -3.35 -39.87
N ALA C 55 -5.18 -3.81 -38.67
CA ALA C 55 -4.31 -4.96 -38.50
C ALA C 55 -5.03 -6.24 -38.91
N ILE C 56 -6.36 -6.20 -38.97
CA ILE C 56 -7.13 -7.27 -39.62
C ILE C 56 -7.11 -7.01 -41.12
N ALA C 57 -7.58 -5.84 -41.54
CA ALA C 57 -7.69 -5.48 -42.94
C ALA C 57 -6.33 -5.41 -43.64
N LEU C 58 -5.26 -5.44 -42.86
CA LEU C 58 -3.91 -5.53 -43.40
C LEU C 58 -3.57 -6.98 -43.67
N ALA C 59 -3.96 -7.85 -42.75
CA ALA C 59 -3.78 -9.29 -42.92
C ALA C 59 -4.77 -9.83 -43.95
N ARG C 60 -5.87 -9.12 -44.13
CA ARG C 60 -6.91 -9.54 -45.06
C ARG C 60 -6.57 -9.19 -46.50
N ASP C 61 -5.84 -8.09 -46.69
CA ASP C 61 -5.46 -7.63 -48.02
C ASP C 61 -4.21 -8.33 -48.56
N LEU C 62 -3.57 -9.14 -47.73
CA LEU C 62 -2.34 -9.81 -48.10
C LEU C 62 -2.48 -11.32 -48.26
N PHE C 63 -3.52 -11.89 -47.66
CA PHE C 63 -3.77 -13.33 -47.74
C PHE C 63 -5.00 -13.67 -48.58
N GLY C 64 -5.84 -12.66 -48.83
CA GLY C 64 -7.02 -12.82 -49.67
C GLY C 64 -8.18 -13.48 -48.95
N GLU C 65 -8.20 -14.81 -48.95
CA GLU C 65 -9.30 -15.57 -48.37
C GLU C 65 -8.85 -16.37 -47.15
N ASN C 66 -7.54 -16.58 -47.02
CA ASN C 66 -7.01 -17.48 -46.00
C ASN C 66 -6.27 -16.79 -44.85
N TRP C 67 -6.82 -15.67 -44.38
CA TRP C 67 -6.21 -14.95 -43.25
C TRP C 67 -6.50 -15.63 -41.90
N ARG C 68 -7.77 -15.94 -41.66
CA ARG C 68 -8.21 -16.52 -40.37
C ARG C 68 -7.31 -17.66 -39.88
N ASP C 69 -6.85 -18.50 -40.81
CA ASP C 69 -6.00 -19.65 -40.48
C ASP C 69 -4.66 -19.24 -39.88
N ASN C 70 -4.11 -18.13 -40.37
CA ASN C 70 -2.77 -17.70 -39.98
C ASN C 70 -2.77 -16.67 -38.84
N PHE C 71 -3.26 -15.48 -39.15
CA PHE C 71 -3.35 -14.37 -38.21
C PHE C 71 -4.09 -14.75 -36.94
N ILE C 72 -3.54 -14.37 -35.80
CA ILE C 72 -4.22 -14.53 -34.51
C ILE C 72 -4.00 -13.34 -33.59
N GLU C 73 -5.09 -12.88 -32.98
CA GLU C 73 -5.07 -11.77 -32.06
C GLU C 73 -5.08 -12.28 -30.62
N MET C 74 -4.21 -11.71 -29.78
CA MET C 74 -4.18 -12.06 -28.36
C MET C 74 -3.74 -10.88 -27.50
N ASN C 75 -4.37 -10.76 -26.34
CA ASN C 75 -4.08 -9.70 -25.39
C ASN C 75 -2.75 -9.95 -24.70
N ALA C 76 -1.88 -8.96 -24.77
CA ALA C 76 -0.50 -9.09 -24.29
C ALA C 76 -0.30 -8.79 -22.81
N SER C 77 -1.37 -8.38 -22.12
CA SER C 77 -1.26 -8.00 -20.71
C SER C 77 -1.51 -9.17 -19.72
N ASP C 78 -2.09 -10.26 -20.22
CA ASP C 78 -2.29 -11.49 -19.42
C ASP C 78 -0.93 -12.18 -19.22
N GLU C 79 -0.22 -11.79 -18.16
CA GLU C 79 1.24 -11.99 -17.97
C GLU C 79 1.89 -13.39 -18.07
N ARG C 80 1.08 -14.45 -17.96
CA ARG C 80 1.60 -15.83 -17.96
C ARG C 80 1.42 -16.56 -19.29
N GLY C 81 0.94 -15.84 -20.30
CA GLY C 81 0.57 -16.43 -21.59
C GLY C 81 1.43 -16.08 -22.80
N ILE C 82 2.39 -15.18 -22.61
CA ILE C 82 3.40 -14.89 -23.63
C ILE C 82 4.19 -16.17 -23.92
N ASP C 83 4.48 -16.90 -22.84
CA ASP C 83 5.29 -18.10 -22.88
C ASP C 83 4.48 -19.36 -23.18
N VAL C 84 3.17 -19.31 -22.91
CA VAL C 84 2.28 -20.44 -23.23
C VAL C 84 1.79 -20.38 -24.69
N VAL C 85 1.81 -19.18 -25.27
CA VAL C 85 1.53 -19.01 -26.70
C VAL C 85 2.84 -18.75 -27.44
N ARG C 86 3.74 -19.72 -27.33
CA ARG C 86 4.98 -19.77 -28.09
C ARG C 86 4.97 -21.01 -29.01
N HIS C 87 4.16 -22.00 -28.66
CA HIS C 87 3.96 -23.19 -29.51
C HIS C 87 3.07 -22.85 -30.71
N LYS C 88 2.32 -21.75 -30.59
CA LYS C 88 1.61 -21.16 -31.72
C LYS C 88 2.60 -20.37 -32.59
N ILE C 89 3.78 -20.08 -32.02
CA ILE C 89 4.82 -19.36 -32.76
C ILE C 89 5.64 -20.32 -33.64
N LYS C 90 5.75 -21.59 -33.23
CA LYS C 90 6.59 -22.58 -33.94
C LYS C 90 5.86 -23.38 -35.03
N GLU C 91 4.57 -23.65 -34.83
CA GLU C 91 3.71 -24.26 -35.85
C GLU C 91 3.40 -23.23 -36.95
N PHE C 92 3.32 -21.97 -36.54
CA PHE C 92 2.97 -20.83 -37.39
C PHE C 92 4.15 -20.33 -38.23
N ALA C 93 5.39 -20.58 -37.75
CA ALA C 93 6.60 -20.18 -38.46
C ALA C 93 7.14 -21.27 -39.40
N ARG C 94 6.77 -22.52 -39.12
CA ARG C 94 7.18 -23.64 -39.97
C ARG C 94 6.23 -23.81 -41.16
N THR C 95 4.98 -23.36 -41.02
CA THR C 95 4.01 -23.38 -42.11
C THR C 95 4.17 -22.15 -43.01
N ALA C 96 4.53 -22.39 -44.27
CA ALA C 96 4.67 -21.34 -45.28
C ALA C 96 3.28 -20.90 -45.75
N PRO C 97 3.07 -19.58 -45.90
CA PRO C 97 1.76 -19.06 -46.33
C PRO C 97 1.25 -19.81 -47.55
N ILE C 98 0.18 -20.57 -47.34
CA ILE C 98 -0.39 -21.43 -48.37
C ILE C 98 -1.01 -20.58 -49.49
N GLY C 99 -0.34 -20.58 -50.65
CA GLY C 99 -0.80 -19.80 -51.81
C GLY C 99 0.33 -19.27 -52.68
N GLY C 100 0.97 -18.19 -52.23
CA GLY C 100 2.09 -17.56 -52.94
C GLY C 100 2.68 -16.35 -52.23
N ALA C 101 2.61 -16.37 -50.90
CA ALA C 101 3.14 -15.29 -50.06
C ALA C 101 4.27 -15.81 -49.15
N PRO C 102 5.25 -14.94 -48.81
CA PRO C 102 6.37 -15.34 -47.94
C PRO C 102 6.13 -15.34 -46.41
N PHE C 103 5.35 -14.39 -45.91
CA PHE C 103 5.34 -14.07 -44.47
C PHE C 103 4.00 -14.23 -43.75
N LYS C 104 4.04 -14.18 -42.42
CA LYS C 104 2.85 -14.41 -41.57
C LYS C 104 2.78 -13.50 -40.34
N ILE C 105 1.56 -13.25 -39.84
CA ILE C 105 1.29 -12.16 -38.87
C ILE C 105 0.70 -12.58 -37.51
N ILE C 106 1.14 -11.90 -36.45
CA ILE C 106 0.59 -12.02 -35.08
C ILE C 106 0.31 -10.64 -34.49
N PHE C 107 -0.92 -10.42 -34.04
CA PHE C 107 -1.32 -9.14 -33.47
C PHE C 107 -1.30 -9.20 -31.95
N LEU C 108 -0.81 -8.13 -31.33
CA LEU C 108 -0.60 -8.11 -29.90
C LEU C 108 -1.20 -6.85 -29.27
N ASP C 109 -2.45 -6.94 -28.86
CA ASP C 109 -3.17 -5.82 -28.23
C ASP C 109 -2.59 -5.53 -26.85
N GLU C 110 -2.67 -4.28 -26.42
CA GLU C 110 -2.31 -3.87 -25.05
C GLU C 110 -0.83 -4.11 -24.70
N ALA C 111 0.04 -4.02 -25.71
CA ALA C 111 1.47 -4.23 -25.51
C ALA C 111 2.04 -3.32 -24.43
N ASP C 112 1.58 -2.07 -24.40
CA ASP C 112 2.07 -1.08 -23.44
C ASP C 112 1.55 -1.28 -22.00
N ALA C 113 1.47 -2.54 -21.57
CA ALA C 113 1.09 -2.86 -20.20
C ALA C 113 2.18 -3.66 -19.51
N LEU C 114 3.15 -4.12 -20.28
CA LEU C 114 4.22 -4.98 -19.79
C LEU C 114 5.45 -4.21 -19.31
N THR C 115 6.07 -4.70 -18.24
CA THR C 115 7.33 -4.14 -17.75
C THR C 115 8.48 -4.67 -18.62
N ALA C 116 9.61 -3.96 -18.60
CA ALA C 116 10.75 -4.21 -19.49
C ALA C 116 10.99 -5.65 -19.96
N ASP C 117 10.82 -6.60 -19.04
CA ASP C 117 11.22 -7.99 -19.24
C ASP C 117 10.56 -8.72 -20.41
N ALA C 118 9.26 -8.95 -20.32
CA ALA C 118 8.51 -9.74 -21.30
C ALA C 118 8.71 -9.23 -22.73
N GLN C 119 8.96 -7.93 -22.83
CA GLN C 119 9.14 -7.25 -24.11
C GLN C 119 10.30 -7.83 -24.92
N ALA C 120 11.38 -8.19 -24.23
CA ALA C 120 12.55 -8.78 -24.88
C ALA C 120 12.23 -10.05 -25.66
N ALA C 121 11.44 -10.94 -25.06
CA ALA C 121 11.16 -12.27 -25.62
C ALA C 121 10.64 -12.25 -27.06
N LEU C 122 10.20 -11.07 -27.49
CA LEU C 122 9.78 -10.84 -28.88
C LEU C 122 10.95 -11.02 -29.83
N ARG C 123 12.11 -10.51 -29.41
CA ARG C 123 13.28 -10.35 -30.27
C ARG C 123 13.88 -11.65 -30.83
N ARG C 124 13.80 -12.74 -30.06
CA ARG C 124 14.37 -14.03 -30.48
C ARG C 124 13.42 -14.82 -31.38
N THR C 125 12.49 -14.07 -31.98
CA THR C 125 11.54 -14.58 -32.94
C THR C 125 11.39 -13.52 -34.04
N MET C 126 12.11 -12.41 -33.88
CA MET C 126 12.17 -11.34 -34.88
C MET C 126 13.30 -11.61 -35.88
N GLU C 127 14.52 -11.73 -35.38
CA GLU C 127 15.68 -12.06 -36.23
C GLU C 127 15.70 -13.52 -36.70
N MET C 128 14.99 -14.38 -35.98
CA MET C 128 14.83 -15.78 -36.39
C MET C 128 13.59 -15.95 -37.25
N TYR C 129 12.57 -15.11 -37.03
CA TYR C 129 11.40 -15.08 -37.90
C TYR C 129 11.08 -13.68 -38.42
N SER C 130 11.81 -13.24 -39.43
CA SER C 130 11.43 -12.11 -40.27
C SER C 130 11.36 -12.60 -41.72
N LYS C 131 11.71 -13.88 -41.90
CA LYS C 131 11.52 -14.59 -43.17
C LYS C 131 10.35 -15.57 -43.02
N SER C 132 9.56 -15.40 -41.95
CA SER C 132 8.37 -16.23 -41.70
C SER C 132 7.31 -15.53 -40.81
N CYS C 133 7.74 -15.01 -39.66
CA CYS C 133 6.83 -14.34 -38.71
C CYS C 133 6.89 -12.81 -38.75
N ARG C 134 5.82 -12.18 -38.28
CA ARG C 134 5.73 -10.72 -38.15
C ARG C 134 4.75 -10.32 -37.06
N PHE C 135 5.10 -9.28 -36.30
CA PHE C 135 4.27 -8.81 -35.20
C PHE C 135 3.64 -7.45 -35.48
N ILE C 136 2.39 -7.28 -35.08
CA ILE C 136 1.78 -5.96 -35.03
C ILE C 136 1.44 -5.65 -33.58
N LEU C 137 2.02 -4.56 -33.07
CA LEU C 137 1.88 -4.19 -31.67
C LEU C 137 0.99 -2.97 -31.48
N SER C 138 -0.15 -3.18 -30.83
CA SER C 138 -1.05 -2.09 -30.50
C SER C 138 -0.68 -1.58 -29.13
N CYS C 139 -0.67 -0.26 -29.00
CA CYS C 139 -0.40 0.39 -27.73
C CYS C 139 -1.06 1.74 -27.71
N ASN C 140 -1.39 2.22 -26.51
CA ASN C 140 -2.03 3.50 -26.33
C ASN C 140 -1.07 4.62 -26.69
N TYR C 141 0.17 4.53 -26.22
CA TYR C 141 1.22 5.52 -26.55
C TYR C 141 2.53 4.84 -26.88
N VAL C 142 3.21 5.35 -27.91
CA VAL C 142 4.52 4.84 -28.32
C VAL C 142 5.56 4.98 -27.21
N SER C 143 5.52 6.12 -26.51
CA SER C 143 6.43 6.40 -25.41
C SER C 143 6.53 5.25 -24.41
N ARG C 144 5.50 4.44 -24.31
CA ARG C 144 5.40 3.41 -23.28
C ARG C 144 5.95 2.04 -23.70
N ILE C 145 6.56 1.96 -24.88
CA ILE C 145 7.22 0.74 -25.35
C ILE C 145 8.73 0.96 -25.39
N ILE C 146 9.45 0.23 -24.55
CA ILE C 146 10.90 0.37 -24.45
C ILE C 146 11.56 0.36 -25.82
N GLU C 147 12.61 1.16 -25.95
CA GLU C 147 13.22 1.44 -27.24
C GLU C 147 13.63 0.19 -28.06
N PRO C 148 14.33 -0.79 -27.45
CA PRO C 148 14.74 -1.99 -28.20
C PRO C 148 13.66 -2.65 -29.06
N ILE C 149 12.40 -2.22 -28.96
CA ILE C 149 11.33 -2.74 -29.82
C ILE C 149 10.95 -1.74 -30.91
N GLN C 150 10.71 -0.49 -30.53
CA GLN C 150 10.51 0.59 -31.50
C GLN C 150 11.61 0.51 -32.55
N SER C 151 12.79 0.09 -32.08
CA SER C 151 13.97 -0.13 -32.88
C SER C 151 13.65 -0.98 -34.09
N ARG C 152 12.95 -2.09 -33.87
CA ARG C 152 12.64 -3.04 -34.93
C ARG C 152 11.23 -2.89 -35.50
N CYS C 153 10.64 -1.72 -35.31
CA CYS C 153 9.25 -1.51 -35.72
C CYS C 153 9.06 -0.32 -36.64
N ALA C 154 8.24 -0.51 -37.67
CA ALA C 154 7.68 0.61 -38.41
C ALA C 154 6.46 1.10 -37.62
N VAL C 155 6.47 2.38 -37.24
CA VAL C 155 5.49 2.92 -36.30
C VAL C 155 4.34 3.67 -36.99
N PHE C 156 3.14 3.54 -36.43
CA PHE C 156 1.94 4.20 -36.95
C PHE C 156 1.09 4.81 -35.83
N ARG C 157 0.95 6.13 -35.85
CA ARG C 157 0.17 6.81 -34.82
C ARG C 157 -1.25 7.07 -35.31
N PHE C 158 -2.19 6.27 -34.79
CA PHE C 158 -3.61 6.46 -35.05
C PHE C 158 -4.12 7.67 -34.29
N LYS C 159 -4.75 8.56 -35.04
CA LYS C 159 -5.34 9.76 -34.47
C LYS C 159 -6.80 9.45 -34.19
N PRO C 160 -7.41 10.16 -33.22
CA PRO C 160 -8.83 9.94 -32.99
C PRO C 160 -9.67 10.27 -34.27
N VAL C 161 -10.31 9.27 -34.95
CA VAL C 161 -11.16 9.46 -36.18
C VAL C 161 -11.91 10.82 -36.25
N PRO C 162 -12.48 11.79 -36.34
CA PRO C 162 -13.13 13.11 -36.21
C PRO C 162 -14.64 12.99 -36.28
N LYS C 163 -15.32 14.13 -36.27
CA LYS C 163 -16.78 14.12 -36.23
C LYS C 163 -17.39 13.53 -37.50
N GLU C 164 -17.23 14.20 -38.64
CA GLU C 164 -17.98 13.90 -39.86
C GLU C 164 -17.66 12.52 -40.44
N ALA C 165 -16.41 12.11 -40.30
CA ALA C 165 -15.96 10.81 -40.80
C ALA C 165 -16.64 9.66 -40.07
N MET C 166 -16.80 9.79 -38.76
CA MET C 166 -17.49 8.80 -37.94
C MET C 166 -19.00 8.89 -38.15
N LYS C 167 -19.52 10.10 -38.01
CA LYS C 167 -20.94 10.36 -38.24
C LYS C 167 -21.40 9.73 -39.55
N LYS C 168 -20.60 9.86 -40.60
CA LYS C 168 -20.92 9.19 -41.86
C LYS C 168 -20.98 7.66 -41.67
N ARG C 169 -19.89 7.07 -41.20
CA ARG C 169 -19.83 5.61 -41.01
C ARG C 169 -20.95 5.13 -40.12
N LEU C 170 -21.30 5.91 -39.10
CA LEU C 170 -22.40 5.53 -38.22
C LEU C 170 -23.70 5.42 -38.99
N LEU C 171 -23.96 6.40 -39.85
CA LEU C 171 -25.15 6.37 -40.67
C LEU C 171 -25.20 5.14 -41.58
N GLU C 172 -24.09 4.81 -42.21
CA GLU C 172 -24.00 3.64 -43.07
C GLU C 172 -24.30 2.36 -42.30
N ILE C 173 -23.78 2.26 -41.06
CA ILE C 173 -24.10 1.12 -40.21
C ILE C 173 -25.60 1.06 -39.98
N CYS C 174 -26.26 2.21 -40.03
CA CYS C 174 -27.68 2.30 -39.71
C CYS C 174 -28.57 2.01 -40.91
N GLU C 175 -28.44 2.79 -41.98
CA GLU C 175 -29.25 2.57 -43.15
C GLU C 175 -29.20 1.09 -43.57
N LYS C 176 -28.04 0.46 -43.38
CA LYS C 176 -27.81 -0.96 -43.70
C LYS C 176 -28.27 -1.93 -42.61
N GLU C 177 -28.99 -1.41 -41.61
CA GLU C 177 -29.46 -2.21 -40.49
C GLU C 177 -30.82 -1.75 -40.01
N GLY C 178 -31.46 -0.89 -40.78
CA GLY C 178 -32.83 -0.46 -40.54
C GLY C 178 -33.04 0.15 -39.16
N VAL C 179 -32.17 1.09 -38.82
CA VAL C 179 -32.24 1.80 -37.56
C VAL C 179 -32.52 3.27 -37.87
N LYS C 180 -33.39 3.87 -37.07
CA LYS C 180 -33.77 5.26 -37.31
C LYS C 180 -33.19 6.17 -36.26
N ILE C 181 -31.98 6.70 -36.49
CA ILE C 181 -31.43 7.68 -35.57
C ILE C 181 -31.95 9.02 -36.04
N THR C 182 -32.15 9.94 -35.11
CA THR C 182 -32.36 11.33 -35.46
C THR C 182 -31.00 12.04 -35.60
N GLU C 183 -31.00 13.32 -35.95
CA GLU C 183 -29.78 14.09 -35.91
C GLU C 183 -29.30 14.26 -34.48
N ASP C 184 -30.24 14.51 -33.57
CA ASP C 184 -30.00 14.59 -32.12
C ASP C 184 -29.23 13.39 -31.54
N GLY C 185 -29.72 12.19 -31.88
CA GLY C 185 -29.14 10.94 -31.41
C GLY C 185 -27.83 10.59 -32.08
N LEU C 186 -27.58 11.21 -33.21
CA LEU C 186 -26.30 11.02 -33.86
C LEU C 186 -25.25 11.89 -33.14
N GLU C 187 -25.50 13.20 -33.11
CA GLU C 187 -24.66 14.16 -32.40
C GLU C 187 -24.39 13.69 -30.99
N ALA C 188 -25.42 13.17 -30.33
CA ALA C 188 -25.27 12.65 -28.97
C ALA C 188 -24.43 11.39 -28.97
N LEU C 189 -24.60 10.54 -29.97
CA LEU C 189 -23.84 9.30 -30.08
C LEU C 189 -22.33 9.57 -30.22
N ILE C 190 -21.98 10.84 -30.23
CA ILE C 190 -20.62 11.23 -30.54
C ILE C 190 -19.98 11.97 -29.38
N TYR C 191 -20.79 12.78 -28.69
CA TYR C 191 -20.48 13.29 -27.36
C TYR C 191 -19.98 12.11 -26.50
N ILE C 192 -20.81 11.05 -26.46
CA ILE C 192 -20.50 9.74 -25.90
C ILE C 192 -19.16 9.16 -26.35
N SER C 193 -19.00 9.02 -27.66
CA SER C 193 -17.91 8.27 -28.27
C SER C 193 -16.49 8.73 -27.89
N GLY C 194 -16.32 10.01 -27.58
CA GLY C 194 -14.99 10.55 -27.31
C GLY C 194 -14.08 10.43 -28.52
N GLY C 195 -14.70 10.12 -29.66
CA GLY C 195 -13.97 9.85 -30.90
C GLY C 195 -13.44 8.44 -30.89
N ASP C 196 -14.23 7.53 -30.33
CA ASP C 196 -13.79 6.17 -30.17
C ASP C 196 -14.92 5.32 -30.70
N PHE C 197 -14.63 4.65 -31.82
CA PHE C 197 -15.63 3.90 -32.58
C PHE C 197 -16.25 2.79 -31.78
N ARG C 198 -15.40 1.91 -31.25
CA ARG C 198 -15.87 0.79 -30.44
C ARG C 198 -16.97 1.30 -29.53
N LYS C 199 -16.67 2.37 -28.79
CA LYS C 199 -17.63 2.99 -27.88
C LYS C 199 -18.90 3.42 -28.60
N ALA C 200 -18.73 4.17 -29.69
CA ALA C 200 -19.84 4.64 -30.51
C ALA C 200 -20.67 3.51 -31.08
N ILE C 201 -20.05 2.61 -31.85
CA ILE C 201 -20.75 1.49 -32.49
C ILE C 201 -21.52 0.67 -31.45
N ASN C 202 -20.79 0.17 -30.46
CA ASN C 202 -21.40 -0.55 -29.35
C ASN C 202 -22.63 0.13 -28.77
N ALA C 203 -22.56 1.45 -28.58
CA ALA C 203 -23.69 2.19 -28.06
C ALA C 203 -24.83 2.06 -29.04
N LEU C 204 -24.63 2.56 -30.27
CA LEU C 204 -25.64 2.49 -31.33
C LEU C 204 -26.32 1.14 -31.36
N GLN C 205 -25.51 0.09 -31.50
CA GLN C 205 -25.97 -1.31 -31.42
C GLN C 205 -26.94 -1.54 -30.28
N GLY C 206 -26.57 -1.10 -29.08
CA GLY C 206 -27.42 -1.24 -27.90
C GLY C 206 -28.72 -0.45 -27.95
N ALA C 207 -28.70 0.69 -28.64
CA ALA C 207 -29.90 1.50 -28.78
C ALA C 207 -30.78 0.95 -29.91
N ALA C 208 -30.15 0.24 -30.84
CA ALA C 208 -30.86 -0.37 -31.96
C ALA C 208 -31.67 -1.58 -31.52
N ALA C 209 -31.13 -2.32 -30.54
CA ALA C 209 -31.78 -3.51 -30.00
C ALA C 209 -33.16 -3.20 -29.43
N ILE C 210 -33.34 -1.99 -28.92
CA ILE C 210 -34.60 -1.58 -28.30
C ILE C 210 -35.65 -1.24 -29.35
N GLY C 211 -36.69 -0.52 -28.92
CA GLY C 211 -37.83 -0.20 -29.77
C GLY C 211 -37.64 1.00 -30.67
N GLU C 212 -37.20 0.73 -31.89
CA GLU C 212 -37.25 1.71 -32.97
C GLU C 212 -36.41 2.97 -32.74
N VAL C 213 -37.02 4.14 -32.96
CA VAL C 213 -36.36 5.44 -33.08
C VAL C 213 -35.26 5.66 -32.05
N VAL C 214 -34.10 6.11 -32.53
CA VAL C 214 -32.96 6.38 -31.66
C VAL C 214 -32.82 7.88 -31.43
N ASP C 215 -33.39 8.29 -30.30
CA ASP C 215 -33.44 9.67 -29.85
C ASP C 215 -32.08 10.04 -29.27
N ALA C 216 -31.88 11.34 -29.04
CA ALA C 216 -30.71 11.86 -28.31
C ALA C 216 -30.64 11.20 -26.95
N ASP C 217 -31.79 11.14 -26.28
CA ASP C 217 -31.93 10.55 -24.96
C ASP C 217 -31.54 9.09 -24.97
N THR C 218 -32.23 8.28 -25.78
CA THR C 218 -32.02 6.84 -25.72
C THR C 218 -30.53 6.50 -25.75
N ILE C 219 -29.74 7.33 -26.42
CA ILE C 219 -28.29 7.18 -26.43
C ILE C 219 -27.66 7.55 -25.07
N TYR C 220 -28.13 8.65 -24.47
CA TYR C 220 -27.63 9.12 -23.18
C TYR C 220 -27.94 8.12 -22.09
N GLN C 221 -29.05 7.41 -22.26
CA GLN C 221 -29.51 6.46 -21.28
C GLN C 221 -28.69 5.17 -21.34
N ILE C 222 -28.44 4.69 -22.55
CA ILE C 222 -27.75 3.42 -22.77
C ILE C 222 -26.32 3.45 -22.29
N THR C 223 -25.70 4.61 -22.35
CA THR C 223 -24.28 4.75 -21.96
C THR C 223 -24.13 5.24 -20.52
N ALA C 224 -25.27 5.56 -19.91
CA ALA C 224 -25.35 6.11 -18.57
C ALA C 224 -24.56 7.42 -18.51
N THR C 225 -26.26 8.24 -19.47
CA THR C 225 -25.30 9.30 -19.26
C THR C 225 -25.93 10.66 -19.53
N ALA C 226 -25.96 11.50 -18.51
CA ALA C 226 -26.68 12.77 -18.51
C ALA C 226 -26.37 13.62 -19.72
N ARG C 227 -27.39 14.31 -20.22
CA ARG C 227 -27.18 15.41 -21.14
C ARG C 227 -26.12 16.31 -20.50
N PRO C 228 -25.05 16.61 -21.24
CA PRO C 228 -24.02 17.51 -20.76
C PRO C 228 -24.55 18.87 -20.41
N GLU C 229 -25.69 19.25 -20.95
CA GLU C 229 -26.32 20.50 -20.57
C GLU C 229 -26.83 20.46 -19.13
N GLU C 230 -27.27 19.29 -18.70
CA GLU C 230 -27.86 19.07 -17.37
C GLU C 230 -26.79 19.09 -16.29
N MET C 231 -25.64 18.49 -16.57
CA MET C 231 -24.50 18.50 -15.66
C MET C 231 -24.06 19.92 -15.36
N THR C 232 -23.75 20.68 -16.41
CA THR C 232 -23.23 22.03 -16.25
C THR C 232 -24.33 22.95 -15.76
N GLU C 233 -25.53 22.40 -15.63
CA GLU C 233 -26.63 23.09 -14.95
C GLU C 233 -26.51 22.79 -13.47
N LEU C 234 -26.52 21.51 -13.14
CA LEU C 234 -26.33 21.00 -11.78
C LEU C 234 -25.10 21.58 -11.10
N ILE C 235 -23.93 21.51 -11.76
CA ILE C 235 -22.70 22.10 -11.21
C ILE C 235 -22.89 23.60 -11.01
N GLN C 236 -23.58 24.24 -11.96
CA GLN C 236 -23.74 25.68 -11.90
C GLN C 236 -24.68 26.09 -10.78
N THR C 237 -25.88 25.49 -10.74
CA THR C 237 -26.84 25.82 -9.68
C THR C 237 -26.28 25.48 -8.31
N ALA C 238 -25.26 24.62 -8.28
CA ALA C 238 -24.55 24.33 -7.05
C ALA C 238 -23.64 25.50 -6.68
N LEU C 239 -22.81 25.91 -7.64
CA LEU C 239 -21.83 26.97 -7.43
C LEU C 239 -22.47 28.29 -7.06
N LYS C 240 -23.69 28.51 -7.55
CA LYS C 240 -24.42 29.74 -7.23
C LYS C 240 -24.79 29.82 -5.75
N GLY C 241 -25.06 28.66 -5.15
CA GLY C 241 -25.42 28.61 -3.74
C GLY C 241 -26.69 27.84 -3.44
N ASN C 242 -27.40 27.45 -4.49
CA ASN C 242 -28.66 26.71 -4.36
C ASN C 242 -28.43 25.22 -4.15
N PHE C 243 -28.01 24.87 -2.95
CA PHE C 243 -27.72 23.48 -2.64
C PHE C 243 -28.93 22.56 -2.85
N MET C 244 -30.03 22.83 -2.16
CA MET C 244 -31.22 21.98 -2.25
C MET C 244 -31.67 21.77 -3.68
N GLU C 245 -31.54 22.79 -4.50
CA GLU C 245 -31.85 22.67 -5.93
C GLU C 245 -30.91 21.67 -6.58
N ALA C 246 -29.61 21.83 -6.34
CA ALA C 246 -28.60 20.97 -6.97
C ALA C 246 -28.84 19.51 -6.60
N ARG C 247 -29.14 19.28 -5.32
CA ARG C 247 -29.41 17.94 -4.81
C ARG C 247 -30.61 17.34 -5.52
N GLU C 248 -31.67 18.14 -5.67
CA GLU C 248 -32.82 17.72 -6.45
C GLU C 248 -32.41 17.24 -7.83
N LEU C 249 -31.64 18.07 -8.55
CA LEU C 249 -31.22 17.74 -9.91
C LEU C 249 -30.46 16.43 -9.95
N LEU C 250 -29.39 16.34 -9.18
CA LEU C 250 -28.57 15.15 -9.14
C LEU C 250 -29.42 13.92 -8.86
N ASP C 251 -30.42 14.05 -7.98
CA ASP C 251 -31.33 12.93 -7.73
C ASP C 251 -32.09 12.57 -8.97
N ARG C 252 -33.03 13.43 -9.38
CA ARG C 252 -33.77 13.26 -10.64
C ARG C 252 -32.88 12.68 -11.70
N LEU C 253 -31.69 13.26 -11.81
CA LEU C 253 -30.71 12.95 -12.83
C LEU C 253 -30.27 11.51 -12.68
N MET C 254 -30.06 11.09 -11.44
CA MET C 254 -29.49 9.78 -11.16
C MET C 254 -30.51 8.69 -11.29
N VAL C 255 -31.78 9.07 -11.29
CA VAL C 255 -32.83 8.09 -11.47
C VAL C 255 -33.22 7.98 -12.92
N GLU C 256 -33.26 9.12 -13.61
CA GLU C 256 -33.61 9.20 -15.04
C GLU C 256 -32.80 8.22 -15.91
N TYR C 257 -31.49 8.17 -15.69
CA TYR C 257 -30.59 7.31 -16.47
C TYR C 257 -30.07 6.12 -15.68
N GLY C 258 -29.96 6.29 -14.36
CA GLY C 258 -29.63 5.18 -13.46
C GLY C 258 -28.15 4.93 -13.38
N MET C 259 -27.40 6.00 -13.18
CA MET C 259 -25.95 5.96 -13.14
C MET C 259 -25.43 5.53 -11.80
N SER C 260 -24.22 4.96 -11.80
CA SER C 260 -23.53 4.66 -10.57
C SER C 260 -22.93 5.92 -9.93
N GLY C 261 -22.27 5.76 -8.79
CA GLY C 261 -21.57 6.88 -8.19
C GLY C 261 -20.32 7.20 -8.97
N GLU C 262 -19.62 6.15 -9.39
CA GLU C 262 -18.49 6.27 -10.27
C GLU C 262 -18.90 7.00 -11.56
N ASP C 263 -20.00 6.52 -12.16
CA ASP C 263 -20.53 7.13 -13.36
C ASP C 263 -20.84 8.59 -13.19
N ILE C 264 -21.50 8.97 -12.09
CA ILE C 264 -21.78 10.38 -11.90
C ILE C 264 -20.50 11.16 -11.72
N VAL C 265 -19.57 10.61 -10.96
CA VAL C 265 -18.37 11.34 -10.65
C VAL C 265 -17.56 11.48 -11.93
N ALA C 266 -17.71 10.50 -12.83
CA ALA C 266 -17.04 10.57 -14.11
C ALA C 266 -17.53 11.81 -14.87
N GLN C 267 -18.83 11.88 -15.10
CA GLN C 267 -19.40 13.00 -15.83
C GLN C 267 -19.15 14.30 -15.07
N LEU C 268 -19.26 14.26 -13.75
CA LEU C 268 -18.99 15.47 -13.02
C LEU C 268 -17.66 16.00 -13.49
N PHE C 269 -16.64 15.13 -13.50
CA PHE C 269 -15.29 15.44 -13.97
C PHE C 269 -15.26 16.03 -15.38
N ARG C 270 -15.71 15.26 -16.38
CA ARG C 270 -15.76 15.72 -17.77
C ARG C 270 -16.29 17.14 -17.89
N GLU C 271 -17.43 17.41 -17.27
CA GLU C 271 -18.05 18.73 -17.37
C GLU C 271 -17.45 19.76 -16.44
N ILE C 272 -16.60 19.34 -15.50
CA ILE C 272 -15.88 20.28 -14.67
C ILE C 272 -14.69 20.77 -15.47
N ILE C 273 -14.15 19.90 -16.30
CA ILE C 273 -13.02 20.24 -17.17
C ILE C 273 -13.47 21.17 -18.27
N SER C 274 -14.56 20.78 -18.94
CA SER C 274 -15.06 21.48 -20.12
C SER C 274 -15.87 22.72 -19.78
N MET C 275 -15.93 23.05 -18.50
CA MET C 275 -16.38 24.37 -18.04
C MET C 275 -15.46 25.45 -18.62
N PRO C 276 -16.02 26.62 -18.92
CA PRO C 276 -15.17 27.73 -19.31
C PRO C 276 -14.84 28.64 -18.11
N ILE C 277 -14.45 28.05 -16.98
CA ILE C 277 -14.12 28.82 -15.78
C ILE C 277 -12.61 28.85 -15.53
N LYS C 278 -12.16 29.77 -14.66
CA LYS C 278 -10.75 29.99 -14.37
C LYS C 278 -9.99 28.72 -14.01
N ASP C 279 -8.74 28.64 -14.47
CA ASP C 279 -7.83 27.55 -14.08
C ASP C 279 -7.58 27.54 -12.57
N SER C 280 -7.78 28.70 -11.94
CA SER C 280 -7.61 28.89 -10.50
C SER C 280 -8.66 28.12 -9.70
N LEU C 281 -9.91 28.19 -10.15
CA LEU C 281 -11.02 27.58 -9.45
C LEU C 281 -11.21 26.12 -9.86
N LYS C 282 -11.07 25.85 -11.16
CA LYS C 282 -11.22 24.50 -11.70
C LYS C 282 -10.43 23.48 -10.87
N VAL C 283 -9.29 23.92 -10.37
CA VAL C 283 -8.43 23.09 -9.51
C VAL C 283 -9.17 22.71 -8.25
N GLN C 284 -9.59 23.71 -7.49
CA GLN C 284 -10.35 23.48 -6.26
C GLN C 284 -11.42 22.40 -6.45
N LEU C 285 -12.15 22.51 -7.55
CA LEU C 285 -13.19 21.55 -7.86
C LEU C 285 -12.62 20.16 -8.11
N ILE C 286 -11.69 20.06 -9.05
CA ILE C 286 -11.13 18.75 -9.37
C ILE C 286 -10.42 18.05 -8.18
N ASP C 287 -9.65 18.82 -7.42
CA ASP C 287 -9.02 18.33 -6.20
C ASP C 287 -10.06 17.61 -5.34
N LYS C 288 -11.11 18.33 -4.94
CA LYS C 288 -12.17 17.74 -4.11
C LYS C 288 -12.81 16.54 -4.81
N LEU C 289 -13.06 16.68 -6.12
CA LEU C 289 -13.64 15.61 -6.92
C LEU C 289 -12.76 14.37 -6.86
N GLY C 290 -11.46 14.62 -6.84
CA GLY C 290 -10.47 13.57 -6.64
C GLY C 290 -10.71 12.94 -5.29
N GLU C 291 -10.90 13.79 -4.29
CA GLU C 291 -11.17 13.34 -2.93
C GLU C 291 -12.42 12.45 -2.90
N VAL C 292 -13.53 13.01 -3.38
CA VAL C 292 -14.81 12.34 -3.40
C VAL C 292 -14.74 10.99 -4.09
N ASP C 293 -14.10 10.96 -5.25
CA ASP C 293 -14.01 9.71 -5.99
C ASP C 293 -13.30 8.64 -5.17
N PHE C 294 -12.32 9.06 -4.38
CA PHE C 294 -11.64 8.12 -3.52
C PHE C 294 -12.62 7.60 -2.48
N ARG C 295 -13.20 8.52 -1.71
CA ARG C 295 -14.16 8.18 -0.67
C ARG C 295 -15.08 7.08 -1.16
N LEU C 296 -15.67 7.26 -2.34
CA LEU C 296 -16.53 6.23 -2.91
C LEU C 296 -15.85 4.87 -3.09
N THR C 297 -14.70 4.82 -3.74
CA THR C 297 -14.05 3.55 -4.00
C THR C 297 -13.70 2.78 -2.72
N GLU C 298 -13.45 3.50 -1.62
CA GLU C 298 -13.22 2.85 -0.33
C GLU C 298 -14.49 2.22 0.23
N GLY C 299 -15.64 2.66 -0.28
CA GLY C 299 -16.92 2.07 0.11
C GLY C 299 -17.83 3.00 0.88
N ALA C 300 -17.43 4.26 1.03
CA ALA C 300 -18.27 5.27 1.70
C ALA C 300 -19.61 5.41 1.00
N ASN C 301 -20.54 6.13 1.62
CA ASN C 301 -21.90 6.20 1.10
C ASN C 301 -22.10 7.14 -0.09
N GLU C 302 -22.40 6.53 -1.24
CA GLU C 302 -22.71 7.20 -2.49
C GLU C 302 -23.46 8.52 -2.28
N ARG C 303 -24.68 8.42 -1.76
CA ARG C 303 -25.55 9.58 -1.63
C ARG C 303 -24.92 10.68 -0.79
N ILE C 304 -24.28 10.30 0.31
CA ILE C 304 -23.80 11.30 1.27
C ILE C 304 -22.55 12.01 0.80
N GLN C 305 -21.64 11.27 0.17
CA GLN C 305 -20.42 11.87 -0.34
C GLN C 305 -20.69 12.77 -1.55
N LEU C 306 -21.63 12.35 -2.39
CA LEU C 306 -22.06 13.11 -3.55
C LEU C 306 -22.74 14.42 -3.17
N ASP C 307 -23.76 14.33 -2.34
CA ASP C 307 -24.42 15.52 -1.84
C ASP C 307 -23.42 16.39 -1.07
N ALA C 308 -22.56 15.72 -0.31
CA ALA C 308 -21.46 16.38 0.38
C ALA C 308 -20.49 17.09 -0.55
N TYR C 309 -20.49 16.72 -1.84
CA TYR C 309 -19.66 17.40 -2.85
C TYR C 309 -20.39 18.57 -3.46
N LEU C 310 -21.72 18.49 -3.49
CA LEU C 310 -22.52 19.61 -3.95
C LEU C 310 -22.52 20.65 -2.85
N ALA C 311 -22.40 20.19 -1.62
CA ALA C 311 -22.13 21.08 -0.52
C ALA C 311 -20.83 21.83 -0.77
N TYR C 312 -19.74 21.10 -0.99
CA TYR C 312 -18.42 21.70 -1.26
C TYR C 312 -18.51 22.90 -2.21
N LEU C 313 -19.25 22.73 -3.30
CA LEU C 313 -19.32 23.76 -4.33
C LEU C 313 -20.09 24.99 -3.86
N SER C 314 -21.10 24.78 -3.03
CA SER C 314 -21.97 25.86 -2.60
C SER C 314 -21.41 26.66 -1.42
N THR C 315 -20.19 26.34 -1.02
CA THR C 315 -19.47 27.18 -0.06
C THR C 315 -18.69 28.25 -0.83
N LEU C 316 -18.27 27.88 -2.04
CA LEU C 316 -17.45 28.76 -2.88
C LEU C 316 -18.27 29.86 -3.57
N ALA C 317 -19.41 30.21 -2.96
CA ALA C 317 -20.27 31.29 -3.44
C ALA C 317 -19.64 32.67 -3.23
N LYS C 318 -19.15 32.92 -2.02
CA LYS C 318 -18.44 34.17 -1.69
C LYS C 318 -17.00 33.91 -1.25
N LYS C 319 -16.34 32.97 -1.73
N ILE D 6 -44.26 -16.68 4.41
CA ILE D 6 -43.19 -15.80 3.81
C ILE D 6 -43.64 -14.95 2.59
N TRP D 7 -44.49 -13.98 2.89
CA TRP D 7 -45.23 -13.17 1.92
C TRP D 7 -44.52 -12.78 0.59
N VAL D 8 -43.23 -12.49 0.67
CA VAL D 8 -42.50 -11.99 -0.50
C VAL D 8 -42.35 -13.04 -1.60
N GLU D 9 -42.72 -14.28 -1.31
CA GLU D 9 -42.73 -15.32 -2.36
C GLU D 9 -44.17 -15.73 -2.72
N LYS D 10 -44.99 -15.96 -1.69
CA LYS D 10 -46.42 -16.22 -1.83
C LYS D 10 -47.13 -15.17 -2.71
N TYR D 11 -46.46 -14.05 -3.01
CA TYR D 11 -47.03 -12.99 -3.85
C TYR D 11 -46.09 -12.59 -4.98
N ARG D 12 -45.10 -13.47 -5.22
CA ARG D 12 -44.24 -13.40 -6.40
C ARG D 12 -45.16 -13.30 -7.62
N PRO D 13 -45.07 -12.20 -8.38
CA PRO D 13 -45.96 -12.07 -9.55
C PRO D 13 -45.89 -13.31 -10.45
N ARG D 14 -47.01 -13.65 -11.06
CA ARG D 14 -47.16 -14.89 -11.86
C ARG D 14 -47.18 -14.63 -13.36
N THR D 15 -47.68 -13.46 -13.76
CA THR D 15 -47.69 -13.01 -15.15
C THR D 15 -47.09 -11.61 -15.21
N LEU D 16 -46.47 -11.23 -16.33
CA LEU D 16 -45.95 -9.87 -16.53
C LEU D 16 -46.96 -8.77 -16.09
N ASP D 17 -48.25 -8.98 -16.39
CA ASP D 17 -49.37 -8.11 -15.95
C ASP D 17 -49.39 -7.83 -14.44
N GLU D 18 -48.85 -8.76 -13.64
CA GLU D 18 -48.87 -8.67 -12.17
C GLU D 18 -47.65 -7.98 -11.54
N VAL D 19 -46.65 -7.67 -12.35
CA VAL D 19 -45.51 -6.88 -11.86
C VAL D 19 -45.86 -5.40 -12.00
N VAL D 20 -45.97 -4.71 -10.86
CA VAL D 20 -46.51 -3.36 -10.85
C VAL D 20 -45.39 -2.30 -10.85
N GLY D 21 -45.76 -1.06 -11.16
CA GLY D 21 -44.83 0.08 -11.12
C GLY D 21 -43.85 0.21 -12.27
N GLN D 22 -43.76 -0.83 -13.09
CA GLN D 22 -42.76 -0.89 -14.13
C GLN D 22 -43.37 -0.97 -15.53
N ASP D 23 -44.51 -0.31 -15.72
CA ASP D 23 -45.16 -0.24 -17.04
C ASP D 23 -44.13 -0.05 -18.13
N GLU D 24 -43.34 1.03 -18.00
CA GLU D 24 -42.21 1.35 -18.86
C GLU D 24 -41.50 0.12 -19.44
N VAL D 25 -41.13 -0.82 -18.57
CA VAL D 25 -40.43 -2.04 -18.99
C VAL D 25 -41.40 -3.10 -19.52
N ILE D 26 -42.42 -3.40 -18.73
CA ILE D 26 -43.35 -4.50 -19.02
C ILE D 26 -44.20 -4.29 -20.28
N GLN D 27 -44.74 -3.08 -20.47
CA GLN D 27 -45.51 -2.75 -21.67
C GLN D 27 -44.80 -3.22 -22.95
N ARG D 28 -43.49 -3.04 -23.00
CA ARG D 28 -42.72 -3.48 -24.15
C ARG D 28 -42.11 -4.88 -23.98
N LEU D 29 -42.04 -5.35 -22.75
CA LEU D 29 -41.57 -6.71 -22.46
C LEU D 29 -42.66 -7.72 -22.79
N LYS D 30 -43.91 -7.23 -22.84
CA LYS D 30 -45.06 -8.01 -23.31
C LYS D 30 -44.94 -8.29 -24.80
N GLY D 31 -44.46 -7.29 -25.55
CA GLY D 31 -44.26 -7.41 -26.99
C GLY D 31 -43.18 -8.42 -27.38
N TYR D 32 -42.73 -9.19 -26.40
CA TYR D 32 -41.79 -10.28 -26.61
C TYR D 32 -42.44 -11.64 -26.35
N VAL D 33 -43.70 -11.62 -25.88
CA VAL D 33 -44.44 -12.87 -25.65
C VAL D 33 -45.42 -13.22 -26.77
N GLU D 34 -45.86 -12.19 -27.50
CA GLU D 34 -46.73 -12.38 -28.66
C GLU D 34 -45.94 -12.97 -29.82
N ARG D 35 -44.69 -12.54 -29.96
CA ARG D 35 -43.80 -12.97 -31.04
C ARG D 35 -42.95 -14.17 -30.64
N LYS D 36 -42.84 -14.40 -29.32
CA LYS D 36 -41.94 -15.41 -28.75
C LYS D 36 -40.47 -15.19 -29.15
N ASN D 37 -40.00 -13.96 -28.94
CA ASN D 37 -38.60 -13.58 -29.08
C ASN D 37 -38.07 -13.11 -27.73
N ILE D 38 -36.84 -13.50 -27.42
CA ILE D 38 -36.10 -12.94 -26.29
C ILE D 38 -34.65 -12.82 -26.71
N PRO D 39 -34.19 -11.60 -27.00
CA PRO D 39 -32.76 -11.46 -27.10
C PRO D 39 -32.24 -11.30 -25.69
N HIS D 40 -31.06 -11.81 -25.39
CA HIS D 40 -30.52 -11.71 -24.03
C HIS D 40 -30.94 -10.40 -23.35
N LEU D 41 -31.69 -10.55 -22.26
CA LEU D 41 -32.22 -9.41 -21.52
C LEU D 41 -31.21 -8.87 -20.51
N LEU D 42 -31.15 -7.55 -20.41
CA LEU D 42 -30.39 -6.93 -19.35
C LEU D 42 -31.33 -6.12 -18.47
N PHE D 43 -31.40 -6.52 -17.21
CA PHE D 43 -32.27 -5.89 -16.25
C PHE D 43 -31.42 -5.03 -15.35
N SER D 44 -31.64 -3.73 -15.39
CA SER D 44 -30.94 -2.84 -14.51
C SER D 44 -31.92 -2.19 -13.56
N GLY D 45 -31.48 -1.96 -12.32
CA GLY D 45 -32.27 -1.21 -11.35
C GLY D 45 -31.91 -1.48 -9.91
N PRO D 46 -32.41 -0.65 -9.00
CA PRO D 46 -32.24 -0.81 -7.56
C PRO D 46 -32.71 -2.18 -7.12
N PRO D 47 -32.33 -2.62 -5.91
CA PRO D 47 -32.77 -3.94 -5.51
C PRO D 47 -34.19 -3.87 -4.98
N GLY D 48 -34.95 -4.95 -5.20
CA GLY D 48 -36.29 -5.06 -4.66
C GLY D 48 -37.31 -4.29 -5.46
N THR D 49 -37.11 -4.28 -6.77
CA THR D 49 -38.00 -3.55 -7.67
C THR D 49 -38.63 -4.42 -8.72
N GLY D 50 -38.08 -5.61 -8.92
CA GLY D 50 -38.77 -6.63 -9.70
C GLY D 50 -37.99 -7.28 -10.81
N LYS D 51 -36.68 -7.09 -10.80
CA LYS D 51 -35.85 -7.72 -11.82
C LYS D 51 -36.07 -9.24 -11.82
N THR D 52 -35.86 -9.89 -10.68
CA THR D 52 -36.06 -11.34 -10.59
C THR D 52 -37.53 -11.70 -10.85
N ALA D 53 -38.44 -10.88 -10.34
CA ALA D 53 -39.86 -11.18 -10.45
C ALA D 53 -40.30 -11.26 -11.89
N THR D 54 -39.98 -10.24 -12.68
CA THR D 54 -40.43 -10.21 -14.07
C THR D 54 -39.68 -11.23 -14.90
N ALA D 55 -38.44 -11.52 -14.52
CA ALA D 55 -37.66 -12.54 -15.18
C ALA D 55 -38.17 -13.93 -14.86
N ILE D 56 -38.95 -14.04 -13.79
CA ILE D 56 -39.74 -15.26 -13.54
C ILE D 56 -41.02 -15.18 -14.37
N ALA D 57 -41.79 -14.12 -14.15
CA ALA D 57 -43.07 -13.92 -14.83
C ALA D 57 -42.93 -13.78 -16.35
N LEU D 58 -41.70 -13.60 -16.82
CA LEU D 58 -41.41 -13.59 -18.24
C LEU D 58 -41.22 -15.02 -18.72
N ALA D 59 -40.53 -15.83 -17.92
CA ALA D 59 -40.36 -17.23 -18.21
C ALA D 59 -41.65 -18.00 -17.98
N ARG D 60 -42.51 -17.44 -17.13
CA ARG D 60 -43.77 -18.08 -16.78
C ARG D 60 -44.84 -17.85 -17.85
N ASP D 61 -44.77 -16.71 -18.52
CA ASP D 61 -45.75 -16.37 -19.56
C ASP D 61 -45.41 -16.97 -20.92
N LEU D 62 -44.24 -17.59 -21.02
CA LEU D 62 -43.79 -18.17 -22.29
C LEU D 62 -43.76 -19.69 -22.31
N PHE D 63 -43.74 -20.30 -21.12
CA PHE D 63 -43.72 -21.76 -21.02
C PHE D 63 -45.02 -22.33 -20.47
N GLY D 64 -45.84 -21.46 -19.86
CA GLY D 64 -47.14 -21.85 -19.34
C GLY D 64 -47.06 -22.54 -17.99
N GLU D 65 -46.87 -23.86 -18.03
CA GLU D 65 -46.87 -24.68 -16.82
C GLU D 65 -45.48 -25.29 -16.55
N ASN D 66 -44.64 -25.31 -17.58
CA ASN D 66 -43.37 -26.03 -17.51
C ASN D 66 -42.13 -25.14 -17.46
N TRP D 67 -42.20 -24.04 -16.70
CA TRP D 67 -41.06 -23.14 -16.57
C TRP D 67 -39.99 -23.68 -15.61
N ARG D 68 -40.41 -24.12 -14.43
CA ARG D 68 -39.50 -24.60 -13.38
C ARG D 68 -38.43 -25.56 -13.89
N ASP D 69 -38.82 -26.44 -14.82
CA ASP D 69 -37.91 -27.44 -15.40
C ASP D 69 -36.76 -26.82 -16.17
N ASN D 70 -37.04 -25.71 -16.86
CA ASN D 70 -36.07 -25.09 -17.74
C ASN D 70 -35.29 -23.96 -17.09
N PHE D 71 -36.00 -22.86 -16.80
CA PHE D 71 -35.43 -21.67 -16.18
C PHE D 71 -34.72 -22.00 -14.86
N ILE D 72 -33.53 -21.43 -14.68
CA ILE D 72 -32.81 -21.53 -13.42
C ILE D 72 -32.11 -20.22 -13.06
N GLU D 73 -32.27 -19.82 -11.81
CA GLU D 73 -31.66 -18.62 -11.27
C GLU D 73 -30.39 -18.98 -10.49
N MET D 74 -29.32 -18.22 -10.73
CA MET D 74 -28.07 -18.39 -9.99
C MET D 74 -27.32 -17.09 -9.85
N ASN D 75 -26.70 -16.91 -8.68
CA ASN D 75 -25.93 -15.73 -8.37
C ASN D 75 -24.60 -15.75 -9.10
N ALA D 76 -24.34 -14.68 -9.84
CA ALA D 76 -23.18 -14.60 -10.73
C ALA D 76 -21.90 -14.10 -10.06
N SER D 77 -21.97 -13.75 -8.79
CA SER D 77 -20.79 -13.21 -8.10
C SER D 77 -19.93 -14.27 -7.39
N ASP D 78 -20.48 -15.48 -7.21
CA ASP D 78 -19.74 -16.62 -6.64
C ASP D 78 -18.74 -17.13 -7.70
N GLU D 79 -17.53 -16.54 -7.68
CA GLU D 79 -16.56 -16.55 -8.82
C GLU D 79 -16.08 -17.88 -9.47
N ARG D 80 -16.25 -18.99 -8.76
CA ARG D 80 -15.76 -20.29 -9.25
C ARG D 80 -16.85 -21.19 -9.86
N GLY D 81 -18.06 -20.64 -9.99
CA GLY D 81 -19.23 -21.41 -10.40
C GLY D 81 -19.82 -21.10 -11.77
N ILE D 82 -19.29 -20.09 -12.44
CA ILE D 82 -19.64 -19.80 -13.84
C ILE D 82 -19.25 -21.00 -14.69
N ASP D 83 -18.09 -21.58 -14.37
CA ASP D 83 -17.50 -22.67 -15.12
C ASP D 83 -17.99 -24.03 -14.64
N VAL D 84 -18.47 -24.11 -13.40
CA VAL D 84 -19.04 -25.36 -12.87
C VAL D 84 -20.51 -25.51 -13.27
N VAL D 85 -21.18 -24.40 -13.56
CA VAL D 85 -22.54 -24.42 -14.10
C VAL D 85 -22.50 -24.09 -15.59
N ARG D 86 -21.77 -24.94 -16.32
CA ARG D 86 -21.73 -24.93 -17.78
C ARG D 86 -22.29 -26.24 -18.31
N HIS D 87 -22.30 -27.28 -17.47
CA HIS D 87 -22.91 -28.57 -17.82
C HIS D 87 -24.44 -28.47 -17.72
N LYS D 88 -24.92 -27.47 -16.99
CA LYS D 88 -26.32 -27.10 -17.00
C LYS D 88 -26.62 -26.30 -18.27
N ILE D 89 -25.58 -25.80 -18.93
CA ILE D 89 -25.74 -25.06 -20.19
C ILE D 89 -25.88 -26.00 -21.39
N LYS D 90 -25.29 -27.21 -21.29
CA LYS D 90 -25.28 -28.16 -22.42
C LYS D 90 -26.44 -29.17 -22.44
N GLU D 91 -26.92 -29.56 -21.26
CA GLU D 91 -28.14 -30.37 -21.13
C GLU D 91 -29.38 -29.50 -21.44
N PHE D 92 -29.27 -28.23 -21.10
CA PHE D 92 -30.33 -27.24 -21.23
C PHE D 92 -30.48 -26.69 -22.67
N ALA D 93 -29.39 -26.75 -23.44
CA ALA D 93 -29.37 -26.30 -24.83
C ALA D 93 -29.70 -27.41 -25.83
N ARG D 94 -29.47 -28.66 -25.41
CA ARG D 94 -29.78 -29.81 -26.26
C ARG D 94 -31.26 -30.22 -26.12
N THR D 95 -31.87 -29.90 -24.98
CA THR D 95 -33.30 -30.15 -24.79
C THR D 95 -34.14 -29.02 -25.37
N ALA D 96 -34.96 -29.36 -26.36
CA ALA D 96 -35.89 -28.42 -26.99
C ALA D 96 -37.10 -28.20 -26.08
N PRO D 97 -37.54 -26.94 -25.94
CA PRO D 97 -38.67 -26.62 -25.07
C PRO D 97 -39.85 -27.55 -25.33
N ILE D 98 -40.13 -28.41 -24.35
CA ILE D 98 -41.16 -29.43 -24.47
C ILE D 98 -42.55 -28.79 -24.54
N GLY D 99 -43.15 -28.83 -25.73
CA GLY D 99 -44.48 -28.26 -25.97
C GLY D 99 -44.68 -27.71 -27.37
N GLY D 100 -44.13 -26.52 -27.61
CA GLY D 100 -44.22 -25.84 -28.91
C GLY D 100 -43.50 -24.51 -28.97
N ALA D 101 -42.42 -24.37 -28.18
CA ALA D 101 -41.61 -23.15 -28.13
C ALA D 101 -40.17 -23.43 -28.59
N PRO D 102 -39.50 -22.42 -29.20
CA PRO D 102 -38.11 -22.60 -29.67
C PRO D 102 -36.98 -22.45 -28.63
N PHE D 103 -37.13 -21.55 -27.66
CA PHE D 103 -35.99 -21.08 -26.86
C PHE D 103 -36.09 -21.31 -25.34
N LYS D 104 -34.97 -21.10 -24.65
CA LYS D 104 -34.88 -21.38 -23.20
C LYS D 104 -34.03 -20.35 -22.43
N ILE D 105 -34.31 -20.19 -21.13
CA ILE D 105 -33.81 -19.04 -20.33
C ILE D 105 -32.95 -19.37 -19.10
N ILE D 106 -31.93 -18.53 -18.88
CA ILE D 106 -31.08 -18.56 -17.66
C ILE D 106 -30.96 -17.16 -17.05
N PHE D 107 -31.28 -17.04 -15.77
CA PHE D 107 -31.22 -15.75 -15.08
C PHE D 107 -29.94 -15.64 -14.26
N LEU D 108 -29.33 -14.46 -14.30
CA LEU D 108 -28.03 -14.26 -13.69
C LEU D 108 -28.04 -13.01 -12.80
N ASP D 109 -28.35 -13.20 -11.52
CA ASP D 109 -28.40 -12.10 -10.55
C ASP D 109 -26.98 -11.60 -10.27
N GLU D 110 -26.87 -10.33 -9.91
CA GLU D 110 -25.60 -9.73 -9.46
C GLU D 110 -24.48 -9.76 -10.50
N ALA D 111 -24.86 -9.69 -11.77
CA ALA D 111 -23.89 -9.70 -12.87
C ALA D 111 -22.83 -8.62 -12.72
N ASP D 112 -23.25 -7.43 -12.28
CA ASP D 112 -22.36 -6.29 -12.12
C ASP D 112 -21.40 -6.40 -10.91
N ALA D 113 -20.90 -7.60 -10.65
CA ALA D 113 -19.92 -7.81 -9.59
C ALA D 113 -18.63 -8.39 -10.15
N LEU D 114 -18.68 -8.81 -11.42
CA LEU D 114 -17.56 -9.49 -12.06
C LEU D 114 -16.62 -8.53 -12.78
N THR D 115 -15.32 -8.83 -12.74
CA THR D 115 -14.33 -8.09 -13.52
C THR D 115 -14.36 -8.57 -14.96
N ALA D 116 -13.84 -7.74 -15.87
CA ALA D 116 -13.92 -7.94 -17.33
C ALA D 116 -13.96 -9.39 -17.83
N ASP D 117 -13.14 -10.25 -17.21
CA ASP D 117 -12.87 -11.59 -17.71
C ASP D 117 -14.08 -12.53 -17.83
N ALA D 118 -14.67 -12.88 -16.69
CA ALA D 118 -15.77 -13.86 -16.64
C ALA D 118 -16.92 -13.49 -17.57
N GLN D 119 -17.07 -12.19 -17.79
CA GLN D 119 -18.13 -11.64 -18.61
C GLN D 119 -18.09 -12.17 -20.05
N ALA D 120 -16.89 -12.33 -20.60
CA ALA D 120 -16.70 -12.85 -21.95
C ALA D 120 -17.33 -14.23 -22.14
N ALA D 121 -17.12 -15.13 -21.19
CA ALA D 121 -17.53 -16.54 -21.31
C ALA D 121 -19.00 -16.74 -21.66
N LEU D 122 -19.78 -15.67 -21.50
CA LEU D 122 -21.18 -15.64 -21.88
C LEU D 122 -21.32 -15.79 -23.40
N ARG D 123 -20.42 -15.11 -24.12
CA ARG D 123 -20.52 -14.92 -25.57
C ARG D 123 -20.48 -16.19 -26.42
N ARG D 124 -19.71 -17.18 -25.97
CA ARG D 124 -19.54 -18.44 -26.72
C ARG D 124 -20.69 -19.43 -26.46
N THR D 125 -21.79 -18.87 -25.98
CA THR D 125 -23.03 -19.59 -25.73
C THR D 125 -24.18 -18.69 -26.17
N MET D 126 -23.83 -17.48 -26.64
CA MET D 126 -24.80 -16.54 -27.20
C MET D 126 -24.99 -16.78 -28.70
N GLU D 127 -23.89 -16.72 -29.46
CA GLU D 127 -23.92 -16.99 -30.90
C GLU D 127 -24.07 -18.47 -31.22
N MET D 128 -23.71 -19.33 -30.26
CA MET D 128 -23.92 -20.77 -30.41
C MET D 128 -25.28 -21.19 -29.85
N TYR D 129 -25.78 -20.45 -28.85
CA TYR D 129 -27.13 -20.65 -28.34
C TYR D 129 -27.95 -19.36 -28.31
N SER D 130 -28.46 -18.96 -29.47
CA SER D 130 -29.55 -17.98 -29.58
C SER D 130 -30.70 -18.63 -30.33
N LYS D 131 -30.48 -19.86 -30.76
CA LYS D 131 -31.50 -20.73 -31.32
C LYS D 131 -31.86 -21.82 -30.29
N SER D 132 -31.42 -21.63 -29.05
CA SER D 132 -31.73 -22.55 -27.94
C SER D 132 -31.68 -21.89 -26.56
N CYS D 133 -30.57 -21.19 -26.25
CA CYS D 133 -30.37 -20.52 -24.95
C CYS D 133 -30.62 -19.02 -24.97
N ARG D 134 -30.89 -18.47 -23.79
CA ARG D 134 -31.06 -17.02 -23.60
C ARG D 134 -30.75 -16.62 -22.16
N PHE D 135 -30.10 -15.47 -22.00
CA PHE D 135 -29.71 -14.98 -20.68
C PHE D 135 -30.49 -13.74 -20.27
N ILE D 136 -30.85 -13.67 -18.99
CA ILE D 136 -31.34 -12.43 -18.41
C ILE D 136 -30.38 -12.00 -17.32
N LEU D 137 -29.81 -10.81 -17.49
CA LEU D 137 -28.79 -10.29 -16.60
C LEU D 137 -29.30 -9.17 -15.70
N SER D 138 -29.34 -9.44 -14.40
CA SER D 138 -29.73 -8.44 -13.43
C SER D 138 -28.47 -7.74 -12.97
N CYS D 139 -28.56 -6.42 -12.86
CA CYS D 139 -27.46 -5.60 -12.37
C CYS D 139 -28.02 -4.34 -11.75
N ASN D 140 -27.26 -3.78 -10.80
CA ASN D 140 -27.66 -2.56 -10.12
C ASN D 140 -27.62 -1.38 -11.08
N TYR D 141 -26.55 -1.28 -11.86
CA TYR D 141 -26.40 -0.23 -12.88
C TYR D 141 -25.87 -0.78 -14.19
N VAL D 142 -26.43 -0.31 -15.30
CA VAL D 142 -26.00 -0.73 -16.63
C VAL D 142 -24.54 -0.33 -16.89
N SER D 143 -24.16 0.87 -16.44
CA SER D 143 -22.81 1.37 -16.58
C SER D 143 -21.73 0.36 -16.16
N ARG D 144 -22.09 -0.55 -15.26
CA ARG D 144 -21.12 -1.46 -14.66
C ARG D 144 -20.96 -2.81 -15.41
N ILE D 145 -21.60 -2.94 -16.56
CA ILE D 145 -21.44 -4.11 -17.40
C ILE D 145 -20.71 -3.74 -18.68
N ILE D 146 -19.50 -4.28 -18.85
CA ILE D 146 -18.67 -3.95 -20.01
C ILE D 146 -19.44 -4.04 -21.30
N GLU D 147 -19.10 -3.15 -22.23
CA GLU D 147 -19.90 -2.95 -23.44
C GLU D 147 -20.16 -4.22 -24.28
N PRO D 148 -19.12 -5.04 -24.56
CA PRO D 148 -19.34 -6.26 -25.36
C PRO D 148 -20.53 -7.13 -24.95
N ILE D 149 -21.18 -6.84 -23.82
CA ILE D 149 -22.40 -7.58 -23.42
C ILE D 149 -23.67 -6.76 -23.67
N GLN D 150 -23.66 -5.50 -23.21
CA GLN D 150 -24.75 -4.57 -23.54
C GLN D 150 -25.01 -4.64 -25.04
N SER D 151 -23.92 -4.86 -25.77
CA SER D 151 -23.92 -5.03 -27.20
C SER D 151 -24.96 -6.05 -27.64
N ARG D 152 -24.98 -7.20 -26.97
CA ARG D 152 -25.88 -8.29 -27.33
C ARG D 152 -27.13 -8.37 -26.46
N CYS D 153 -27.49 -7.25 -25.82
CA CYS D 153 -28.60 -7.25 -24.88
C CYS D 153 -29.64 -6.20 -25.17
N ALA D 154 -30.91 -6.61 -25.06
CA ALA D 154 -32.00 -5.64 -24.96
C ALA D 154 -32.08 -5.21 -23.49
N VAL D 155 -31.96 -3.91 -23.25
CA VAL D 155 -31.79 -3.37 -21.90
C VAL D 155 -33.10 -2.86 -21.28
N PHE D 156 -33.26 -3.05 -19.98
CA PHE D 156 -34.44 -2.60 -19.24
C PHE D 156 -34.07 -1.98 -17.89
N ARG D 157 -34.35 -0.69 -17.73
CA ARG D 157 -34.03 0.01 -16.49
C ARG D 157 -35.24 0.04 -15.58
N PHE D 158 -35.19 -0.79 -14.54
CA PHE D 158 -36.20 -0.79 -13.49
C PHE D 158 -36.03 0.43 -12.61
N LYS D 159 -37.13 1.15 -12.44
CA LYS D 159 -37.16 2.33 -11.60
C LYS D 159 -37.66 1.89 -10.24
N PRO D 160 -37.30 2.63 -9.17
CA PRO D 160 -37.85 2.26 -7.87
C PRO D 160 -39.41 2.34 -7.86
N VAL D 161 -40.15 1.22 -7.74
CA VAL D 161 -41.67 1.17 -7.69
C VAL D 161 -42.33 2.41 -7.05
N PRO D 162 -43.12 3.16 -7.13
CA PRO D 162 -43.61 4.43 -6.56
C PRO D 162 -44.48 4.18 -5.34
N LYS D 163 -45.06 5.25 -4.79
CA LYS D 163 -45.82 5.14 -3.57
C LYS D 163 -47.08 4.29 -3.73
N GLU D 164 -48.05 4.79 -4.53
CA GLU D 164 -49.41 4.21 -4.56
C GLU D 164 -49.44 2.81 -5.10
N ALA D 165 -48.57 2.51 -6.06
CA ALA D 165 -48.50 1.18 -6.66
C ALA D 165 -48.07 0.12 -5.67
N MET D 166 -47.11 0.46 -4.82
CA MET D 166 -46.64 -0.43 -3.75
C MET D 166 -47.65 -0.49 -2.63
N LYS D 167 -48.05 0.68 -2.14
CA LYS D 167 -49.06 0.79 -1.10
C LYS D 167 -50.27 -0.09 -1.43
N LYS D 168 -50.71 -0.07 -2.68
CA LYS D 168 -51.80 -0.97 -3.09
C LYS D 168 -51.39 -2.44 -2.87
N ARG D 169 -50.30 -2.86 -3.51
CA ARG D 169 -49.85 -4.25 -3.42
C ARG D 169 -49.65 -4.66 -1.97
N LEU D 170 -49.15 -3.75 -1.14
CA LEU D 170 -48.96 -4.07 0.27
C LEU D 170 -50.29 -4.39 0.93
N LEU D 171 -51.30 -3.60 0.65
CA LEU D 171 -52.63 -3.86 1.17
C LEU D 171 -53.18 -5.22 0.77
N GLU D 172 -53.01 -5.57 -0.51
CA GLU D 172 -53.46 -6.86 -1.03
C GLU D 172 -52.75 -8.00 -0.30
N ILE D 173 -51.45 -7.86 -0.04
CA ILE D 173 -50.72 -8.86 0.72
C ILE D 173 -51.35 -8.99 2.10
N CYS D 174 -51.96 -7.91 2.59
CA CYS D 174 -52.50 -7.89 3.94
C CYS D 174 -53.91 -8.44 4.02
N GLU D 175 -54.84 -7.84 3.30
CA GLU D 175 -56.22 -8.33 3.34
C GLU D 175 -56.25 -9.85 3.10
N LYS D 176 -55.35 -10.34 2.25
CA LYS D 176 -55.24 -11.77 1.95
C LYS D 176 -54.42 -12.57 2.97
N GLU D 177 -54.08 -11.95 4.08
CA GLU D 177 -53.29 -12.59 5.13
C GLU D 177 -53.73 -12.15 6.52
N GLY D 178 -54.88 -11.49 6.59
CA GLY D 178 -55.50 -11.13 7.85
C GLY D 178 -54.61 -10.32 8.77
N VAL D 179 -54.02 -9.27 8.20
CA VAL D 179 -53.17 -8.36 8.94
C VAL D 179 -53.82 -6.99 8.96
N LYS D 180 -53.76 -6.33 10.11
CA LYS D 180 -54.43 -5.04 10.25
C LYS D 180 -53.41 -3.92 10.31
N ILE D 181 -53.04 -3.35 9.18
CA ILE D 181 -52.16 -2.18 9.19
C ILE D 181 -53.07 -0.99 9.32
N THR D 182 -52.59 0.05 9.97
CA THR D 182 -53.25 1.35 9.91
C THR D 182 -52.75 2.12 8.68
N GLU D 183 -53.26 3.32 8.45
CA GLU D 183 -52.70 4.18 7.44
C GLU D 183 -51.29 4.62 7.82
N ASP D 184 -51.11 4.94 9.10
CA ASP D 184 -49.81 5.29 9.69
C ASP D 184 -48.71 4.27 9.41
N GLY D 185 -49.03 2.99 9.68
CA GLY D 185 -48.11 1.88 9.48
C GLY D 185 -47.87 1.54 8.04
N LEU D 186 -48.76 1.97 7.17
CA LEU D 186 -48.54 1.77 5.77
C LEU D 186 -47.55 2.82 5.25
N GLU D 187 -47.89 4.10 5.45
CA GLU D 187 -47.03 5.23 5.12
C GLU D 187 -45.65 5.03 5.69
N ALA D 188 -45.58 4.53 6.92
CA ALA D 188 -44.30 4.27 7.57
C ALA D 188 -43.60 3.10 6.92
N LEU D 189 -44.35 2.08 6.53
CA LEU D 189 -43.80 0.90 5.86
C LEU D 189 -43.15 1.25 4.52
N ILE D 190 -43.18 2.53 4.19
CA ILE D 190 -42.77 2.97 2.88
C ILE D 190 -41.60 3.94 2.96
N TYR D 191 -41.63 4.79 3.99
CA TYR D 191 -40.46 5.53 4.45
C TYR D 191 -39.28 4.55 4.55
N ILE D 192 -39.51 3.47 5.30
CA ILE D 192 -38.64 2.30 5.38
C ILE D 192 -38.17 1.75 4.04
N SER D 193 -39.12 1.39 3.18
CA SER D 193 -38.88 0.64 1.96
C SER D 193 -37.88 1.26 0.98
N GLY D 194 -37.77 2.59 0.97
CA GLY D 194 -36.91 3.26 0.00
C GLY D 194 -37.38 3.01 -1.43
N GLY D 195 -38.60 2.47 -1.53
CA GLY D 195 -39.16 2.05 -2.81
C GLY D 195 -38.59 0.71 -3.21
N ASP D 196 -38.41 -0.15 -2.22
CA ASP D 196 -37.78 -1.42 -2.45
C ASP D 196 -38.69 -2.44 -1.79
N PHE D 197 -39.32 -3.27 -2.62
CA PHE D 197 -40.35 -4.20 -2.19
C PHE D 197 -39.84 -5.21 -1.20
N ARG D 198 -38.78 -5.92 -1.57
CA ARG D 198 -38.18 -6.92 -0.71
C ARG D 198 -38.12 -6.35 0.70
N LYS D 199 -37.55 -5.15 0.83
CA LYS D 199 -37.45 -4.46 2.10
C LYS D 199 -38.81 -4.26 2.75
N ALA D 200 -39.75 -3.69 1.98
CA ALA D 200 -41.10 -3.44 2.43
C ALA D 200 -41.83 -4.72 2.85
N ILE D 201 -41.95 -5.68 1.92
CA ILE D 201 -42.65 -6.95 2.20
C ILE D 201 -42.07 -7.64 3.43
N ASN D 202 -40.78 -7.91 3.38
CA ASN D 202 -40.08 -8.47 4.54
C ASN D 202 -40.41 -7.80 5.86
N ALA D 203 -40.46 -6.47 5.86
CA ALA D 203 -40.78 -5.73 7.07
C ALA D 203 -42.19 -6.12 7.47
N LEU D 204 -43.16 -5.82 6.62
CA LEU D 204 -44.58 -6.14 6.88
C LEU D 204 -44.73 -7.53 7.47
N GLN D 205 -44.21 -8.52 6.76
CA GLN D 205 -44.13 -9.92 7.20
C GLN D 205 -43.71 -10.02 8.67
N GLY D 206 -42.60 -9.36 9.01
CA GLY D 206 -42.09 -9.37 10.37
C GLY D 206 -42.98 -8.69 11.39
N ALA D 207 -43.73 -7.69 10.97
CA ALA D 207 -44.65 -7.01 11.86
C ALA D 207 -45.96 -7.80 11.98
N ALA D 208 -46.25 -8.60 10.97
CA ALA D 208 -47.44 -9.45 10.95
C ALA D 208 -47.30 -10.63 11.92
N ALA D 209 -46.08 -11.15 12.04
CA ALA D 209 -45.78 -12.28 12.90
C ALA D 209 -46.12 -11.99 14.35
N ILE D 210 -46.02 -10.72 14.75
CA ILE D 210 -46.28 -10.30 16.13
C ILE D 210 -47.79 -10.23 16.42
N GLY D 211 -48.14 -9.54 17.50
CA GLY D 211 -49.51 -9.45 17.97
C GLY D 211 -50.37 -8.40 17.28
N GLU D 212 -51.07 -8.84 16.23
CA GLU D 212 -52.15 -8.07 15.66
C GLU D 212 -51.73 -6.72 15.04
N VAL D 213 -52.46 -5.66 15.40
CA VAL D 213 -52.43 -4.35 14.74
C VAL D 213 -51.03 -3.87 14.38
N VAL D 214 -50.86 -3.43 13.14
CA VAL D 214 -49.58 -2.93 12.67
C VAL D 214 -49.59 -1.41 12.65
N ASP D 215 -49.05 -0.85 13.72
CA ASP D 215 -48.96 0.57 13.96
C ASP D 215 -47.80 1.14 13.15
N ALA D 216 -47.73 2.47 13.07
CA ALA D 216 -46.60 3.19 12.48
C ALA D 216 -45.33 2.78 13.20
N ASP D 217 -45.41 2.75 14.53
CA ASP D 217 -44.31 2.37 15.39
C ASP D 217 -43.83 0.96 15.11
N THR D 218 -44.72 -0.02 15.25
CA THR D 218 -44.29 -1.41 15.16
C THR D 218 -43.44 -1.63 13.91
N ILE D 219 -43.70 -0.86 12.87
CA ILE D 219 -42.90 -0.91 11.65
C ILE D 219 -41.50 -0.26 11.88
N TYR D 220 -41.47 0.88 12.56
CA TYR D 220 -40.23 1.60 12.85
C TYR D 220 -39.33 0.77 13.74
N GLN D 221 -39.94 -0.03 14.58
CA GLN D 221 -39.23 -0.85 15.54
C GLN D 221 -38.59 -2.05 14.87
N ILE D 222 -39.36 -2.72 13.99
CA ILE D 222 -38.93 -3.94 13.35
C ILE D 222 -37.75 -3.73 12.43
N THR D 223 -37.66 -2.55 11.83
CA THR D 223 -36.61 -2.24 10.87
C THR D 223 -35.43 -1.51 11.52
N ALA D 224 -35.62 -1.17 12.80
CA ALA D 224 -34.67 -0.41 13.59
C ALA D 224 -34.42 0.94 12.93
N THR D 225 -35.78 1.83 12.63
CA THR D 225 -35.53 3.12 12.02
C THR D 225 -36.36 4.20 12.70
N ALA D 226 -35.67 5.18 13.27
CA ALA D 226 -36.27 6.19 14.13
C ALA D 226 -37.47 6.87 13.51
N ARG D 227 -38.46 7.17 14.35
CA ARG D 227 -39.50 8.10 13.97
C ARG D 227 -38.80 9.34 13.42
N PRO D 228 -39.18 9.76 12.20
CA PRO D 228 -38.63 10.96 11.61
C PRO D 228 -38.87 12.19 12.44
N GLU D 229 -39.85 12.16 13.32
CA GLU D 229 -40.06 13.25 14.26
C GLU D 229 -38.93 13.36 15.27
N GLU D 230 -38.39 12.20 15.65
CA GLU D 230 -37.34 12.10 16.67
C GLU D 230 -36.00 12.59 16.15
N MET D 231 -35.69 12.26 14.89
CA MET D 231 -34.48 12.73 14.23
C MET D 231 -34.44 14.24 14.18
N THR D 232 -35.48 14.83 13.61
CA THR D 232 -35.52 16.29 13.43
C THR D 232 -35.69 16.97 14.76
N GLU D 233 -35.85 16.17 15.81
CA GLU D 233 -35.81 16.67 17.18
C GLU D 233 -34.35 16.70 17.62
N LEU D 234 -33.71 15.53 17.54
CA LEU D 234 -32.29 15.35 17.84
C LEU D 234 -31.41 16.33 17.08
N ILE D 235 -31.58 16.44 15.75
CA ILE D 235 -30.82 17.42 14.97
C ILE D 235 -31.11 18.83 15.46
N GLN D 236 -32.36 19.09 15.80
CA GLN D 236 -32.76 20.43 16.20
C GLN D 236 -32.18 20.79 17.57
N THR D 237 -32.40 19.92 18.56
CA THR D 237 -31.87 20.19 19.91
C THR D 237 -30.36 20.26 19.89
N ALA D 238 -29.75 19.71 18.84
CA ALA D 238 -28.31 19.84 18.65
C ALA D 238 -27.98 21.24 18.15
N LEU D 239 -28.66 21.67 17.09
CA LEU D 239 -28.41 22.95 16.47
C LEU D 239 -28.66 24.13 17.41
N LYS D 240 -29.59 23.95 18.35
CA LYS D 240 -29.88 24.98 19.34
C LYS D 240 -28.69 25.22 20.27
N GLY D 241 -27.94 24.18 20.56
CA GLY D 241 -26.78 24.30 21.44
C GLY D 241 -26.74 23.30 22.59
N ASN D 242 -27.83 22.55 22.75
CA ASN D 242 -27.95 21.56 23.82
C ASN D 242 -27.29 20.24 23.45
N PHE D 243 -25.96 20.23 23.48
CA PHE D 243 -25.21 19.04 23.12
C PHE D 243 -25.58 17.82 23.97
N MET D 244 -25.42 17.94 25.29
CA MET D 244 -25.67 16.81 26.18
C MET D 244 -27.07 16.23 25.99
N GLU D 245 -28.04 17.08 25.72
CA GLU D 245 -29.39 16.62 25.41
C GLU D 245 -29.38 15.79 24.14
N ALA D 246 -28.76 16.32 23.09
CA ALA D 246 -28.75 15.63 21.78
C ALA D 246 -28.11 14.26 21.91
N ARG D 247 -27.00 14.20 22.65
CA ARG D 247 -26.28 12.96 22.87
C ARG D 247 -27.17 11.95 23.58
N GLU D 248 -27.88 12.41 24.61
CA GLU D 248 -28.88 11.58 25.28
C GLU D 248 -29.84 10.98 24.27
N LEU D 249 -30.45 11.82 23.43
CA LEU D 249 -31.44 11.35 22.46
C LEU D 249 -30.86 10.30 21.54
N LEU D 250 -29.76 10.63 20.87
CA LEU D 250 -29.14 9.71 19.94
C LEU D 250 -28.85 8.38 20.63
N ASP D 251 -28.44 8.41 21.90
CA ASP D 251 -28.23 7.17 22.64
C ASP D 251 -29.52 6.39 22.78
N ARG D 252 -30.44 6.91 23.59
CA ARG D 252 -31.78 6.34 23.75
C ARG D 252 -32.27 5.81 22.42
N LEU D 253 -32.11 6.64 21.40
CA LEU D 253 -32.60 6.41 20.06
C LEU D 253 -31.93 5.18 19.48
N MET D 254 -30.62 5.06 19.72
CA MET D 254 -29.83 4.01 19.09
C MET D 254 -30.01 2.70 19.79
N VAL D 255 -30.56 2.73 20.99
CA VAL D 255 -30.81 1.50 21.72
C VAL D 255 -32.24 1.03 21.47
N GLU D 256 -33.17 1.98 21.42
CA GLU D 256 -34.59 1.70 21.19
C GLU D 256 -34.83 0.81 19.96
N TYR D 257 -34.16 1.14 18.84
CA TYR D 257 -34.32 0.40 17.58
C TYR D 257 -33.12 -0.44 17.23
N GLY D 258 -31.94 -0.01 17.68
CA GLY D 258 -30.72 -0.82 17.56
C GLY D 258 -30.07 -0.67 16.21
N MET D 259 -29.90 0.58 15.78
CA MET D 259 -29.35 0.92 14.49
C MET D 259 -27.86 0.88 14.49
N SER D 260 -27.30 0.65 13.30
CA SER D 260 -25.87 0.77 13.11
C SER D 260 -25.42 2.24 13.03
N GLY D 261 -24.12 2.46 12.86
CA GLY D 261 -23.64 3.82 12.65
C GLY D 261 -24.00 4.29 11.26
N GLU D 262 -23.85 3.38 10.30
CA GLU D 262 -24.28 3.63 8.94
C GLU D 262 -25.78 3.97 8.93
N ASP D 263 -26.57 3.13 9.59
CA ASP D 263 -28.00 3.36 9.70
C ASP D 263 -28.34 4.70 10.30
N ILE D 264 -27.68 5.09 11.37
CA ILE D 264 -27.99 6.40 11.94
C ILE D 264 -27.59 7.49 10.98
N VAL D 265 -26.43 7.34 10.36
CA VAL D 265 -25.93 8.39 9.51
C VAL D 265 -26.84 8.51 8.29
N ALA D 266 -27.44 7.37 7.92
CA ALA D 266 -28.37 7.37 6.81
C ALA D 266 -29.56 8.28 7.15
N GLN D 267 -30.25 7.97 8.25
CA GLN D 267 -31.39 8.76 8.66
C GLN D 267 -30.97 10.20 8.94
N LEU D 268 -29.81 10.38 9.56
CA LEU D 268 -29.38 11.72 9.80
C LEU D 268 -29.49 12.48 8.49
N PHE D 269 -28.91 11.91 7.44
CA PHE D 269 -28.95 12.46 6.08
C PHE D 269 -30.37 12.77 5.60
N ARG D 270 -31.21 11.73 5.48
CA ARG D 270 -32.60 11.90 5.05
C ARG D 270 -33.27 13.10 5.70
N GLU D 271 -33.18 13.18 7.03
CA GLU D 271 -33.84 14.25 7.76
C GLU D 271 -33.07 15.57 7.75
N ILE D 272 -31.82 15.54 7.30
CA ILE D 272 -31.06 16.78 7.12
C ILE D 272 -31.51 17.40 5.82
N ILE D 273 -31.85 16.55 4.85
CA ILE D 273 -32.31 17.00 3.54
C ILE D 273 -33.71 17.56 3.67
N SER D 274 -34.58 16.80 4.32
CA SER D 274 -36.01 17.11 4.41
C SER D 274 -36.32 18.15 5.48
N MET D 275 -35.27 18.69 6.11
CA MET D 275 -35.37 19.91 6.91
C MET D 275 -35.87 21.06 6.02
N PRO D 276 -36.65 21.98 6.61
CA PRO D 276 -36.99 23.18 5.86
C PRO D 276 -36.05 24.35 6.19
N ILE D 277 -34.74 24.09 6.19
CA ILE D 277 -33.75 25.13 6.50
C ILE D 277 -33.01 25.59 5.23
N LYS D 278 -32.32 26.73 5.32
CA LYS D 278 -31.63 27.36 4.20
C LYS D 278 -30.70 26.40 3.44
N ASP D 279 -30.65 26.56 2.12
CA ASP D 279 -29.70 25.82 1.29
C ASP D 279 -28.25 26.16 1.65
N SER D 280 -28.07 27.33 2.28
CA SER D 280 -26.76 27.81 2.72
C SER D 280 -26.19 26.97 3.85
N LEU D 281 -27.06 26.63 4.82
CA LEU D 281 -26.65 25.90 6.00
C LEU D 281 -26.69 24.39 5.77
N LYS D 282 -27.74 23.93 5.08
CA LYS D 282 -27.92 22.51 4.79
C LYS D 282 -26.63 21.89 4.24
N VAL D 283 -25.89 22.69 3.46
CA VAL D 283 -24.61 22.28 2.90
C VAL D 283 -23.63 21.97 4.01
N GLN D 284 -23.36 22.95 4.86
CA GLN D 284 -22.45 22.77 5.99
C GLN D 284 -22.71 21.44 6.71
N LEU D 285 -23.98 21.15 6.94
CA LEU D 285 -24.36 19.92 7.60
C LEU D 285 -24.02 18.70 6.77
N ILE D 286 -24.50 18.66 5.54
CA ILE D 286 -24.26 17.51 4.69
C ILE D 286 -22.75 17.23 4.40
N ASP D 287 -22.01 18.31 4.14
CA ASP D 287 -20.57 18.22 3.98
C ASP D 287 -19.95 17.44 5.13
N LYS D 288 -20.14 17.94 6.35
CA LYS D 288 -19.62 17.25 7.55
C LYS D 288 -20.15 15.82 7.66
N LEU D 289 -21.44 15.65 7.39
CA LEU D 289 -22.08 14.34 7.42
C LEU D 289 -21.40 13.39 6.45
N GLY D 290 -20.99 13.97 5.32
CA GLY D 290 -20.19 13.25 4.33
C GLY D 290 -18.90 12.84 4.97
N GLU D 291 -18.28 13.79 5.69
CA GLU D 291 -17.02 13.55 6.40
C GLU D 291 -17.20 12.40 7.38
N VAL D 292 -18.16 12.56 8.29
CA VAL D 292 -18.45 11.59 9.34
C VAL D 292 -18.68 10.20 8.77
N ASP D 293 -19.50 10.12 7.74
CA ASP D 293 -19.81 8.82 7.15
C ASP D 293 -18.54 8.13 6.67
N PHE D 294 -17.60 8.92 6.17
CA PHE D 294 -16.33 8.37 5.74
C PHE D 294 -15.60 7.81 6.94
N ARG D 295 -15.35 8.68 7.93
CA ARG D 295 -14.66 8.30 9.16
C ARG D 295 -15.12 6.94 9.61
N LEU D 296 -16.43 6.74 9.70
CA LEU D 296 -16.96 5.43 10.08
C LEU D 296 -16.53 4.28 9.18
N THR D 297 -16.71 4.42 7.87
CA THR D 297 -16.37 3.32 6.97
C THR D 297 -14.90 2.92 7.04
N GLU D 298 -14.02 3.86 7.37
CA GLU D 298 -12.60 3.56 7.56
C GLU D 298 -12.38 2.73 8.83
N GLY D 299 -13.34 2.76 9.75
CA GLY D 299 -13.28 1.95 10.95
C GLY D 299 -13.16 2.74 12.24
N ALA D 300 -13.22 4.07 12.15
CA ALA D 300 -13.18 4.93 13.33
C ALA D 300 -14.30 4.60 14.29
N ASN D 301 -14.26 5.17 15.49
CA ASN D 301 -15.22 4.79 16.52
C ASN D 301 -16.61 5.42 16.38
N GLU D 302 -17.58 4.55 16.10
CA GLU D 302 -18.99 4.87 16.00
C GLU D 302 -19.41 5.98 16.97
N ARG D 303 -19.35 5.67 18.26
CA ARG D 303 -19.84 6.58 19.28
C ARG D 303 -19.16 7.94 19.23
N ILE D 304 -17.85 7.96 19.03
CA ILE D 304 -17.09 9.20 19.14
C ILE D 304 -17.27 10.09 17.93
N GLN D 305 -17.32 9.51 16.75
CA GLN D 305 -17.52 10.28 15.54
C GLN D 305 -18.94 10.86 15.45
N LEU D 306 -19.91 10.06 15.90
CA LEU D 306 -21.30 10.47 15.94
C LEU D 306 -21.55 11.60 16.92
N ASP D 307 -21.13 11.41 18.17
CA ASP D 307 -21.23 12.47 19.16
C ASP D 307 -20.43 13.69 18.69
N ALA D 308 -19.26 13.41 18.12
CA ALA D 308 -18.44 14.44 17.51
C ALA D 308 -19.13 15.19 16.38
N TYR D 309 -20.19 14.61 15.80
CA TYR D 309 -20.99 15.27 14.76
C TYR D 309 -22.10 16.09 15.38
N LEU D 310 -22.56 15.66 16.55
CA LEU D 310 -23.55 16.43 17.27
C LEU D 310 -22.85 17.63 17.87
N ALA D 311 -21.58 17.46 18.18
CA ALA D 311 -20.73 18.57 18.51
C ALA D 311 -20.70 19.57 17.37
N TYR D 312 -20.33 19.12 16.18
CA TYR D 312 -20.28 19.97 14.98
C TYR D 312 -21.48 20.90 14.88
N LEU D 313 -22.67 20.36 15.08
CA LEU D 313 -23.91 21.11 14.91
C LEU D 313 -24.07 22.18 15.99
N SER D 314 -23.62 21.88 17.20
CA SER D 314 -23.83 22.77 18.33
C SER D 314 -22.79 23.89 18.42
N THR D 315 -21.92 23.97 17.43
CA THR D 315 -21.04 25.12 17.30
C THR D 315 -21.74 26.18 16.46
N LEU D 316 -22.58 25.73 15.54
CA LEU D 316 -23.28 26.61 14.61
C LEU D 316 -24.48 27.32 15.26
N ALA D 317 -24.43 27.47 16.58
CA ALA D 317 -25.44 28.20 17.35
C ALA D 317 -25.41 29.71 17.08
N LYS D 318 -24.22 30.29 17.16
CA LYS D 318 -24.01 31.72 16.86
C LYS D 318 -23.03 31.92 15.68
N LYS D 319 -22.99 31.11 14.74
N ILE E 6 -15.46 -21.15 36.44
CA ILE E 6 -15.74 -20.20 35.30
C ILE E 6 -17.23 -19.74 35.18
N TRP E 7 -17.64 -18.94 36.16
CA TRP E 7 -19.03 -18.54 36.39
C TRP E 7 -19.93 -18.28 35.16
N VAL E 8 -19.38 -17.70 34.11
CA VAL E 8 -20.19 -17.31 32.96
C VAL E 8 -20.75 -18.51 32.19
N GLU E 9 -20.32 -19.72 32.54
CA GLU E 9 -20.91 -20.93 31.94
C GLU E 9 -21.75 -21.70 32.98
N LYS E 10 -21.16 -21.88 34.17
CA LYS E 10 -21.84 -22.47 35.32
C LYS E 10 -23.22 -21.82 35.60
N TYR E 11 -23.50 -20.66 34.97
CA TYR E 11 -24.77 -19.95 35.17
C TYR E 11 -25.42 -19.60 33.82
N ARG E 12 -24.93 -20.27 32.78
CA ARG E 12 -25.56 -20.27 31.47
C ARG E 12 -27.04 -20.63 31.69
N PRO E 13 -27.97 -19.71 31.33
CA PRO E 13 -29.38 -20.02 31.54
C PRO E 13 -29.76 -21.38 30.92
N ARG E 14 -30.69 -22.07 31.58
CA ARG E 14 -31.07 -23.44 31.20
C ARG E 14 -32.43 -23.52 30.50
N THR E 15 -33.32 -22.59 30.85
CA THR E 15 -34.64 -22.47 30.23
C THR E 15 -34.82 -21.00 29.81
N LEU E 16 -35.61 -20.75 28.76
CA LEU E 16 -35.93 -19.37 28.34
C LEU E 16 -36.32 -18.45 29.53
N ASP E 17 -37.10 -19.00 30.49
CA ASP E 17 -37.47 -18.33 31.75
C ASP E 17 -36.27 -17.76 32.53
N GLU E 18 -35.09 -18.35 32.36
CA GLU E 18 -33.88 -17.96 33.11
C GLU E 18 -33.00 -16.91 32.43
N VAL E 19 -33.33 -16.55 31.19
CA VAL E 19 -32.64 -15.46 30.52
C VAL E 19 -33.33 -14.15 30.88
N VAL E 20 -32.61 -13.28 31.59
CA VAL E 20 -33.22 -12.11 32.19
C VAL E 20 -33.03 -10.86 31.33
N GLY E 21 -33.82 -9.82 31.60
CA GLY E 21 -33.70 -8.52 30.93
C GLY E 21 -34.28 -8.42 29.52
N GLN E 22 -34.63 -9.57 28.95
CA GLN E 22 -35.05 -9.62 27.57
C GLN E 22 -36.49 -10.11 27.41
N ASP E 23 -37.35 -9.77 28.37
CA ASP E 23 -38.77 -10.12 28.30
C ASP E 23 -39.30 -9.94 26.89
N GLU E 24 -39.13 -8.73 26.37
CA GLU E 24 -39.46 -8.35 25.00
C GLU E 24 -39.29 -9.48 23.99
N VAL E 25 -38.12 -10.12 23.99
CA VAL E 25 -37.81 -11.22 23.07
C VAL E 25 -38.39 -12.55 23.56
N ILE E 26 -38.09 -12.90 24.81
CA ILE E 26 -38.43 -14.21 25.37
C ILE E 26 -39.93 -14.46 25.50
N GLN E 27 -40.68 -13.46 26.00
CA GLN E 27 -42.15 -13.56 26.11
C GLN E 27 -42.78 -14.12 24.84
N ARG E 28 -42.29 -13.67 23.68
CA ARG E 28 -42.80 -14.16 22.41
C ARG E 28 -41.98 -15.33 21.83
N LEU E 29 -40.76 -15.51 22.32
CA LEU E 29 -39.92 -16.64 21.94
C LEU E 29 -40.40 -17.92 22.64
N LYS E 30 -41.14 -17.73 23.73
CA LYS E 30 -41.82 -18.82 24.44
C LYS E 30 -42.96 -19.37 23.58
N GLY E 31 -43.66 -18.47 22.89
CA GLY E 31 -44.76 -18.84 22.00
C GLY E 31 -44.32 -19.65 20.79
N TYR E 32 -43.06 -20.08 20.81
CA TYR E 32 -42.52 -20.95 19.78
C TYR E 32 -42.19 -22.33 20.35
N VAL E 33 -42.36 -22.51 21.66
CA VAL E 33 -42.13 -23.81 22.31
C VAL E 33 -43.42 -24.58 22.58
N GLU E 34 -44.53 -23.85 22.71
CA GLU E 34 -45.85 -24.46 22.87
C GLU E 34 -46.31 -25.10 21.57
N ARG E 35 -46.00 -24.43 20.46
CA ARG E 35 -46.40 -24.88 19.13
C ARG E 35 -45.33 -25.76 18.48
N LYS E 36 -44.10 -25.68 18.98
CA LYS E 36 -42.92 -26.32 18.39
C LYS E 36 -42.67 -25.88 16.94
N ASN E 37 -42.64 -24.56 16.75
CA ASN E 37 -42.25 -23.92 15.50
C ASN E 37 -41.00 -23.07 15.74
N ILE E 38 -40.07 -23.11 14.79
CA ILE E 38 -38.95 -22.18 14.75
C ILE E 38 -38.69 -21.84 13.29
N PRO E 39 -39.07 -20.63 12.87
CA PRO E 39 -38.57 -20.21 11.58
C PRO E 39 -37.19 -19.65 11.85
N HIS E 40 -36.26 -19.82 10.92
CA HIS E 40 -34.90 -19.32 11.11
C HIS E 40 -34.89 -18.02 11.93
N LEU E 41 -34.24 -18.10 13.10
CA LEU E 41 -34.18 -16.97 14.02
C LEU E 41 -33.03 -16.04 13.69
N LEU E 42 -33.30 -14.74 13.81
CA LEU E 42 -32.25 -13.75 13.72
C LEU E 42 -32.14 -13.01 15.04
N PHE E 43 -31.00 -13.15 15.68
CA PHE E 43 -30.75 -12.54 16.96
C PHE E 43 -29.86 -11.34 16.74
N SER E 44 -30.37 -10.16 17.04
CA SER E 44 -29.55 -8.97 16.94
C SER E 44 -29.37 -8.36 18.31
N GLY E 45 -28.19 -7.80 18.56
CA GLY E 45 -27.94 -7.06 19.78
C GLY E 45 -26.48 -6.94 20.14
N PRO E 46 -26.16 -6.07 21.11
CA PRO E 46 -24.83 -5.87 21.64
C PRO E 46 -24.26 -7.19 22.14
N PRO E 47 -22.94 -7.28 22.36
CA PRO E 47 -22.42 -8.55 22.80
C PRO E 47 -22.62 -8.69 24.31
N GLY E 48 -22.83 -9.92 24.76
CA GLY E 48 -22.94 -10.22 26.18
C GLY E 48 -24.29 -9.86 26.74
N THR E 49 -25.33 -10.10 25.94
CA THR E 49 -26.69 -9.77 26.34
C THR E 49 -27.62 -10.96 26.29
N GLY E 50 -27.19 -12.02 25.61
CA GLY E 50 -27.88 -13.29 25.74
C GLY E 50 -28.29 -13.97 24.46
N LYS E 51 -27.74 -13.51 23.33
CA LYS E 51 -28.06 -14.15 22.06
C LYS E 51 -27.72 -15.64 22.11
N THR E 52 -26.48 -15.98 22.43
CA THR E 52 -26.07 -17.38 22.52
C THR E 52 -26.84 -18.10 23.63
N ALA E 53 -27.05 -17.41 24.74
CA ALA E 53 -27.69 -18.02 25.89
C ALA E 53 -29.09 -18.50 25.57
N THR E 54 -29.91 -17.62 25.00
CA THR E 54 -31.30 -17.99 24.72
C THR E 54 -31.36 -18.97 23.57
N ALA E 55 -30.41 -18.89 22.65
CA ALA E 55 -30.34 -19.83 21.54
C ALA E 55 -29.89 -21.20 22.03
N ILE E 56 -29.30 -21.26 23.22
CA ILE E 56 -29.08 -22.53 23.90
C ILE E 56 -30.38 -22.91 24.61
N ALA E 57 -30.85 -22.02 25.50
CA ALA E 57 -32.05 -22.25 26.29
C ALA E 57 -33.31 -22.41 25.45
N LEU E 58 -33.22 -22.07 24.17
CA LEU E 58 -34.30 -22.29 23.21
C LEU E 58 -34.21 -23.70 22.68
N ALA E 59 -32.99 -24.16 22.41
CA ALA E 59 -32.76 -25.53 21.98
C ALA E 59 -32.92 -26.48 23.15
N ARG E 60 -32.74 -25.97 24.37
CA ARG E 60 -32.82 -26.78 25.56
C ARG E 60 -34.27 -27.02 25.99
N ASP E 61 -35.14 -26.05 25.71
CA ASP E 61 -36.55 -26.15 26.08
C ASP E 61 -37.38 -26.94 25.08
N LEU E 62 -36.77 -27.30 23.95
CA LEU E 62 -37.48 -28.01 22.89
C LEU E 62 -37.04 -29.46 22.71
N PHE E 63 -35.86 -29.79 23.21
CA PHE E 63 -35.33 -31.16 23.11
C PHE E 63 -35.28 -31.88 24.46
N GLY E 64 -35.38 -31.10 25.54
CA GLY E 64 -35.41 -31.64 26.89
C GLY E 64 -34.04 -32.01 27.42
N GLU E 65 -33.60 -33.23 27.11
CA GLU E 65 -32.34 -33.76 27.62
C GLU E 65 -31.32 -33.98 26.50
N ASN E 66 -31.81 -34.04 25.26
CA ASN E 66 -30.97 -34.43 24.13
C ASN E 66 -30.64 -33.29 23.15
N TRP E 67 -30.34 -32.11 23.69
CA TRP E 67 -29.97 -30.97 22.84
C TRP E 67 -28.54 -31.06 22.33
N ARG E 68 -27.59 -31.31 23.24
CA ARG E 68 -26.16 -31.36 22.90
C ARG E 68 -25.84 -32.15 21.64
N ASP E 69 -26.56 -33.26 21.44
CA ASP E 69 -26.35 -34.14 20.29
C ASP E 69 -26.68 -33.46 18.96
N ASN E 70 -27.70 -32.60 18.97
CA ASN E 70 -28.19 -31.98 17.76
C ASN E 70 -27.62 -30.59 17.51
N PHE E 71 -28.01 -29.65 18.36
CA PHE E 71 -27.57 -28.26 18.28
C PHE E 71 -26.04 -28.14 18.27
N ILE E 72 -25.52 -27.30 17.38
CA ILE E 72 -24.10 -26.98 17.36
C ILE E 72 -23.86 -25.51 17.05
N GLU E 73 -22.98 -24.90 17.84
CA GLU E 73 -22.59 -23.50 17.68
C GLU E 73 -21.27 -23.41 16.93
N MET E 74 -21.22 -22.50 15.95
CA MET E 74 -19.99 -22.25 15.21
C MET E 74 -19.90 -20.80 14.74
N ASN E 75 -18.69 -20.26 14.79
CA ASN E 75 -18.42 -18.89 14.39
C ASN E 75 -18.44 -18.78 12.88
N ALA E 76 -19.26 -17.85 12.38
CA ALA E 76 -19.52 -17.71 10.96
C ALA E 76 -18.53 -16.82 10.21
N SER E 77 -17.57 -16.22 10.92
CA SER E 77 -16.62 -15.31 10.29
C SER E 77 -15.33 -15.99 9.79
N ASP E 78 -15.09 -17.22 10.25
CA ASP E 78 -13.95 -18.04 9.77
C ASP E 78 -14.25 -18.53 8.33
N GLU E 79 -13.87 -17.69 7.35
CA GLU E 79 -14.39 -17.72 5.95
C GLU E 79 -14.35 -19.02 5.11
N ARG E 80 -13.51 -19.98 5.49
CA ARG E 80 -13.33 -21.21 4.70
C ARG E 80 -14.07 -22.43 5.27
N GLY E 81 -14.88 -22.20 6.30
CA GLY E 81 -15.54 -23.27 7.05
C GLY E 81 -17.05 -23.39 6.93
N ILE E 82 -17.67 -22.45 6.23
CA ILE E 82 -19.08 -22.54 5.88
C ILE E 82 -19.29 -23.78 5.01
N ASP E 83 -18.34 -24.00 4.11
CA ASP E 83 -18.40 -25.07 3.14
C ASP E 83 -17.81 -26.39 3.67
N VAL E 84 -16.97 -26.30 4.69
CA VAL E 84 -16.41 -27.50 5.32
C VAL E 84 -17.36 -28.07 6.39
N VAL E 85 -18.22 -27.20 6.93
CA VAL E 85 -19.27 -27.64 7.85
C VAL E 85 -20.62 -27.62 7.12
N ARG E 86 -20.67 -28.42 6.05
CA ARG E 86 -21.89 -28.71 5.30
C ARG E 86 -22.22 -30.19 5.41
N HIS E 87 -21.20 -31.01 5.72
CA HIS E 87 -21.41 -32.44 5.98
C HIS E 87 -22.03 -32.67 7.35
N LYS E 88 -21.92 -31.66 8.22
CA LYS E 88 -22.65 -31.61 9.47
C LYS E 88 -24.10 -31.18 9.19
N ILE E 89 -24.34 -30.62 8.01
CA ILE E 89 -25.68 -30.21 7.60
C ILE E 89 -26.49 -31.38 7.04
N LYS E 90 -25.81 -32.39 6.47
CA LYS E 90 -26.47 -33.52 5.82
C LYS E 90 -26.74 -34.75 6.73
N GLU E 91 -25.84 -34.97 7.68
CA GLU E 91 -26.03 -35.99 8.73
C GLU E 91 -27.08 -35.50 9.74
N PHE E 92 -27.11 -34.18 9.93
CA PHE E 92 -27.99 -33.51 10.88
C PHE E 92 -29.42 -33.32 10.35
N ALA E 93 -29.57 -33.29 9.03
CA ALA E 93 -30.89 -33.15 8.39
C ALA E 93 -31.55 -34.48 8.07
N ARG E 94 -30.74 -35.55 7.96
CA ARG E 94 -31.27 -36.88 7.71
C ARG E 94 -31.68 -37.57 9.02
N THR E 95 -31.09 -37.16 10.14
CA THR E 95 -31.49 -37.67 11.46
C THR E 95 -32.69 -36.89 12.01
N ALA E 96 -33.79 -37.61 12.21
CA ALA E 96 -35.00 -37.04 12.78
C ALA E 96 -34.84 -36.91 14.30
N PRO E 97 -35.28 -35.77 14.87
CA PRO E 97 -35.12 -35.53 16.31
C PRO E 97 -35.61 -36.74 17.12
N ILE E 98 -34.66 -37.41 17.76
CA ILE E 98 -34.93 -38.64 18.50
C ILE E 98 -35.79 -38.34 19.73
N GLY E 99 -37.04 -38.76 19.67
CA GLY E 99 -38.00 -38.55 20.76
C GLY E 99 -39.44 -38.35 20.30
N GLY E 100 -39.74 -37.15 19.82
CA GLY E 100 -41.08 -36.80 19.33
C GLY E 100 -41.19 -35.38 18.79
N ALA E 101 -40.08 -34.86 18.26
CA ALA E 101 -40.03 -33.50 17.69
C ALA E 101 -39.70 -33.55 16.20
N PRO E 102 -40.20 -32.57 15.40
CA PRO E 102 -39.94 -32.53 13.96
C PRO E 102 -38.59 -31.94 13.49
N PHE E 103 -38.10 -30.90 14.18
CA PHE E 103 -37.04 -30.03 13.62
C PHE E 103 -35.74 -29.96 14.42
N LYS E 104 -34.71 -29.38 13.81
CA LYS E 104 -33.35 -29.32 14.41
C LYS E 104 -32.63 -27.99 14.15
N ILE E 105 -31.69 -27.63 15.04
CA ILE E 105 -31.13 -26.25 15.10
C ILE E 105 -29.61 -26.12 14.91
N ILE E 106 -29.20 -25.06 14.22
CA ILE E 106 -27.79 -24.66 14.07
C ILE E 106 -27.61 -23.17 14.39
N PHE E 107 -26.71 -22.85 15.31
CA PHE E 107 -26.45 -21.46 15.71
C PHE E 107 -25.23 -20.92 15.01
N LEU E 108 -25.33 -19.66 14.57
CA LEU E 108 -24.29 -19.07 13.76
C LEU E 108 -23.90 -17.69 14.31
N ASP E 109 -22.90 -17.67 15.19
CA ASP E 109 -22.40 -16.44 15.80
C ASP E 109 -21.68 -15.59 14.76
N GLU E 110 -21.69 -14.27 14.95
CA GLU E 110 -20.91 -13.33 14.13
C GLU E 110 -21.30 -13.34 12.65
N ALA E 111 -22.56 -13.62 12.36
CA ALA E 111 -23.06 -13.63 10.99
C ALA E 111 -22.77 -12.35 10.24
N ASP E 112 -22.92 -11.21 10.93
CA ASP E 112 -22.72 -9.89 10.33
C ASP E 112 -21.24 -9.54 10.08
N ALA E 113 -20.45 -10.52 9.66
CA ALA E 113 -19.06 -10.28 9.31
C ALA E 113 -18.79 -10.67 7.85
N LEU E 114 -19.75 -11.35 7.24
CA LEU E 114 -19.61 -11.89 5.90
C LEU E 114 -20.09 -10.92 4.82
N THR E 115 -19.39 -10.91 3.68
CA THR E 115 -19.81 -10.14 2.52
C THR E 115 -20.91 -10.91 1.78
N ALA E 116 -21.69 -10.20 0.97
CA ALA E 116 -22.91 -10.70 0.31
C ALA E 116 -22.94 -12.20 -0.03
N ASP E 117 -21.81 -12.71 -0.51
CA ASP E 117 -21.72 -14.04 -1.13
C ASP E 117 -22.09 -15.22 -0.22
N ALA E 118 -21.28 -15.46 0.82
CA ALA E 118 -21.45 -16.62 1.70
C ALA E 118 -22.85 -16.71 2.29
N GLN E 119 -23.47 -15.55 2.43
CA GLN E 119 -24.81 -15.42 3.01
C GLN E 119 -25.87 -16.22 2.23
N ALA E 120 -25.74 -16.23 0.90
CA ALA E 120 -26.66 -16.95 0.03
C ALA E 120 -26.71 -18.45 0.34
N ALA E 121 -25.54 -19.07 0.54
CA ALA E 121 -25.42 -20.52 0.71
C ALA E 121 -26.32 -21.11 1.80
N LEU E 122 -26.83 -20.23 2.65
CA LEU E 122 -27.79 -20.59 3.68
C LEU E 122 -29.09 -21.08 3.06
N ARG E 123 -29.50 -20.38 1.99
CA ARG E 123 -30.84 -20.52 1.40
C ARG E 123 -31.17 -21.90 0.81
N ARG E 124 -30.16 -22.59 0.28
CA ARG E 124 -30.36 -23.90 -0.34
C ARG E 124 -30.36 -25.04 0.68
N THR E 125 -30.61 -24.65 1.93
CA THR E 125 -30.75 -25.55 3.05
C THR E 125 -31.89 -25.04 3.92
N MET E 126 -32.48 -23.91 3.51
CA MET E 126 -33.66 -23.33 4.16
C MET E 126 -34.95 -23.91 3.57
N GLU E 127 -35.12 -23.77 2.25
CA GLU E 127 -36.28 -24.34 1.55
C GLU E 127 -36.19 -25.86 1.38
N MET E 128 -34.97 -26.40 1.46
CA MET E 128 -34.78 -27.85 1.45
C MET E 128 -34.79 -28.43 2.86
N TYR E 129 -34.37 -27.61 3.83
CA TYR E 129 -34.49 -28.00 5.25
C TYR E 129 -35.20 -26.94 6.09
N SER E 130 -36.52 -26.92 6.01
CA SER E 130 -37.37 -26.24 6.99
C SER E 130 -38.34 -27.27 7.58
N LYS E 131 -38.25 -28.48 7.04
CA LYS E 131 -38.93 -29.65 7.59
C LYS E 131 -37.91 -30.56 8.29
N SER E 132 -36.71 -30.02 8.54
CA SER E 132 -35.64 -30.73 9.26
C SER E 132 -34.63 -29.79 9.96
N CYS E 133 -34.09 -28.84 9.20
CA CYS E 133 -33.09 -27.89 9.73
C CYS E 133 -33.65 -26.51 10.07
N ARG E 134 -32.93 -25.79 10.93
CA ARG E 134 -33.25 -24.42 11.31
C ARG E 134 -32.02 -23.67 11.78
N PHE E 135 -31.91 -22.40 11.40
CA PHE E 135 -30.76 -21.56 11.74
C PHE E 135 -31.12 -20.46 12.73
N ILE E 136 -30.21 -20.22 13.68
CA ILE E 136 -30.30 -19.02 14.50
C ILE E 136 -29.07 -18.17 14.23
N LEU E 137 -29.30 -16.95 13.77
CA LEU E 137 -28.23 -16.04 13.36
C LEU E 137 -28.02 -14.91 14.34
N SER E 138 -26.86 -14.91 14.99
CA SER E 138 -26.49 -13.82 15.89
C SER E 138 -25.74 -12.78 15.09
N CYS E 139 -26.07 -11.52 15.34
CA CYS E 139 -25.39 -10.40 14.70
C CYS E 139 -25.48 -9.19 15.61
N ASN E 140 -24.50 -8.30 15.47
CA ASN E 140 -24.45 -7.08 16.25
C ASN E 140 -25.59 -6.15 15.86
N TYR E 141 -25.81 -5.98 14.56
CA TYR E 141 -26.90 -5.16 14.04
C TYR E 141 -27.62 -5.84 12.89
N VAL E 142 -28.95 -5.74 12.88
CA VAL E 142 -29.77 -6.32 11.81
C VAL E 142 -29.45 -5.68 10.46
N SER E 143 -29.24 -4.36 10.46
CA SER E 143 -28.90 -3.61 9.26
C SER E 143 -27.77 -4.25 8.44
N ARG E 144 -26.92 -5.02 9.10
CA ARG E 144 -25.71 -5.55 8.46
C ARG E 144 -25.88 -6.95 7.84
N ILE E 145 -27.11 -7.45 7.81
CA ILE E 145 -27.41 -8.72 7.16
C ILE E 145 -28.29 -8.46 5.94
N ILE E 146 -27.74 -8.75 4.76
CA ILE E 146 -28.43 -8.50 3.50
C ILE E 146 -29.85 -9.03 3.54
N GLU E 147 -30.75 -8.30 2.88
CA GLU E 147 -32.17 -8.53 2.99
C GLU E 147 -32.64 -9.96 2.70
N PRO E 148 -32.19 -10.58 1.58
CA PRO E 148 -32.61 -11.96 1.26
C PRO E 148 -32.54 -12.98 2.42
N ILE E 149 -31.97 -12.60 3.56
CA ILE E 149 -31.95 -13.47 4.74
C ILE E 149 -32.95 -13.03 5.79
N GLN E 150 -32.94 -11.74 6.14
CA GLN E 150 -33.96 -11.15 7.00
C GLN E 150 -35.33 -11.58 6.50
N SER E 151 -35.40 -11.71 5.17
CA SER E 151 -36.58 -12.17 4.46
C SER E 151 -37.11 -13.46 5.05
N ARG E 152 -36.23 -14.43 5.30
CA ARG E 152 -36.62 -15.73 5.80
C ARG E 152 -36.41 -15.90 7.30
N CYS E 153 -36.35 -14.78 8.03
CA CYS E 153 -36.04 -14.83 9.44
C CYS E 153 -37.06 -14.12 10.31
N ALA E 154 -37.41 -14.75 11.42
CA ALA E 154 -38.09 -14.05 12.51
C ALA E 154 -37.00 -13.36 13.33
N VAL E 155 -37.11 -12.03 13.46
CA VAL E 155 -36.05 -11.21 14.03
C VAL E 155 -36.26 -10.87 15.51
N PHE E 156 -35.16 -10.82 16.27
CA PHE E 156 -35.19 -10.49 17.69
C PHE E 156 -34.06 -9.54 18.09
N ARG E 157 -34.43 -8.34 18.54
CA ARG E 157 -33.43 -7.35 18.92
C ARG E 157 -33.20 -7.39 20.42
N PHE E 158 -32.06 -7.96 20.82
CA PHE E 158 -31.62 -7.96 22.20
C PHE E 158 -31.14 -6.57 22.59
N LYS E 159 -31.70 -6.09 23.69
CA LYS E 159 -31.34 -4.80 24.23
C LYS E 159 -30.28 -5.05 25.30
N PRO E 160 -29.43 -4.05 25.57
CA PRO E 160 -28.46 -4.24 26.65
C PRO E 160 -29.17 -4.49 28.02
N VAL E 161 -29.08 -5.71 28.62
CA VAL E 161 -29.70 -6.08 29.95
C VAL E 161 -29.82 -4.91 30.95
N PRO E 162 -29.75 -5.13 31.63
CA PRO E 162 -29.84 -3.90 32.43
C PRO E 162 -29.11 -4.05 33.75
N LYS E 163 -29.21 -3.03 34.60
CA LYS E 163 -28.46 -3.01 35.84
C LYS E 163 -28.91 -4.12 36.81
N GLU E 164 -30.14 -4.03 37.31
CA GLU E 164 -30.59 -4.87 38.43
C GLU E 164 -30.66 -6.34 38.10
N ALA E 165 -31.02 -6.65 36.86
CA ALA E 165 -31.12 -8.02 36.40
C ALA E 165 -29.77 -8.73 36.41
N MET E 166 -28.73 -8.02 35.99
CA MET E 166 -27.36 -8.54 36.02
C MET E 166 -26.82 -8.56 37.44
N LYS E 167 -26.91 -7.43 38.11
CA LYS E 167 -26.50 -7.30 39.50
C LYS E 167 -27.05 -8.45 40.34
N LYS E 168 -28.31 -8.81 40.13
CA LYS E 168 -28.88 -9.98 40.81
C LYS E 168 -28.09 -11.24 40.44
N ARG E 169 -28.03 -11.56 39.15
CA ARG E 169 -27.35 -12.78 38.68
C ARG E 169 -25.91 -12.82 39.15
N LEU E 170 -25.26 -11.66 39.19
CA LEU E 170 -23.88 -11.61 39.67
C LEU E 170 -23.80 -12.05 41.12
N LEU E 171 -24.72 -11.57 41.95
CA LEU E 171 -24.76 -11.98 43.33
C LEU E 171 -24.96 -13.47 43.51
N GLU E 172 -25.88 -14.05 42.73
CA GLU E 172 -26.13 -15.49 42.77
C GLU E 172 -24.88 -16.27 42.40
N ILE E 173 -24.14 -15.81 41.40
CA ILE E 173 -22.87 -16.46 41.03
C ILE E 173 -21.92 -16.40 42.23
N CYS E 174 -22.09 -15.40 43.09
CA CYS E 174 -21.18 -15.18 44.21
C CYS E 174 -21.56 -15.98 45.43
N GLU E 175 -22.76 -15.76 45.96
CA GLU E 175 -23.18 -16.51 47.14
C GLU E 175 -22.97 -18.01 46.94
N LYS E 176 -23.14 -18.48 45.70
CA LYS E 176 -22.95 -19.88 45.34
C LYS E 176 -21.49 -20.26 45.04
N GLU E 177 -20.57 -19.35 45.33
CA GLU E 177 -19.16 -19.57 45.08
C GLU E 177 -18.28 -18.94 46.15
N GLY E 178 -18.91 -18.53 47.24
CA GLY E 178 -18.20 -18.03 48.42
C GLY E 178 -17.28 -16.88 48.14
N VAL E 179 -17.81 -15.88 47.44
CA VAL E 179 -17.07 -14.68 47.12
C VAL E 179 -17.74 -13.50 47.82
N LYS E 180 -16.93 -12.60 48.36
CA LYS E 180 -17.47 -11.48 49.11
C LYS E 180 -17.30 -10.19 48.35
N ILE E 181 -18.28 -9.82 47.52
CA ILE E 181 -18.21 -8.53 46.86
C ILE E 181 -18.84 -7.54 47.82
N THR E 182 -18.38 -6.31 47.78
CA THR E 182 -19.10 -5.22 48.43
C THR E 182 -20.15 -4.65 47.48
N GLU E 183 -20.91 -3.67 47.92
CA GLU E 183 -21.79 -2.95 47.01
C GLU E 183 -20.98 -2.15 46.00
N ASP E 184 -19.90 -1.53 46.47
CA ASP E 184 -18.92 -0.80 45.65
C ASP E 184 -18.39 -1.61 44.47
N GLY E 185 -17.94 -2.84 44.77
CA GLY E 185 -17.37 -3.74 43.78
C GLY E 185 -18.41 -4.34 42.85
N LEU E 186 -19.66 -4.30 43.26
CA LEU E 186 -20.71 -4.75 42.39
C LEU E 186 -21.01 -3.66 41.36
N GLU E 187 -21.37 -2.47 41.85
CA GLU E 187 -21.60 -1.28 41.03
C GLU E 187 -20.46 -1.07 40.08
N ALA E 188 -19.23 -1.25 40.55
CA ALA E 188 -18.05 -1.09 39.72
C ALA E 188 -17.96 -2.22 38.70
N LEU E 189 -18.33 -3.43 39.10
CA LEU E 189 -18.32 -4.58 38.20
C LEU E 189 -19.27 -4.40 37.02
N ILE E 190 -19.94 -3.26 37.00
CA ILE E 190 -21.01 -3.05 36.05
C ILE E 190 -20.71 -1.87 35.14
N TYR E 191 -20.09 -0.84 35.72
CA TYR E 191 -19.40 0.22 34.98
C TYR E 191 -18.52 -0.45 33.91
N ILE E 192 -17.67 -1.37 34.38
CA ILE E 192 -16.88 -2.29 33.57
C ILE E 192 -17.67 -3.01 32.47
N SER E 193 -18.71 -3.73 32.87
CA SER E 193 -19.42 -4.67 32.02
C SER E 193 -20.01 -4.08 30.72
N GLY E 194 -20.35 -2.80 30.73
CA GLY E 194 -21.00 -2.18 29.56
C GLY E 194 -22.35 -2.84 29.29
N GLY E 195 -22.81 -3.62 30.26
CA GLY E 195 -24.02 -4.42 30.10
C GLY E 195 -23.73 -5.68 29.32
N ASP E 196 -22.55 -6.24 29.55
CA ASP E 196 -22.11 -7.37 28.80
C ASP E 196 -21.64 -8.39 29.82
N PHE E 197 -22.38 -9.48 29.91
CA PHE E 197 -22.19 -10.49 30.94
C PHE E 197 -20.83 -11.13 30.89
N ARG E 198 -20.49 -11.67 29.71
CA ARG E 198 -19.20 -12.31 29.51
C ARG E 198 -18.15 -11.46 30.19
N LYS E 199 -18.13 -10.16 29.84
CA LYS E 199 -17.20 -9.20 30.41
C LYS E 199 -17.30 -9.15 31.94
N ALA E 200 -18.53 -8.97 32.43
CA ALA E 200 -18.81 -8.91 33.86
C ALA E 200 -18.39 -10.19 34.59
N ILE E 201 -18.95 -11.33 34.18
CA ILE E 201 -18.66 -12.64 34.82
C ILE E 201 -17.16 -12.90 34.85
N ASN E 202 -16.56 -12.90 33.66
CA ASN E 202 -15.11 -13.03 33.55
C ASN E 202 -14.31 -12.17 34.52
N ALA E 203 -14.72 -10.92 34.68
CA ALA E 203 -14.05 -10.02 35.59
C ALA E 203 -14.20 -10.59 36.98
N LEU E 204 -15.44 -10.69 37.45
CA LEU E 204 -15.75 -11.22 38.79
C LEU E 204 -14.90 -12.45 39.10
N GLN E 205 -14.99 -13.46 38.22
CA GLN E 205 -14.17 -14.67 38.26
C GLN E 205 -12.72 -14.36 38.56
N GLY E 206 -12.13 -13.42 37.82
CA GLY E 206 -10.74 -13.04 38.01
C GLY E 206 -10.46 -12.35 39.33
N ALA E 207 -11.44 -11.65 39.87
CA ALA E 207 -11.27 -10.99 41.15
C ALA E 207 -11.50 -11.99 42.29
N ALA E 208 -12.26 -13.04 42.00
CA ALA E 208 -12.55 -14.09 42.97
C ALA E 208 -11.32 -14.97 43.20
N ALA E 209 -10.54 -15.19 42.14
CA ALA E 209 -9.34 -16.02 42.21
C ALA E 209 -8.34 -15.50 43.22
N ILE E 210 -8.33 -14.18 43.42
CA ILE E 210 -7.39 -13.53 44.34
C ILE E 210 -7.81 -13.70 45.80
N GLY E 211 -7.25 -12.88 46.68
CA GLY E 211 -7.47 -12.98 48.11
C GLY E 211 -8.74 -12.32 48.62
N GLU E 212 -9.80 -13.10 48.70
CA GLU E 212 -11.00 -12.71 49.44
C GLU E 212 -11.72 -11.48 48.89
N VAL E 213 -12.04 -10.54 49.78
CA VAL E 213 -12.98 -9.43 49.55
C VAL E 213 -12.81 -8.76 48.19
N VAL E 214 -13.92 -8.57 47.49
CA VAL E 214 -13.91 -7.94 46.18
C VAL E 214 -14.37 -6.49 46.30
N ASP E 215 -13.38 -5.62 46.39
CA ASP E 215 -13.55 -4.19 46.54
C ASP E 215 -13.91 -3.59 45.19
N ALA E 216 -14.33 -2.32 45.20
CA ALA E 216 -14.54 -1.53 43.98
C ALA E 216 -13.26 -1.50 43.17
N ASP E 217 -12.15 -1.25 43.87
CA ASP E 217 -10.84 -1.20 43.29
C ASP E 217 -10.46 -2.50 42.62
N THR E 218 -10.43 -3.58 43.39
CA THR E 218 -9.92 -4.85 42.86
C THR E 218 -10.55 -5.15 41.50
N ILE E 219 -11.78 -4.72 41.29
CA ILE E 219 -12.46 -4.85 40.01
C ILE E 219 -11.85 -3.91 38.94
N TYR E 220 -11.58 -2.65 39.34
CA TYR E 220 -11.00 -1.65 38.44
C TYR E 220 -9.61 -2.05 38.01
N GLN E 221 -8.93 -2.76 38.88
CA GLN E 221 -7.56 -3.18 38.64
C GLN E 221 -7.52 -4.34 37.66
N ILE E 222 -8.39 -5.33 37.87
CA ILE E 222 -8.41 -6.55 37.08
C ILE E 222 -8.74 -6.31 35.64
N THR E 223 -9.55 -5.29 35.38
CA THR E 223 -10.01 -4.99 34.01
C THR E 223 -9.15 -3.91 33.35
N ALA E 224 -8.24 -3.35 34.15
CA ALA E 224 -7.37 -2.25 33.76
C ALA E 224 -8.21 -1.05 33.34
N THR E 225 -9.44 -1.35 33.06
CA THR E 225 -10.17 -0.11 32.81
C THR E 225 -10.09 0.81 34.00
N ALA E 226 -9.54 1.99 33.78
CA ALA E 226 -9.20 2.95 34.83
C ALA E 226 -10.36 3.23 35.77
N ARG E 227 -10.04 3.40 37.05
CA ARG E 227 -10.96 4.00 37.98
C ARG E 227 -11.47 5.28 37.32
N PRO E 228 -12.79 5.44 37.24
CA PRO E 228 -13.38 6.64 36.70
C PRO E 228 -12.98 7.88 37.45
N GLU E 229 -12.54 7.73 38.69
CA GLU E 229 -12.02 8.87 39.44
C GLU E 229 -10.69 9.37 38.86
N GLU E 230 -9.90 8.43 38.33
CA GLU E 230 -8.57 8.71 37.80
C GLU E 230 -8.65 9.43 36.46
N MET E 231 -9.60 9.02 35.61
CA MET E 231 -9.85 9.66 34.33
C MET E 231 -10.20 11.13 34.52
N THR E 232 -11.24 11.38 35.31
CA THR E 232 -11.72 12.75 35.50
C THR E 232 -10.73 13.54 36.33
N GLU E 233 -9.67 12.87 36.77
CA GLU E 233 -8.52 13.55 37.37
C GLU E 233 -7.60 13.97 36.25
N LEU E 234 -7.18 12.98 35.46
CA LEU E 234 -6.34 13.18 34.27
C LEU E 234 -6.90 14.25 33.32
N ILE E 235 -8.18 14.13 32.96
CA ILE E 235 -8.83 15.14 32.10
C ILE E 235 -8.79 16.50 32.80
N GLN E 236 -9.01 16.50 34.11
CA GLN E 236 -9.08 17.75 34.84
C GLN E 236 -7.70 18.41 34.93
N THR E 237 -6.70 17.66 35.41
CA THR E 237 -5.35 18.22 35.52
C THR E 237 -4.82 18.64 34.17
N ALA E 238 -5.41 18.12 33.10
CA ALA E 238 -5.09 18.55 31.75
C ALA E 238 -5.71 19.91 31.49
N LEU E 239 -7.02 20.02 31.73
CA LEU E 239 -7.76 21.24 31.46
C LEU E 239 -7.25 22.44 32.25
N LYS E 240 -6.70 22.16 33.43
CA LYS E 240 -6.15 23.21 34.28
C LYS E 240 -4.92 23.85 33.63
N GLY E 241 -4.14 23.06 32.91
CA GLY E 241 -2.95 23.57 32.25
C GLY E 241 -1.69 22.77 32.52
N ASN E 242 -1.78 21.81 33.43
CA ASN E 242 -0.66 20.97 33.82
C ASN E 242 -0.45 19.80 32.87
N PHE E 243 0.07 20.11 31.69
CA PHE E 243 0.28 19.09 30.67
C PHE E 243 1.17 17.94 31.15
N MET E 244 2.40 18.27 31.56
CA MET E 244 3.35 17.24 31.97
C MET E 244 2.79 16.32 33.05
N GLU E 245 1.99 16.89 33.95
CA GLU E 245 1.31 16.09 34.96
C GLU E 245 0.34 15.12 34.31
N ALA E 246 -0.49 15.63 33.40
CA ALA E 246 -1.51 14.81 32.74
C ALA E 246 -0.87 13.64 32.00
N ARG E 247 0.22 13.95 31.30
CA ARG E 247 0.97 12.96 30.54
C ARG E 247 1.48 11.86 31.46
N GLU E 248 2.05 12.27 32.60
CA GLU E 248 2.47 11.34 33.63
C GLU E 248 1.32 10.39 33.98
N LEU E 249 0.16 10.95 34.31
CA LEU E 249 -0.99 10.15 34.73
C LEU E 249 -1.38 9.14 33.68
N LEU E 250 -1.65 9.63 32.47
CA LEU E 250 -2.06 8.77 31.38
C LEU E 250 -1.05 7.64 31.18
N ASP E 251 0.25 7.94 31.34
CA ASP E 251 1.27 6.90 31.25
C ASP E 251 1.07 5.86 32.34
N ARG E 252 1.37 6.24 33.58
CA ARG E 252 1.12 5.40 34.75
C ARG E 252 -0.15 4.60 34.57
N LEU E 253 -1.19 5.31 34.14
CA LEU E 253 -2.53 4.79 33.99
C LEU E 253 -2.54 3.69 32.95
N MET E 254 -1.82 3.91 31.85
CA MET E 254 -1.85 3.00 30.72
C MET E 254 -1.01 1.79 30.96
N VAL E 255 -0.14 1.86 31.94
CA VAL E 255 0.68 0.71 32.27
C VAL E 255 0.04 -0.11 33.37
N GLU E 256 -0.56 0.58 34.34
CA GLU E 256 -1.25 -0.06 35.47
C GLU E 256 -2.26 -1.13 35.04
N TYR E 257 -3.08 -0.81 34.04
CA TYR E 257 -4.12 -1.73 33.55
C TYR E 257 -3.80 -2.31 32.18
N GLY E 258 -3.05 -1.55 31.38
CA GLY E 258 -2.53 -2.05 30.11
C GLY E 258 -3.55 -1.95 29.00
N MET E 259 -4.13 -0.75 28.89
CA MET E 259 -5.18 -0.47 27.91
C MET E 259 -4.61 -0.15 26.56
N SER E 260 -5.43 -0.40 25.53
CA SER E 260 -5.08 0.02 24.18
C SER E 260 -5.31 1.53 23.99
N GLY E 261 -5.03 2.03 22.80
CA GLY E 261 -5.33 3.42 22.50
C GLY E 261 -6.82 3.60 22.33
N GLU E 262 -7.44 2.64 21.65
CA GLU E 262 -8.88 2.60 21.52
C GLU E 262 -9.52 2.57 22.92
N ASP E 263 -9.03 1.67 23.77
CA ASP E 263 -9.52 1.57 25.13
C ASP E 263 -9.40 2.85 25.89
N ILE E 264 -8.26 3.53 25.81
CA ILE E 264 -8.14 4.78 26.53
C ILE E 264 -9.10 5.81 25.97
N VAL E 265 -9.19 5.86 24.64
CA VAL E 265 -9.99 6.88 24.01
C VAL E 265 -11.45 6.61 24.35
N ALA E 266 -11.78 5.33 24.55
CA ALA E 266 -13.13 4.96 24.94
C ALA E 266 -13.45 5.61 26.30
N GLN E 267 -12.65 5.29 27.31
CA GLN E 267 -12.88 5.84 28.64
C GLN E 267 -12.77 7.36 28.60
N LEU E 268 -11.82 7.88 27.85
CA LEU E 268 -11.74 9.31 27.77
C LEU E 268 -13.12 9.85 27.46
N PHE E 269 -13.74 9.29 26.41
CA PHE E 269 -15.10 9.63 25.99
C PHE E 269 -16.13 9.54 27.11
N ARG E 270 -16.32 8.32 27.65
CA ARG E 270 -17.27 8.10 28.75
C ARG E 270 -17.17 9.18 29.81
N GLU E 271 -15.96 9.46 30.29
CA GLU E 271 -15.77 10.43 31.35
C GLU E 271 -15.78 11.87 30.88
N ILE E 272 -15.71 12.09 29.56
CA ILE E 272 -15.86 13.44 29.01
C ILE E 272 -17.33 13.76 28.98
N ILE E 273 -18.15 12.73 28.75
CA ILE E 273 -19.61 12.88 28.71
C ILE E 273 -20.14 13.12 30.11
N SER E 274 -19.71 12.25 31.03
CA SER E 274 -20.22 12.24 32.41
C SER E 274 -19.59 13.31 33.29
N MET E 275 -18.75 14.15 32.69
CA MET E 275 -18.32 15.41 33.31
C MET E 275 -19.55 16.28 33.56
N PRO E 276 -19.52 17.07 34.65
CA PRO E 276 -20.57 18.04 34.86
C PRO E 276 -20.18 19.43 34.34
N ILE E 277 -19.64 19.49 33.12
CA ILE E 277 -19.22 20.77 32.53
C ILE E 277 -20.18 21.21 31.42
N LYS E 278 -20.09 22.48 31.03
CA LYS E 278 -20.98 23.11 30.04
C LYS E 278 -21.11 22.31 28.75
N ASP E 279 -22.32 22.29 28.19
CA ASP E 279 -22.56 21.69 26.87
C ASP E 279 -21.77 22.41 25.78
N SER E 280 -21.39 23.66 26.05
CA SER E 280 -20.61 24.49 25.15
C SER E 280 -19.19 23.96 24.96
N LEU E 281 -18.56 23.56 26.08
CA LEU E 281 -17.18 23.10 26.08
C LEU E 281 -17.09 21.61 25.77
N LYS E 282 -18.00 20.83 26.35
CA LYS E 282 -18.04 19.38 26.17
C LYS E 282 -17.91 19.02 24.68
N VAL E 283 -18.50 19.86 23.83
CA VAL E 283 -18.45 19.69 22.39
C VAL E 283 -17.01 19.77 21.91
N GLN E 284 -16.36 20.88 22.17
CA GLN E 284 -14.96 21.08 21.80
C GLN E 284 -14.13 19.83 22.10
N LEU E 285 -14.33 19.28 23.29
CA LEU E 285 -13.61 18.10 23.70
C LEU E 285 -13.97 16.89 22.85
N ILE E 286 -15.25 16.58 22.79
CA ILE E 286 -15.69 15.41 22.02
C ILE E 286 -15.32 15.46 20.52
N ASP E 287 -15.52 16.64 19.91
CA ASP E 287 -15.10 16.88 18.53
C ASP E 287 -13.66 16.41 18.33
N LYS E 288 -12.74 17.01 19.08
CA LYS E 288 -11.31 16.63 18.99
C LYS E 288 -11.10 15.14 19.27
N LEU E 289 -11.81 14.63 20.30
CA LEU E 289 -11.73 13.22 20.67
C LEU E 289 -12.15 12.35 19.51
N GLY E 290 -13.14 12.86 18.77
CA GLY E 290 -13.58 12.22 17.53
C GLY E 290 -12.43 12.22 16.57
N GLU E 291 -11.76 13.36 16.45
CA GLU E 291 -10.60 13.53 15.59
C GLU E 291 -9.53 12.50 15.96
N VAL E 292 -9.10 12.54 17.23
CA VAL E 292 -8.05 11.69 17.74
C VAL E 292 -8.35 10.23 17.50
N ASP E 293 -9.58 9.81 17.80
CA ASP E 293 -9.94 8.41 17.62
C ASP E 293 -9.75 7.98 16.18
N PHE E 294 -10.02 8.91 15.25
CA PHE E 294 -9.82 8.60 13.85
C PHE E 294 -8.35 8.40 13.59
N ARG E 295 -7.55 9.43 13.91
CA ARG E 295 -6.10 9.39 13.74
C ARG E 295 -5.57 8.03 14.11
N LEU E 296 -5.94 7.54 15.29
CA LEU E 296 -5.52 6.21 15.72
C LEU E 296 -5.91 5.08 14.77
N THR E 297 -7.19 4.99 14.41
CA THR E 297 -7.64 3.91 13.58
C THR E 297 -6.95 3.87 12.21
N GLU E 298 -6.53 5.02 11.70
CA GLU E 298 -5.75 5.09 10.46
C GLU E 298 -4.35 4.52 10.64
N GLY E 299 -3.90 4.43 11.89
CA GLY E 299 -2.61 3.83 12.20
C GLY E 299 -1.57 4.78 12.74
N ALA E 300 -1.96 6.04 12.98
CA ALA E 300 -1.06 7.04 13.56
C ALA E 300 -0.55 6.58 14.90
N ASN E 301 0.44 7.29 15.45
CA ASN E 301 1.09 6.85 16.69
C ASN E 301 0.32 7.10 17.97
N GLU E 302 -0.12 6.00 18.58
CA GLU E 302 -0.81 5.98 19.87
C GLU E 302 -0.32 7.06 20.81
N ARG E 303 0.94 6.94 21.25
CA ARG E 303 1.48 7.85 22.25
C ARG E 303 1.40 9.31 21.84
N ILE E 304 1.70 9.60 20.58
CA ILE E 304 1.82 10.99 20.14
C ILE E 304 0.47 11.65 19.96
N GLN E 305 -0.50 10.92 19.42
CA GLN E 305 -1.83 11.47 19.24
C GLN E 305 -2.56 11.67 20.57
N LEU E 306 -2.35 10.73 21.49
CA LEU E 306 -2.91 10.80 22.83
C LEU E 306 -2.35 11.97 23.63
N ASP E 307 -1.03 12.05 23.74
CA ASP E 307 -0.40 13.18 24.41
C ASP E 307 -0.78 14.47 23.69
N ALA E 308 -0.82 14.41 22.36
CA ALA E 308 -1.28 15.51 21.54
C ALA E 308 -2.73 15.91 21.82
N TYR E 309 -3.51 15.03 22.44
CA TYR E 309 -4.88 15.35 22.84
C TYR E 309 -4.93 15.96 24.23
N LEU E 310 -3.95 15.59 25.05
CA LEU E 310 -3.82 16.20 26.36
C LEU E 310 -3.28 17.59 26.18
N ALA E 311 -2.50 17.78 25.12
CA ALA E 311 -2.10 19.08 24.69
C ALA E 311 -3.35 19.91 24.35
N TYR E 312 -4.19 19.39 23.46
CA TYR E 312 -5.44 20.06 23.06
C TYR E 312 -6.17 20.67 24.25
N LEU E 313 -6.32 19.89 25.32
CA LEU E 313 -7.10 20.32 26.48
C LEU E 313 -6.41 21.44 27.24
N SER E 314 -5.09 21.42 27.27
CA SER E 314 -4.33 22.38 28.07
C SER E 314 -4.10 23.71 27.36
N THR E 315 -4.69 23.86 26.18
CA THR E 315 -4.73 25.16 25.53
C THR E 315 -5.97 25.92 25.98
N LEU E 316 -7.02 25.16 26.30
CA LEU E 316 -8.31 25.72 26.69
C LEU E 316 -8.32 26.19 28.14
N ALA E 317 -7.14 26.53 28.66
CA ALA E 317 -6.97 27.09 30.01
C ALA E 317 -7.54 28.53 30.11
N LYS E 318 -7.14 29.38 29.17
CA LYS E 318 -7.65 30.75 29.09
C LYS E 318 -8.39 31.03 27.77
N LYS E 319 -9.04 30.13 27.21
N ILE F 6 27.27 -13.82 29.12
CA ILE F 6 25.94 -13.27 28.69
C ILE F 6 24.90 -13.07 29.83
N TRP F 7 25.21 -12.09 30.67
CA TRP F 7 24.54 -11.83 31.95
C TRP F 7 22.99 -12.03 32.00
N VAL F 8 22.30 -11.69 30.93
CA VAL F 8 20.83 -11.73 30.94
C VAL F 8 20.29 -13.17 31.04
N GLU F 9 21.15 -14.17 30.92
CA GLU F 9 20.71 -15.55 31.11
C GLU F 9 21.30 -16.14 32.42
N LYS F 10 22.62 -15.91 32.61
CA LYS F 10 23.32 -16.26 33.84
C LYS F 10 22.60 -15.74 35.11
N TYR F 11 21.62 -14.85 34.94
CA TYR F 11 20.87 -14.28 36.07
C TYR F 11 19.35 -14.39 35.85
N ARG F 12 19.00 -15.24 34.89
CA ARG F 12 17.62 -15.68 34.69
C ARG F 12 17.09 -16.17 36.04
N PRO F 13 16.04 -15.51 36.58
CA PRO F 13 15.53 -15.96 37.88
C PRO F 13 15.23 -17.45 37.90
N ARG F 14 15.46 -18.08 39.06
CA ARG F 14 15.37 -19.53 39.22
C ARG F 14 14.10 -19.97 39.96
N THR F 15 13.62 -19.11 40.87
CA THR F 15 12.37 -19.34 41.59
C THR F 15 11.50 -18.08 41.46
N LEU F 16 10.18 -18.23 41.51
CA LEU F 16 9.28 -17.07 41.50
C LEU F 16 9.71 -15.93 42.45
N ASP F 17 10.22 -16.30 43.65
CA ASP F 17 10.81 -15.37 44.63
C ASP F 17 11.90 -14.45 44.06
N GLU F 18 12.58 -14.91 43.00
CA GLU F 18 13.71 -14.17 42.40
C GLU F 18 13.34 -13.23 41.25
N VAL F 19 12.09 -13.26 40.82
CA VAL F 19 11.60 -12.31 39.83
C VAL F 19 11.13 -11.05 40.55
N VAL F 20 11.82 -9.93 40.32
CA VAL F 20 11.61 -8.74 41.12
C VAL F 20 10.66 -7.75 40.43
N GLY F 21 10.14 -6.79 41.19
CA GLY F 21 9.29 -5.72 40.66
C GLY F 21 7.85 -6.08 40.36
N GLN F 22 7.54 -7.37 40.38
CA GLN F 22 6.25 -7.85 39.96
C GLN F 22 5.49 -8.56 41.08
N ASP F 23 5.67 -8.09 42.31
CA ASP F 23 4.95 -8.63 43.47
C ASP F 23 3.49 -8.91 43.10
N GLU F 24 2.82 -7.87 42.63
CA GLU F 24 1.45 -7.91 42.13
C GLU F 24 1.09 -9.24 41.46
N VAL F 25 1.91 -9.69 40.52
CA VAL F 25 1.69 -10.94 39.79
C VAL F 25 2.16 -12.16 40.60
N ILE F 26 3.40 -12.12 41.06
CA ILE F 26 4.04 -13.27 41.70
C ILE F 26 3.40 -13.68 43.04
N GLN F 27 3.10 -12.69 43.89
CA GLN F 27 2.41 -12.96 45.17
C GLN F 27 1.24 -13.91 45.00
N ARG F 28 0.47 -13.73 43.94
CA ARG F 28 -0.66 -14.61 43.67
C ARG F 28 -0.32 -15.77 42.71
N LEU F 29 0.78 -15.64 41.98
CA LEU F 29 1.26 -16.71 41.12
C LEU F 29 1.93 -17.80 41.96
N LYS F 30 2.33 -17.43 43.17
CA LYS F 30 2.84 -18.38 44.17
C LYS F 30 1.72 -19.28 44.66
N GLY F 31 0.52 -18.70 44.82
CA GLY F 31 -0.67 -19.45 45.25
C GLY F 31 -1.15 -20.47 44.24
N TYR F 32 -0.31 -20.72 43.23
CA TYR F 32 -0.57 -21.76 42.24
C TYR F 32 0.47 -22.87 42.34
N VAL F 33 1.46 -22.71 43.22
CA VAL F 33 2.48 -23.74 43.44
C VAL F 33 2.22 -24.59 44.69
N GLU F 34 1.50 -24.02 45.65
CA GLU F 34 1.10 -24.73 46.86
C GLU F 34 0.01 -25.74 46.54
N ARG F 35 -0.89 -25.36 45.63
CA ARG F 35 -2.02 -26.20 45.24
C ARG F 35 -1.69 -27.07 44.03
N LYS F 36 -0.65 -26.68 43.28
CA LYS F 36 -0.28 -27.30 42.01
C LYS F 36 -1.42 -27.23 40.97
N ASN F 37 -1.94 -26.01 40.79
CA ASN F 37 -2.89 -25.67 39.74
C ASN F 37 -2.28 -24.65 38.81
N ILE F 38 -2.51 -24.81 37.51
CA ILE F 38 -2.21 -23.78 36.51
C ILE F 38 -3.32 -23.81 35.47
N PRO F 39 -4.22 -22.82 35.52
CA PRO F 39 -5.08 -22.69 34.35
C PRO F 39 -4.29 -21.91 33.34
N HIS F 40 -4.46 -22.18 32.06
CA HIS F 40 -3.72 -21.47 31.02
C HIS F 40 -3.45 -20.02 31.42
N LEU F 41 -2.17 -19.69 31.54
CA LEU F 41 -1.74 -18.37 31.96
C LEU F 41 -1.65 -17.40 30.79
N LEU F 42 -2.09 -16.17 31.03
CA LEU F 42 -1.88 -15.12 30.06
C LEU F 42 -1.01 -14.03 30.69
N PHE F 43 0.16 -13.84 30.10
CA PHE F 43 1.12 -12.88 30.59
C PHE F 43 1.07 -11.68 29.67
N SER F 44 0.68 -10.55 30.21
CA SER F 44 0.69 -9.33 29.44
C SER F 44 1.69 -8.35 30.02
N GLY F 45 2.35 -7.59 29.16
CA GLY F 45 3.23 -6.52 29.61
C GLY F 45 4.27 -6.11 28.60
N PRO F 46 4.94 -4.98 28.84
CA PRO F 46 6.02 -4.48 28.03
C PRO F 46 7.11 -5.52 27.89
N PRO F 47 8.03 -5.37 26.92
CA PRO F 47 9.05 -6.39 26.79
C PRO F 47 10.16 -6.16 27.80
N GLY F 48 10.77 -7.24 28.27
CA GLY F 48 11.91 -7.14 29.16
C GLY F 48 11.51 -6.85 30.59
N THR F 49 10.39 -7.42 31.01
CA THR F 49 9.87 -7.19 32.34
C THR F 49 9.67 -8.47 33.13
N GLY F 50 9.68 -9.60 32.44
CA GLY F 50 9.79 -10.87 33.13
C GLY F 50 8.76 -11.92 32.78
N LYS F 51 8.04 -11.71 31.69
CA LYS F 51 7.07 -12.69 31.26
C LYS F 51 7.73 -14.06 31.06
N THR F 52 8.75 -14.13 30.22
CA THR F 52 9.45 -15.39 29.99
C THR F 52 10.12 -15.89 31.28
N ALA F 53 10.68 -14.97 32.05
CA ALA F 53 11.42 -15.32 33.25
C ALA F 53 10.55 -16.05 34.24
N THR F 54 9.39 -15.48 34.57
CA THR F 54 8.53 -16.08 35.57
C THR F 54 7.88 -17.34 35.03
N ALA F 55 7.65 -17.37 33.72
CA ALA F 55 7.09 -18.56 33.08
C ALA F 55 8.13 -19.68 33.04
N ILE F 56 9.40 -19.33 33.21
CA ILE F 56 10.44 -20.34 33.46
C ILE F 56 10.40 -20.68 34.95
N ALA F 57 10.58 -19.67 35.79
CA ALA F 57 10.62 -19.84 37.25
C ALA F 57 9.32 -20.38 37.83
N LEU F 58 8.26 -20.38 37.01
CA LEU F 58 7.00 -20.99 37.39
C LEU F 58 7.04 -22.47 37.08
N ALA F 59 7.62 -22.81 35.93
CA ALA F 59 7.82 -24.21 35.55
C ALA F 59 8.94 -24.83 36.38
N ARG F 60 9.84 -23.99 36.88
CA ARG F 60 10.97 -24.46 37.65
C ARG F 60 10.60 -24.77 39.10
N ASP F 61 9.61 -24.04 39.63
CA ASP F 61 9.17 -24.23 41.01
C ASP F 61 8.17 -25.35 41.17
N LEU F 62 7.72 -25.92 40.05
CA LEU F 62 6.71 -26.97 40.07
C LEU F 62 7.23 -28.34 39.67
N PHE F 63 8.38 -28.37 38.97
CA PHE F 63 8.99 -29.63 38.53
C PHE F 63 10.28 -29.94 39.28
N GLY F 64 10.85 -28.92 39.93
CA GLY F 64 12.06 -29.10 40.73
C GLY F 64 13.32 -29.11 39.90
N GLU F 65 13.68 -30.29 39.41
CA GLU F 65 14.92 -30.50 38.66
C GLU F 65 14.66 -30.87 37.21
N ASN F 66 13.44 -31.32 36.92
CA ASN F 66 13.11 -31.89 35.62
C ASN F 66 12.20 -31.02 34.76
N TRP F 67 12.42 -29.71 34.76
CA TRP F 67 11.63 -28.80 33.94
C TRP F 67 12.03 -28.82 32.46
N ARG F 68 13.33 -28.69 32.20
CA ARG F 68 13.86 -28.63 30.83
C ARG F 68 13.27 -29.68 29.89
N ASP F 69 13.06 -30.90 30.40
CA ASP F 69 12.53 -32.02 29.63
C ASP F 69 11.11 -31.76 29.13
N ASN F 70 10.31 -31.08 29.96
CA ASN F 70 8.89 -30.88 29.66
C ASN F 70 8.60 -29.54 28.99
N PHE F 71 8.78 -28.46 29.75
CA PHE F 71 8.54 -27.10 29.29
C PHE F 71 9.33 -26.79 28.02
N ILE F 72 8.67 -26.16 27.06
CA ILE F 72 9.33 -25.66 25.86
C ILE F 72 8.77 -24.30 25.43
N GLU F 73 9.69 -23.39 25.11
CA GLU F 73 9.36 -22.05 24.66
C GLU F 73 9.46 -21.98 23.13
N MET F 74 8.46 -21.37 22.51
CA MET F 74 8.47 -21.16 21.06
C MET F 74 7.72 -19.90 20.67
N ASN F 75 8.25 -19.20 19.68
CA ASN F 75 7.68 -17.96 19.17
C ASN F 75 6.44 -18.27 18.35
N ALA F 76 5.34 -17.62 18.71
CA ALA F 76 4.03 -17.90 18.13
C ALA F 76 3.72 -17.12 16.85
N SER F 77 4.62 -16.24 16.43
CA SER F 77 4.38 -15.40 15.25
C SER F 77 4.88 -16.00 13.94
N ASP F 78 5.74 -17.03 14.03
CA ASP F 78 6.21 -17.78 12.85
C ASP F 78 5.07 -18.67 12.32
N GLU F 79 4.27 -18.09 11.43
CA GLU F 79 2.89 -18.56 11.08
C GLU F 79 2.64 -20.01 10.62
N ARG F 80 3.67 -20.72 10.18
CA ARG F 80 3.52 -22.07 9.64
C ARG F 80 3.93 -23.18 10.62
N GLY F 81 4.23 -22.80 11.86
CA GLY F 81 4.78 -23.71 12.86
C GLY F 81 3.89 -24.06 14.05
N ILE F 82 2.73 -23.43 14.13
CA ILE F 82 1.72 -23.81 15.12
C ILE F 82 1.29 -25.25 14.86
N ASP F 83 1.17 -25.57 13.58
CA ASP F 83 0.68 -26.86 13.11
C ASP F 83 1.80 -27.89 12.98
N VAL F 84 3.05 -27.42 12.84
CA VAL F 84 4.19 -28.34 12.77
C VAL F 84 4.70 -28.70 14.18
N VAL F 85 4.39 -27.86 15.16
CA VAL F 85 4.67 -28.18 16.56
C VAL F 85 3.36 -28.53 17.28
N ARG F 86 2.73 -29.59 16.76
CA ARG F 86 1.57 -30.22 17.35
C ARG F 86 1.91 -31.67 17.74
N HIS F 87 2.95 -32.22 17.12
CA HIS F 87 3.46 -33.55 17.48
C HIS F 87 4.27 -33.48 18.78
N LYS F 88 4.71 -32.26 19.12
CA LYS F 88 5.29 -31.98 20.43
C LYS F 88 4.15 -31.85 21.46
N ILE F 89 2.93 -31.66 20.96
CA ILE F 89 1.76 -31.55 21.84
C ILE F 89 1.23 -32.94 22.24
N LYS F 90 1.45 -33.95 21.40
CA LYS F 90 0.91 -35.31 21.64
C LYS F 90 1.84 -36.26 22.41
N GLU F 91 3.15 -36.11 22.20
CA GLU F 91 4.18 -36.81 22.98
C GLU F 91 4.25 -36.23 24.40
N PHE F 92 3.99 -34.92 24.48
CA PHE F 92 4.05 -34.14 25.72
C PHE F 92 2.81 -34.29 26.60
N ALA F 93 1.68 -34.65 25.98
CA ALA F 93 0.42 -34.85 26.71
C ALA F 93 0.20 -36.31 27.13
N ARG F 94 0.88 -37.23 26.44
CA ARG F 94 0.80 -38.65 26.80
C ARG F 94 1.79 -39.01 27.90
N THR F 95 2.87 -38.25 28.01
CA THR F 95 3.84 -38.44 29.09
C THR F 95 3.40 -37.72 30.37
N ALA F 96 3.17 -38.49 31.42
CA ALA F 96 2.79 -37.96 32.73
C ALA F 96 4.04 -37.40 33.43
N PRO F 97 3.91 -36.21 34.06
CA PRO F 97 5.05 -35.59 34.74
C PRO F 97 5.78 -36.59 35.63
N ILE F 98 7.00 -36.94 35.24
CA ILE F 98 7.80 -37.94 35.92
C ILE F 98 8.21 -37.44 37.30
N GLY F 99 7.61 -38.03 38.33
CA GLY F 99 7.88 -37.66 39.73
C GLY F 99 6.68 -37.80 40.65
N GLY F 100 5.78 -36.81 40.59
CA GLY F 100 4.57 -36.80 41.41
C GLY F 100 3.66 -35.60 41.15
N ALA F 101 3.69 -35.10 39.91
CA ALA F 101 2.87 -33.95 39.49
C ALA F 101 1.88 -34.35 38.38
N PRO F 102 0.71 -33.69 38.32
CA PRO F 102 -0.29 -34.00 37.29
C PRO F 102 -0.11 -33.38 35.90
N PHE F 103 0.39 -32.14 35.83
CA PHE F 103 0.26 -31.33 34.61
C PHE F 103 1.58 -30.85 33.97
N LYS F 104 1.50 -30.33 32.75
CA LYS F 104 2.67 -29.93 31.97
C LYS F 104 2.47 -28.63 31.17
N ILE F 105 3.57 -27.92 30.87
CA ILE F 105 3.52 -26.52 30.39
C ILE F 105 4.16 -26.24 29.02
N ILE F 106 3.52 -25.35 28.25
CA ILE F 106 4.06 -24.81 26.99
C ILE F 106 3.96 -23.28 26.96
N PHE F 107 5.08 -22.62 26.71
CA PHE F 107 5.12 -21.16 26.68
C PHE F 107 5.06 -20.66 25.25
N LEU F 108 4.29 -19.59 25.03
CA LEU F 108 4.05 -19.09 23.69
C LEU F 108 4.28 -17.58 23.63
N ASP F 109 5.51 -17.19 23.28
CA ASP F 109 5.89 -15.79 23.17
C ASP F 109 5.22 -15.16 21.95
N GLU F 110 4.97 -13.84 22.02
CA GLU F 110 4.46 -13.06 20.88
C GLU F 110 3.10 -13.52 20.37
N ALA F 111 2.27 -14.03 21.27
CA ALA F 111 0.91 -14.49 20.91
C ALA F 111 0.11 -13.42 20.21
N ASP F 112 0.23 -12.17 20.67
CA ASP F 112 -0.52 -11.05 20.12
C ASP F 112 -0.01 -10.57 18.74
N ALA F 113 0.38 -11.52 17.90
CA ALA F 113 0.78 -11.20 16.53
C ALA F 113 -0.09 -11.92 15.52
N LEU F 114 -0.89 -12.86 16.00
CA LEU F 114 -1.72 -13.71 15.15
C LEU F 114 -3.12 -13.14 14.90
N THR F 115 -3.63 -13.34 13.69
CA THR F 115 -5.01 -12.98 13.36
C THR F 115 -5.95 -14.05 13.89
N ALA F 116 -7.22 -13.69 14.05
CA ALA F 116 -8.25 -14.52 14.72
C ALA F 116 -8.09 -16.04 14.60
N ASP F 117 -7.70 -16.51 13.41
CA ASP F 117 -7.74 -17.92 13.05
C ASP F 117 -6.88 -18.86 13.92
N ALA F 118 -5.55 -18.70 13.84
CA ALA F 118 -4.60 -19.60 14.51
C ALA F 118 -4.88 -19.72 16.00
N GLN F 119 -5.46 -18.65 16.56
CA GLN F 119 -5.77 -18.55 17.98
C GLN F 119 -6.71 -19.68 18.44
N ALA F 120 -7.69 -20.01 17.60
CA ALA F 120 -8.65 -21.07 17.91
C ALA F 120 -7.99 -22.42 18.19
N ALA F 121 -7.02 -22.79 17.36
CA ALA F 121 -6.39 -24.13 17.40
C ALA F 121 -5.85 -24.52 18.78
N LEU F 122 -5.71 -23.51 19.65
CA LEU F 122 -5.31 -23.70 21.03
C LEU F 122 -6.38 -24.52 21.78
N ARG F 123 -7.64 -24.20 21.50
CA ARG F 123 -8.79 -24.66 22.27
C ARG F 123 -9.02 -26.19 22.28
N ARG F 124 -8.69 -26.85 21.17
CA ARG F 124 -8.89 -28.29 21.04
C ARG F 124 -7.75 -29.11 21.66
N THR F 125 -7.03 -28.43 22.55
CA THR F 125 -5.94 -29.01 23.32
C THR F 125 -6.04 -28.44 24.73
N MET F 126 -7.02 -27.56 24.94
CA MET F 126 -7.31 -27.00 26.26
C MET F 126 -8.31 -27.88 27.02
N GLU F 127 -9.48 -28.11 26.42
CA GLU F 127 -10.50 -29.01 27.01
C GLU F 127 -10.13 -30.49 26.91
N MET F 128 -9.24 -30.81 25.97
CA MET F 128 -8.72 -32.18 25.85
C MET F 128 -7.44 -32.36 26.67
N TYR F 129 -6.69 -31.27 26.84
CA TYR F 129 -5.53 -31.27 27.74
C TYR F 129 -5.56 -30.13 28.76
N SER F 130 -6.35 -30.30 29.81
CA SER F 130 -6.25 -29.51 31.03
C SER F 130 -6.01 -30.46 32.19
N LYS F 131 -6.02 -31.76 31.87
CA LYS F 131 -5.61 -32.83 32.80
C LYS F 131 -4.23 -33.37 32.38
N SER F 132 -3.55 -32.62 31.50
CA SER F 132 -2.20 -32.97 31.04
C SER F 132 -1.38 -31.75 30.56
N CYS F 133 -1.95 -30.96 29.64
CA CYS F 133 -1.28 -29.77 29.08
C CYS F 133 -1.73 -28.45 29.68
N ARG F 134 -0.87 -27.44 29.53
CA ARG F 134 -1.16 -26.07 29.96
C ARG F 134 -0.34 -25.06 29.16
N PHE F 135 -0.97 -23.93 28.82
CA PHE F 135 -0.32 -22.89 28.02
C PHE F 135 -0.05 -21.63 28.83
N ILE F 136 1.11 -21.01 28.60
CA ILE F 136 1.35 -19.66 29.08
C ILE F 136 1.56 -18.76 27.88
N LEU F 137 0.70 -17.75 27.76
CA LEU F 137 0.70 -16.85 26.62
C LEU F 137 1.25 -15.47 26.94
N SER F 138 2.39 -15.14 26.34
CA SER F 138 2.97 -13.83 26.50
C SER F 138 2.44 -12.94 25.40
N CYS F 139 2.09 -11.71 25.76
CA CYS F 139 1.62 -10.73 24.80
C CYS F 139 1.92 -9.34 25.33
N ASN F 140 2.07 -8.39 24.41
CA ASN F 140 2.36 -7.01 24.76
C ASN F 140 1.16 -6.38 25.45
N TYR F 141 -0.03 -6.60 24.88
CA TYR F 141 -1.28 -6.10 25.48
C TYR F 141 -2.37 -7.16 25.46
N VAL F 142 -3.13 -7.24 26.55
CA VAL F 142 -4.24 -8.19 26.65
C VAL F 142 -5.33 -7.90 25.61
N SER F 143 -5.60 -6.61 25.39
CA SER F 143 -6.58 -6.17 24.40
C SER F 143 -6.42 -6.85 23.04
N ARG F 144 -5.21 -7.30 22.72
CA ARG F 144 -4.90 -7.81 21.39
C ARG F 144 -5.06 -9.33 21.24
N ILE F 145 -5.60 -9.98 22.27
CA ILE F 145 -5.90 -11.40 22.20
C ILE F 145 -7.41 -11.61 22.23
N ILE F 146 -7.96 -12.12 21.12
CA ILE F 146 -9.40 -12.31 20.98
C ILE F 146 -9.99 -12.99 22.20
N GLU F 147 -11.20 -12.60 22.55
CA GLU F 147 -11.82 -12.98 23.81
C GLU F 147 -11.88 -14.49 24.09
N PRO F 148 -12.33 -15.32 23.10
CA PRO F 148 -12.40 -16.77 23.34
C PRO F 148 -11.16 -17.42 23.96
N ILE F 149 -10.05 -16.68 24.11
CA ILE F 149 -8.86 -17.20 24.80
C ILE F 149 -8.71 -16.63 26.20
N GLN F 150 -8.81 -15.30 26.32
CA GLN F 150 -8.86 -14.65 27.64
C GLN F 150 -9.87 -15.39 28.50
N SER F 151 -10.92 -15.88 27.83
CA SER F 151 -11.98 -16.67 28.41
C SER F 151 -11.42 -17.81 29.25
N ARG F 152 -10.46 -18.53 28.68
CA ARG F 152 -9.89 -19.70 29.34
C ARG F 152 -8.54 -19.44 30.01
N CYS F 153 -8.27 -18.17 30.31
CA CYS F 153 -6.99 -17.80 30.86
C CYS F 153 -7.07 -17.02 32.16
N ALA F 154 -6.19 -17.37 33.10
CA ALA F 154 -5.91 -16.50 34.23
C ALA F 154 -4.89 -15.47 33.77
N VAL F 155 -5.23 -14.20 33.89
CA VAL F 155 -4.45 -13.11 33.29
C VAL F 155 -3.50 -12.42 34.28
N PHE F 156 -2.33 -12.03 33.78
CA PHE F 156 -1.32 -11.34 34.59
C PHE F 156 -0.69 -10.17 33.83
N ARG F 157 -0.89 -8.95 34.34
CA ARG F 157 -0.34 -7.77 33.70
C ARG F 157 0.97 -7.37 34.34
N PHE F 158 2.07 -7.66 33.64
CA PHE F 158 3.40 -7.23 34.04
C PHE F 158 3.56 -5.74 33.82
N LYS F 159 3.97 -5.06 34.88
CA LYS F 159 4.21 -3.64 34.83
C LYS F 159 5.70 -3.45 34.56
N PRO F 160 6.08 -2.31 33.96
CA PRO F 160 7.50 -2.07 33.77
C PRO F 160 8.26 -2.04 35.13
N VAL F 161 9.16 -3.03 35.44
CA VAL F 161 9.97 -3.10 36.71
C VAL F 161 10.35 -1.74 37.32
N PRO F 162 10.17 -1.35 38.37
CA PRO F 162 10.37 0.04 38.83
C PRO F 162 11.85 0.34 39.01
N LYS F 163 12.16 1.53 39.53
CA LYS F 163 13.54 1.96 39.64
C LYS F 163 14.33 1.12 40.64
N GLU F 164 13.97 1.20 41.93
CA GLU F 164 14.81 0.65 43.00
C GLU F 164 14.95 -0.86 42.96
N ALA F 165 13.88 -1.53 42.54
CA ALA F 165 13.86 -2.98 42.44
C ALA F 165 14.85 -3.49 41.42
N MET F 166 14.93 -2.81 40.28
CA MET F 166 15.88 -3.14 39.22
C MET F 166 17.28 -2.71 39.61
N LYS F 167 17.42 -1.45 40.01
CA LYS F 167 18.69 -0.91 40.47
C LYS F 167 19.34 -1.86 41.48
N LYS F 168 18.56 -2.40 42.41
CA LYS F 168 19.09 -3.40 43.34
C LYS F 168 19.62 -4.62 42.57
N ARG F 169 18.76 -5.26 41.79
CA ARG F 169 19.13 -6.47 41.05
C ARG F 169 20.34 -6.21 40.17
N LEU F 170 20.42 -5.02 39.58
CA LEU F 170 21.56 -4.68 38.73
C LEU F 170 22.85 -4.71 39.55
N LEU F 171 22.81 -4.13 40.73
CA LEU F 171 23.96 -4.14 41.61
C LEU F 171 24.41 -5.56 41.97
N GLU F 172 23.46 -6.42 42.29
CA GLU F 172 23.75 -7.81 42.63
C GLU F 172 24.42 -8.52 41.45
N ILE F 173 23.93 -8.27 40.23
CA ILE F 173 24.57 -8.83 39.03
C ILE F 173 26.01 -8.35 38.97
N CYS F 174 26.28 -7.17 39.53
CA CYS F 174 27.61 -6.56 39.43
C CYS F 174 28.56 -7.04 40.50
N GLU F 175 28.21 -6.83 41.77
CA GLU F 175 29.08 -7.26 42.85
C GLU F 175 29.49 -8.73 42.66
N LYS F 176 28.57 -9.54 42.11
CA LYS F 176 28.80 -10.95 41.84
C LYS F 176 29.52 -11.23 40.50
N GLU F 177 30.01 -10.17 39.87
CA GLU F 177 30.71 -10.28 38.59
C GLU F 177 31.84 -9.29 38.46
N GLY F 178 32.20 -8.67 39.59
CA GLY F 178 33.37 -7.81 39.67
C GLY F 178 33.35 -6.67 38.67
N VAL F 179 32.23 -5.96 38.63
CA VAL F 179 32.06 -4.81 37.76
C VAL F 179 31.87 -3.59 38.64
N LYS F 180 32.50 -2.48 38.24
CA LYS F 180 32.45 -1.27 39.04
C LYS F 180 31.59 -0.22 38.36
N ILE F 181 30.29 -0.20 38.65
CA ILE F 181 29.45 0.86 38.13
C ILE F 181 29.53 1.98 39.13
N THR F 182 29.43 3.21 38.66
CA THR F 182 29.20 4.34 39.55
C THR F 182 27.70 4.50 39.81
N GLU F 183 27.32 5.48 40.62
CA GLU F 183 25.90 5.82 40.75
C GLU F 183 25.37 6.40 39.45
N ASP F 184 26.17 7.25 38.82
CA ASP F 184 25.90 7.84 37.49
C ASP F 184 25.53 6.80 36.42
N GLY F 185 26.37 5.77 36.31
CA GLY F 185 26.19 4.70 35.34
C GLY F 185 25.06 3.76 35.68
N LEU F 186 24.64 3.77 36.93
CA LEU F 186 23.50 2.97 37.29
C LEU F 186 22.22 3.70 36.87
N GLU F 187 22.06 4.94 37.37
CA GLU F 187 20.96 5.82 37.00
C GLU F 187 20.82 5.90 35.51
N ALA F 188 21.95 6.00 34.80
CA ALA F 188 21.94 6.05 33.34
C ALA F 188 21.53 4.73 32.76
N LEU F 189 21.97 3.63 33.37
CA LEU F 189 21.63 2.28 32.90
C LEU F 189 20.11 2.03 32.98
N ILE F 190 19.39 3.03 33.44
CA ILE F 190 17.99 2.85 33.73
C ILE F 190 17.13 3.77 32.88
N TYR F 191 17.64 4.99 32.65
CA TYR F 191 17.16 5.88 31.59
C TYR F 191 17.03 5.05 30.30
N ILE F 192 18.15 4.40 29.94
CA ILE F 192 18.24 3.39 28.90
C ILE F 192 17.15 2.32 28.93
N SER F 193 17.06 1.61 30.06
CA SER F 193 16.27 0.40 30.21
C SER F 193 14.78 0.55 29.89
N GLY F 194 14.21 1.74 30.08
CA GLY F 194 12.78 1.93 29.89
C GLY F 194 11.97 1.08 30.87
N GLY F 195 12.68 0.53 31.85
CA GLY F 195 12.09 -0.41 32.80
C GLY F 195 12.01 -1.79 32.19
N ASP F 196 13.03 -2.13 31.41
CA ASP F 196 13.04 -3.37 30.69
C ASP F 196 14.38 -4.00 30.97
N PHE F 197 14.33 -5.11 31.69
CA PHE F 197 15.52 -5.77 32.21
C PHE F 197 16.45 -6.24 31.12
N ARG F 198 15.90 -7.04 30.20
CA ARG F 198 16.68 -7.56 29.07
C ARG F 198 17.55 -6.43 28.55
N LYS F 199 16.92 -5.29 28.26
CA LYS F 199 17.62 -4.10 27.78
C LYS F 199 18.72 -3.66 28.74
N ALA F 200 18.34 -3.49 30.00
CA ALA F 200 19.26 -3.09 31.06
C ALA F 200 20.42 -4.06 31.24
N ILE F 201 20.10 -5.33 31.53
CA ILE F 201 21.14 -6.37 31.75
C ILE F 201 22.10 -6.44 30.56
N ASN F 202 21.54 -6.68 29.39
CA ASN F 202 22.32 -6.69 28.16
C ASN F 202 23.28 -5.51 28.03
N ALA F 203 22.80 -4.31 28.36
CA ALA F 203 23.63 -3.12 28.28
C ALA F 203 24.78 -3.31 29.26
N LEU F 204 24.45 -3.42 30.55
CA LEU F 204 25.46 -3.61 31.61
C LEU F 204 26.53 -4.61 31.18
N GLN F 205 26.08 -5.81 30.82
CA GLN F 205 26.94 -6.86 30.26
C GLN F 205 27.92 -6.32 29.23
N GLY F 206 27.42 -5.56 28.26
CA GLY F 206 28.25 -4.97 27.22
C GLY F 206 29.23 -3.92 27.71
N ALA F 207 28.88 -3.22 28.77
CA ALA F 207 29.78 -2.23 29.35
C ALA F 207 30.80 -2.90 30.27
N ALA F 208 30.44 -4.08 30.78
CA ALA F 208 31.32 -4.85 31.64
C ALA F 208 32.45 -5.48 30.86
N ALA F 209 32.15 -5.89 29.62
CA ALA F 209 33.12 -6.53 28.73
C ALA F 209 34.34 -5.63 28.48
N ILE F 210 34.12 -4.32 28.50
CA ILE F 210 35.17 -3.35 28.23
C ILE F 210 36.11 -3.17 29.44
N GLY F 211 36.86 -2.08 29.44
CA GLY F 211 37.86 -1.81 30.46
C GLY F 211 37.32 -1.18 31.74
N GLU F 212 37.01 -2.04 32.69
CA GLU F 212 36.77 -1.60 34.07
C GLU F 212 35.58 -0.66 34.26
N VAL F 213 35.81 0.44 34.97
CA VAL F 213 34.78 1.33 35.52
C VAL F 213 33.64 1.62 34.55
N VAL F 214 32.41 1.48 35.03
CA VAL F 214 31.23 1.74 34.21
C VAL F 214 30.64 3.10 34.56
N ASP F 215 31.04 4.07 33.76
CA ASP F 215 30.65 5.46 33.89
C ASP F 215 29.23 5.63 33.34
N ALA F 216 28.63 6.79 33.61
CA ALA F 216 27.34 7.20 33.02
C ALA F 216 27.46 7.15 31.51
N ASP F 217 28.56 7.71 31.01
CA ASP F 217 28.85 7.76 29.59
C ASP F 217 28.93 6.38 28.99
N THR F 218 29.85 5.54 29.49
CA THR F 218 30.10 4.25 28.85
C THR F 218 28.78 3.52 28.58
N ILE F 219 27.78 3.75 29.43
CA ILE F 219 26.46 3.19 29.23
C ILE F 219 25.71 3.88 28.05
N TYR F 220 25.82 5.21 27.99
CA TYR F 220 25.18 6.00 26.93
C TYR F 220 25.75 5.65 25.58
N GLN F 221 27.03 5.29 25.58
CA GLN F 221 27.74 4.98 24.36
C GLN F 221 27.36 3.62 23.83
N ILE F 222 27.30 2.63 24.73
CA ILE F 222 27.03 1.25 24.36
C ILE F 222 25.66 1.04 23.77
N THR F 223 24.70 1.85 24.22
CA THR F 223 23.31 1.72 23.76
C THR F 223 22.99 2.68 22.62
N ALA F 224 23.96 3.54 22.31
CA ALA F 224 23.84 4.58 21.31
C ALA F 224 22.70 5.51 21.66
N THR F 225 23.90 6.26 22.73
CA THR F 225 22.69 7.04 22.88
C THR F 225 22.94 8.30 23.69
N ALA F 226 22.69 9.45 23.08
CA ALA F 226 23.06 10.75 23.62
C ALA F 226 22.59 10.96 25.04
N ARG F 227 23.41 11.65 25.83
CA ARG F 227 22.95 12.21 27.07
C ARG F 227 21.67 12.96 26.77
N PRO F 228 20.59 12.68 27.51
CA PRO F 228 19.34 13.37 27.35
C PRO F 228 19.46 14.85 27.58
N GLU F 229 20.50 15.28 28.29
CA GLU F 229 20.75 16.70 28.46
C GLU F 229 21.17 17.36 27.15
N GLU F 230 21.90 16.60 26.33
CA GLU F 230 22.44 17.08 25.05
C GLU F 230 21.36 17.23 24.01
N MET F 231 20.43 16.28 23.96
CA MET F 231 19.28 16.34 23.06
C MET F 231 18.46 17.60 23.31
N THR F 232 18.02 17.78 24.54
CA THR F 232 17.16 18.90 24.88
C THR F 232 17.94 20.19 24.85
N GLU F 233 19.24 20.08 24.59
CA GLU F 233 20.08 21.23 24.28
C GLU F 233 19.96 21.51 22.81
N LEU F 234 20.30 20.50 22.00
CA LEU F 234 20.20 20.53 20.55
C LEU F 234 18.81 20.98 20.06
N ILE F 235 17.75 20.36 20.59
CA ILE F 235 16.38 20.77 20.23
C ILE F 235 16.15 22.22 20.63
N GLN F 236 16.69 22.60 21.80
CA GLN F 236 16.45 23.94 22.31
C GLN F 236 17.20 24.98 21.48
N THR F 237 18.51 24.79 21.29
CA THR F 237 19.29 25.74 20.49
C THR F 237 18.77 25.82 19.07
N ALA F 238 18.02 24.81 18.66
CA ALA F 238 17.36 24.83 17.37
C ALA F 238 16.15 25.76 17.43
N LEU F 239 15.29 25.54 18.41
CA LEU F 239 14.05 26.29 18.56
C LEU F 239 14.30 27.79 18.77
N LYS F 240 15.43 28.11 19.38
CA LYS F 240 15.80 29.51 19.60
C LYS F 240 16.06 30.24 18.28
N GLY F 241 16.60 29.53 17.31
CA GLY F 241 16.89 30.12 16.01
C GLY F 241 18.30 29.90 15.51
N ASN F 242 19.15 29.33 16.37
CA ASN F 242 20.54 29.06 16.04
C ASN F 242 20.71 27.77 15.27
N PHE F 243 20.34 27.81 14.00
CA PHE F 243 20.42 26.61 13.16
C PHE F 243 21.84 26.03 13.08
N MET F 244 22.79 26.84 12.60
CA MET F 244 24.16 26.36 12.42
C MET F 244 24.73 25.74 13.70
N GLU F 245 24.37 26.30 14.85
CA GLU F 245 24.77 25.73 16.12
C GLU F 245 24.16 24.34 16.29
N ALA F 246 22.86 24.22 16.06
CA ALA F 246 22.15 22.96 16.23
C ALA F 246 22.75 21.87 15.36
N ARG F 247 23.04 22.25 14.10
CA ARG F 247 23.63 21.33 13.14
C ARG F 247 24.98 20.84 13.63
N GLU F 248 25.79 21.77 14.14
CA GLU F 248 27.05 21.40 14.76
C GLU F 248 26.85 20.34 15.82
N LEU F 249 25.93 20.59 16.75
CA LEU F 249 25.68 19.66 17.86
C LEU F 249 25.29 18.29 17.36
N LEU F 250 24.25 18.23 16.54
CA LEU F 250 23.78 16.97 16.01
C LEU F 250 24.91 16.21 15.33
N ASP F 251 25.80 16.93 14.62
CA ASP F 251 26.96 16.29 14.01
C ASP F 251 27.85 15.68 15.07
N ARG F 252 28.54 16.54 15.83
CA ARG F 252 29.36 16.11 16.96
C ARG F 252 28.71 14.94 17.67
N LEU F 253 27.42 15.10 17.92
CA LEU F 253 26.61 14.18 18.68
C LEU F 253 26.56 12.83 17.96
N MET F 254 26.40 12.88 16.64
CA MET F 254 26.19 11.68 15.86
C MET F 254 27.47 10.94 15.61
N VAL F 255 28.59 11.61 15.85
CA VAL F 255 29.87 10.95 15.69
C VAL F 255 30.34 10.40 17.02
N GLU F 256 30.11 11.16 18.09
CA GLU F 256 30.50 10.77 19.45
C GLU F 256 30.03 9.35 19.83
N TYR F 257 28.77 9.05 19.53
CA TYR F 257 28.17 7.75 19.86
C TYR F 257 27.95 6.87 18.64
N GLY F 258 27.73 7.49 17.49
CA GLY F 258 27.67 6.77 16.21
C GLY F 258 26.30 6.19 15.96
N MET F 259 25.28 7.01 16.14
CA MET F 259 23.89 6.61 16.00
C MET F 259 23.45 6.61 14.56
N SER F 260 22.44 5.79 14.28
CA SER F 260 21.78 5.82 12.99
C SER F 260 20.84 7.02 12.85
N GLY F 261 20.19 7.14 11.70
CA GLY F 261 19.19 8.18 11.54
C GLY F 261 17.94 7.83 12.31
N GLU F 262 17.58 6.55 12.25
CA GLU F 262 16.48 6.01 13.04
C GLU F 262 16.77 6.28 14.52
N ASP F 263 17.98 5.91 14.96
CA ASP F 263 18.38 6.13 16.33
C ASP F 263 18.28 7.58 16.75
N ILE F 264 18.75 8.50 15.93
CA ILE F 264 18.65 9.90 16.31
C ILE F 264 17.20 10.32 16.38
N VAL F 265 16.42 9.88 15.40
CA VAL F 265 15.05 10.32 15.32
C VAL F 265 14.29 9.74 16.51
N ALA F 266 14.74 8.58 16.97
CA ALA F 266 14.14 7.96 18.14
C ALA F 266 14.32 8.89 19.34
N GLN F 267 15.57 9.21 19.66
CA GLN F 267 15.85 10.07 20.80
C GLN F 267 15.22 11.45 20.58
N LEU F 268 15.27 11.95 19.36
CA LEU F 268 14.66 13.22 19.13
C LEU F 268 13.25 13.16 19.69
N PHE F 269 12.51 12.12 19.30
CA PHE F 269 11.15 11.86 19.79
C PHE F 269 11.04 11.83 21.31
N ARG F 270 11.72 10.88 21.95
CA ARG F 270 11.72 10.76 23.42
C ARG F 270 11.84 12.12 24.09
N GLU F 271 12.85 12.88 23.70
CA GLU F 271 13.09 14.18 24.33
C GLU F 271 12.20 15.29 23.84
N ILE F 272 11.45 15.06 22.76
CA ILE F 272 10.45 16.03 22.31
C ILE F 272 9.23 15.83 23.17
N ILE F 273 8.98 14.59 23.57
CA ILE F 273 7.84 14.26 24.43
C ILE F 273 8.08 14.78 25.83
N SER F 274 9.26 14.47 26.37
CA SER F 274 9.63 14.76 27.75
C SER F 274 10.05 16.20 27.96
N MET F 275 9.96 17.02 26.91
CA MET F 275 10.02 18.47 27.02
C MET F 275 8.88 18.95 27.92
N PRO F 276 9.12 20.02 28.68
CA PRO F 276 8.03 20.63 29.40
C PRO F 276 7.40 21.81 28.64
N ILE F 277 7.13 21.63 27.34
CA ILE F 277 6.55 22.68 26.51
C ILE F 277 5.08 22.41 26.21
N LYS F 278 4.36 23.43 25.73
CA LYS F 278 2.92 23.37 25.46
C LYS F 278 2.51 22.18 24.61
N ASP F 279 1.36 21.60 24.91
CA ASP F 279 0.76 20.55 24.09
C ASP F 279 0.44 21.06 22.68
N SER F 280 0.29 22.38 22.55
CA SER F 280 0.00 23.05 21.29
C SER F 280 1.18 22.96 20.31
N LEU F 281 2.39 23.17 20.84
CA LEU F 281 3.59 23.19 20.02
C LEU F 281 4.18 21.81 19.85
N LYS F 282 4.18 21.02 20.93
CA LYS F 282 4.71 19.66 20.93
C LYS F 282 4.19 18.87 19.73
N VAL F 283 2.93 19.15 19.36
CA VAL F 283 2.29 18.52 18.20
C VAL F 283 3.05 18.87 16.93
N GLN F 284 3.15 20.16 16.64
CA GLN F 284 3.88 20.63 15.46
C GLN F 284 5.19 19.89 15.29
N LEU F 285 5.93 19.75 16.39
CA LEU F 285 7.20 19.05 16.38
C LEU F 285 7.04 17.58 16.03
N ILE F 286 6.22 16.88 16.80
CA ILE F 286 6.03 15.45 16.57
C ILE F 286 5.48 15.11 15.16
N ASP F 287 4.49 15.87 14.71
CA ASP F 287 3.97 15.75 13.36
C ASP F 287 5.11 15.71 12.35
N LYS F 288 5.91 16.79 12.31
CA LYS F 288 7.06 16.86 11.40
C LYS F 288 8.02 15.70 11.61
N LEU F 289 8.28 15.38 12.89
CA LEU F 289 9.18 14.28 13.25
C LEU F 289 8.66 12.98 12.67
N GLY F 290 7.33 12.87 12.66
CA GLY F 290 6.65 11.75 12.02
C GLY F 290 6.98 11.78 10.56
N GLU F 291 6.88 12.96 9.96
CA GLU F 291 7.20 13.17 8.54
C GLU F 291 8.63 12.72 8.26
N VAL F 292 9.58 13.33 8.99
CA VAL F 292 11.00 13.07 8.82
C VAL F 292 11.31 11.58 8.93
N ASP F 293 10.77 10.94 9.96
CA ASP F 293 11.04 9.52 10.15
C ASP F 293 10.62 8.71 8.95
N PHE F 294 9.52 9.13 8.31
CA PHE F 294 9.07 8.45 7.13
C PHE F 294 10.10 8.65 6.03
N ARG F 295 10.38 9.91 5.70
CA ARG F 295 11.35 10.27 4.66
C ARG F 295 12.54 9.34 4.75
N LEU F 296 13.12 9.20 5.93
CA LEU F 296 14.25 8.29 6.12
C LEU F 296 13.97 6.85 5.72
N THR F 297 12.91 6.26 6.24
CA THR F 297 12.63 4.86 5.95
C THR F 297 12.44 4.58 4.46
N GLU F 298 11.95 5.56 3.71
CA GLU F 298 11.84 5.43 2.26
C GLU F 298 13.21 5.43 1.57
N GLY F 299 14.22 5.93 2.27
CA GLY F 299 15.59 5.89 1.77
C GLY F 299 16.19 7.24 1.47
N ALA F 300 15.46 8.32 1.80
CA ALA F 300 15.96 9.69 1.61
C ALA F 300 17.24 9.90 2.39
N ASN F 301 17.92 11.02 2.15
CA ASN F 301 19.24 11.25 2.74
C ASN F 301 19.24 11.66 4.20
N GLU F 302 19.74 10.76 5.04
CA GLU F 302 19.92 10.96 6.47
C GLU F 302 20.29 12.39 6.82
N ARG F 303 21.47 12.84 6.39
CA ARG F 303 21.97 14.15 6.77
C ARG F 303 21.04 15.28 6.38
N ILE F 304 20.47 15.19 5.18
CA ILE F 304 19.69 16.31 4.65
C ILE F 304 18.33 16.43 5.28
N GLN F 305 17.68 15.30 5.51
CA GLN F 305 16.38 15.30 6.16
C GLN F 305 16.44 15.70 7.63
N LEU F 306 17.51 15.26 8.30
CA LEU F 306 17.77 15.60 9.68
C LEU F 306 18.07 17.08 9.87
N ASP F 307 19.03 17.60 9.13
CA ASP F 307 19.33 19.01 9.18
C ASP F 307 18.09 19.81 8.74
N ALA F 308 17.40 19.29 7.72
CA ALA F 308 16.14 19.84 7.27
C ALA F 308 15.06 19.86 8.36
N TYR F 309 15.22 19.04 9.40
CA TYR F 309 14.28 19.03 10.54
C TYR F 309 14.71 20.03 11.60
N LEU F 310 16.01 20.29 11.67
CA LEU F 310 16.52 21.31 12.57
C LEU F 310 16.17 22.65 11.96
N ALA F 311 16.11 22.69 10.64
CA ALA F 311 15.57 23.83 9.96
C ALA F 311 14.13 24.06 10.39
N TYR F 312 13.28 23.05 10.25
CA TYR F 312 11.88 23.12 10.66
C TYR F 312 11.69 23.83 11.99
N LEU F 313 12.50 23.47 12.98
CA LEU F 313 12.35 23.99 14.33
C LEU F 313 12.73 25.46 14.41
N SER F 314 13.71 25.86 13.62
CA SER F 314 14.24 27.22 13.70
C SER F 314 13.44 28.23 12.88
N THR F 315 12.33 27.78 12.32
CA THR F 315 11.37 28.70 11.72
C THR F 315 10.37 29.14 12.78
N LEU F 316 10.11 28.24 13.74
CA LEU F 316 9.14 28.47 14.81
C LEU F 316 9.67 29.40 15.91
N ALA F 317 10.64 30.24 15.55
CA ALA F 317 11.21 31.24 16.46
C ALA F 317 10.22 32.37 16.76
N LYS F 318 9.62 32.94 15.71
CA LYS F 318 8.59 33.97 15.84
C LYS F 318 7.24 33.54 15.25
N LYS F 319 6.88 32.35 15.29
#